data_2EDB
#
_entry.id   2EDB
#
_entity_poly.entity_id   1
_entity_poly.type   'polypeptide(L)'
_entity_poly.pdbx_seq_one_letter_code
;GSSGSSGPENDLDESQVPDQPSSLHVRPQTNCIIMSWTPPLNPNIVVRGYIIGYGVGSPYAETVRVDSKQRYYSIERLES
SSHYVISLKAFNNAGEGVPLYESATTRSITSGPSSG
;
_entity_poly.pdbx_strand_id   A
#
# COMPACT_ATOMS: atom_id res chain seq x y z
N GLY A 1 -4.10 -14.58 2.57
CA GLY A 1 -4.03 -15.47 3.72
C GLY A 1 -3.79 -16.91 3.32
N SER A 2 -4.70 -17.79 3.70
CA SER A 2 -4.58 -19.20 3.38
C SER A 2 -5.87 -19.95 3.71
N SER A 3 -6.07 -21.09 3.04
CA SER A 3 -7.27 -21.89 3.25
C SER A 3 -8.51 -21.02 3.28
N GLY A 4 -8.57 -20.04 2.38
CA GLY A 4 -9.71 -19.14 2.34
C GLY A 4 -10.19 -18.74 3.71
N SER A 5 -9.55 -17.72 4.29
CA SER A 5 -9.92 -17.24 5.61
C SER A 5 -11.13 -16.31 5.54
N SER A 6 -12.31 -16.88 5.73
CA SER A 6 -13.55 -16.10 5.67
C SER A 6 -14.23 -16.10 7.03
N GLY A 7 -14.32 -14.93 7.64
CA GLY A 7 -14.95 -14.81 8.94
C GLY A 7 -14.19 -13.89 9.89
N PRO A 8 -14.81 -13.56 11.03
CA PRO A 8 -14.20 -12.68 12.03
C PRO A 8 -13.03 -13.34 12.75
N GLU A 9 -12.40 -12.59 13.65
CA GLU A 9 -11.25 -13.11 14.40
C GLU A 9 -11.64 -14.37 15.17
N ASN A 10 -11.15 -15.52 14.70
CA ASN A 10 -11.44 -16.79 15.35
C ASN A 10 -10.26 -17.25 16.19
N ASP A 11 -9.14 -17.55 15.51
CA ASP A 11 -7.94 -18.00 16.20
C ASP A 11 -6.74 -17.14 15.81
N LEU A 12 -6.95 -15.84 15.70
CA LEU A 12 -5.89 -14.91 15.34
C LEU A 12 -5.51 -14.03 16.52
N ASP A 13 -4.53 -13.16 16.30
CA ASP A 13 -4.06 -12.26 17.36
C ASP A 13 -4.27 -10.80 16.95
N GLU A 14 -5.33 -10.19 17.48
CA GLU A 14 -5.64 -8.80 17.17
C GLU A 14 -4.92 -7.86 18.14
N SER A 15 -4.81 -8.28 19.39
CA SER A 15 -4.15 -7.47 20.41
C SER A 15 -2.85 -6.88 19.88
N GLN A 16 -2.27 -7.55 18.90
CA GLN A 16 -1.01 -7.08 18.31
C GLN A 16 -1.24 -6.55 16.90
N VAL A 17 -0.48 -5.52 16.52
CA VAL A 17 -0.60 -4.92 15.20
C VAL A 17 -0.04 -5.84 14.12
N PRO A 18 -0.60 -5.74 12.91
CA PRO A 18 -0.16 -6.55 11.77
C PRO A 18 1.22 -6.16 11.27
N ASP A 19 2.07 -7.15 11.03
CA ASP A 19 3.42 -6.90 10.55
C ASP A 19 3.40 -6.41 9.10
N GLN A 20 4.53 -5.89 8.64
CA GLN A 20 4.64 -5.38 7.28
C GLN A 20 4.44 -6.50 6.27
N PRO A 21 4.05 -6.13 5.04
CA PRO A 21 3.83 -7.09 3.96
C PRO A 21 5.12 -7.71 3.45
N SER A 22 5.17 -9.04 3.45
CA SER A 22 6.35 -9.76 3.00
C SER A 22 7.07 -8.98 1.90
N SER A 23 6.30 -8.34 1.04
CA SER A 23 6.86 -7.56 -0.06
C SER A 23 5.84 -6.56 -0.61
N LEU A 24 6.32 -5.42 -1.08
CA LEU A 24 5.44 -4.39 -1.62
C LEU A 24 5.98 -3.89 -2.97
N HIS A 25 5.35 -4.33 -4.05
CA HIS A 25 5.76 -3.93 -5.39
C HIS A 25 5.09 -2.61 -5.79
N VAL A 26 5.86 -1.73 -6.41
CA VAL A 26 5.35 -0.43 -6.83
C VAL A 26 5.91 -0.04 -8.19
N ARG A 27 5.03 0.33 -9.11
CA ARG A 27 5.43 0.72 -10.45
C ARG A 27 5.00 2.16 -10.75
N PRO A 28 5.97 3.07 -10.75
CA PRO A 28 5.72 4.50 -11.02
C PRO A 28 5.33 4.75 -12.48
N GLN A 29 4.06 5.02 -12.70
CA GLN A 29 3.57 5.28 -14.06
C GLN A 29 3.66 6.77 -14.40
N THR A 30 3.24 7.12 -15.60
CA THR A 30 3.28 8.51 -16.04
C THR A 30 2.58 9.43 -15.05
N ASN A 31 1.25 9.32 -14.99
CA ASN A 31 0.46 10.14 -14.09
C ASN A 31 -0.20 9.28 -13.01
N CYS A 32 0.34 8.09 -12.80
CA CYS A 32 -0.19 7.17 -11.80
C CYS A 32 0.90 6.28 -11.24
N ILE A 33 0.55 5.49 -10.23
CA ILE A 33 1.51 4.59 -9.60
C ILE A 33 0.81 3.41 -8.95
N ILE A 34 0.89 2.24 -9.57
CA ILE A 34 0.26 1.04 -9.04
C ILE A 34 1.17 0.34 -8.03
N MET A 35 0.58 -0.15 -6.96
CA MET A 35 1.34 -0.84 -5.92
C MET A 35 0.60 -2.10 -5.46
N SER A 36 1.33 -3.21 -5.37
CA SER A 36 0.75 -4.47 -4.95
C SER A 36 1.57 -5.10 -3.83
N TRP A 37 0.95 -5.28 -2.67
CA TRP A 37 1.62 -5.86 -1.51
C TRP A 37 1.00 -7.20 -1.15
N THR A 38 1.54 -7.83 -0.11
CA THR A 38 1.04 -9.13 0.34
C THR A 38 0.78 -9.13 1.84
N PRO A 39 0.03 -10.14 2.31
CA PRO A 39 -0.31 -10.28 3.73
C PRO A 39 0.90 -10.65 4.58
N PRO A 40 0.75 -10.55 5.91
CA PRO A 40 1.82 -10.87 6.85
C PRO A 40 2.12 -12.37 6.90
N LEU A 41 3.41 -12.71 6.86
CA LEU A 41 3.82 -14.11 6.91
C LEU A 41 3.05 -14.88 7.97
N ASN A 42 2.50 -14.15 8.94
CA ASN A 42 1.73 -14.76 10.01
C ASN A 42 0.23 -14.58 9.78
N PRO A 43 -0.41 -15.60 9.19
CA PRO A 43 -1.84 -15.58 8.90
C PRO A 43 -2.70 -15.67 10.16
N ASN A 44 -2.02 -15.74 11.31
CA ASN A 44 -2.72 -15.83 12.59
C ASN A 44 -2.90 -14.45 13.20
N ILE A 45 -2.60 -13.42 12.42
CA ILE A 45 -2.73 -12.04 12.88
C ILE A 45 -3.92 -11.35 12.21
N VAL A 46 -4.57 -10.46 12.96
CA VAL A 46 -5.73 -9.73 12.44
C VAL A 46 -5.28 -8.54 11.60
N VAL A 47 -5.96 -8.35 10.47
CA VAL A 47 -5.64 -7.24 9.57
C VAL A 47 -6.90 -6.50 9.15
N ARG A 48 -7.01 -5.24 9.57
CA ARG A 48 -8.17 -4.42 9.24
C ARG A 48 -7.95 -3.67 7.94
N GLY A 49 -6.69 -3.59 7.51
CA GLY A 49 -6.37 -2.90 6.28
C GLY A 49 -4.92 -2.41 6.25
N TYR A 50 -4.65 -1.46 5.36
CA TYR A 50 -3.30 -0.93 5.23
C TYR A 50 -3.35 0.58 4.94
N ILE A 51 -2.38 1.31 5.49
CA ILE A 51 -2.31 2.75 5.28
C ILE A 51 -1.33 3.10 4.16
N ILE A 52 -1.87 3.54 3.04
CA ILE A 52 -1.04 3.90 1.89
C ILE A 52 -0.62 5.37 1.97
N GLY A 53 0.62 5.59 2.41
CA GLY A 53 1.14 6.94 2.53
C GLY A 53 2.11 7.30 1.41
N TYR A 54 1.59 7.94 0.37
CA TYR A 54 2.42 8.32 -0.76
C TYR A 54 2.53 9.84 -0.87
N GLY A 55 3.58 10.31 -1.54
CA GLY A 55 3.78 11.74 -1.69
C GLY A 55 5.08 12.07 -2.40
N VAL A 56 5.13 13.24 -3.04
CA VAL A 56 6.32 13.67 -3.75
C VAL A 56 7.44 14.03 -2.78
N GLY A 57 8.49 13.21 -2.77
CA GLY A 57 9.61 13.46 -1.89
C GLY A 57 9.37 12.94 -0.48
N SER A 58 8.12 12.91 -0.07
CA SER A 58 7.75 12.43 1.26
C SER A 58 6.45 11.64 1.23
N PRO A 59 6.47 10.43 1.80
CA PRO A 59 5.30 9.55 1.85
C PRO A 59 4.23 10.08 2.78
N TYR A 60 4.35 11.34 3.17
CA TYR A 60 3.39 11.97 4.08
C TYR A 60 2.60 13.06 3.35
N ALA A 61 2.55 12.97 2.04
CA ALA A 61 1.82 13.95 1.23
C ALA A 61 0.37 13.53 1.05
N GLU A 62 0.14 12.23 0.88
CA GLU A 62 -1.21 11.71 0.70
C GLU A 62 -1.35 10.34 1.33
N THR A 63 -2.35 10.20 2.21
CA THR A 63 -2.60 8.93 2.89
C THR A 63 -3.93 8.33 2.47
N VAL A 64 -3.97 7.01 2.34
CA VAL A 64 -5.18 6.31 1.95
C VAL A 64 -5.32 4.97 2.68
N ARG A 65 -6.31 4.88 3.56
CA ARG A 65 -6.54 3.65 4.32
C ARG A 65 -7.48 2.73 3.57
N VAL A 66 -6.97 1.57 3.15
CA VAL A 66 -7.78 0.60 2.42
C VAL A 66 -8.16 -0.57 3.32
N ASP A 67 -9.01 -1.46 2.81
CA ASP A 67 -9.45 -2.62 3.57
C ASP A 67 -8.38 -3.71 3.57
N SER A 68 -8.54 -4.69 4.45
CA SER A 68 -7.58 -5.78 4.56
C SER A 68 -7.71 -6.73 3.36
N LYS A 69 -8.58 -6.39 2.43
CA LYS A 69 -8.81 -7.21 1.24
C LYS A 69 -8.00 -6.67 0.06
N GLN A 70 -7.87 -5.35 -0.01
CA GLN A 70 -7.12 -4.72 -1.09
C GLN A 70 -5.68 -5.20 -1.11
N ARG A 71 -5.30 -5.87 -2.19
CA ARG A 71 -3.94 -6.39 -2.34
C ARG A 71 -3.09 -5.46 -3.20
N TYR A 72 -3.71 -4.37 -3.68
CA TYR A 72 -3.01 -3.41 -4.52
C TYR A 72 -3.83 -2.14 -4.68
N TYR A 73 -3.15 -1.01 -4.86
CA TYR A 73 -3.81 0.27 -5.02
C TYR A 73 -3.18 1.08 -6.15
N SER A 74 -4.01 1.59 -7.04
CA SER A 74 -3.53 2.38 -8.18
C SER A 74 -3.65 3.87 -7.89
N ILE A 75 -2.53 4.49 -7.55
CA ILE A 75 -2.50 5.92 -7.25
C ILE A 75 -2.52 6.75 -8.53
N GLU A 76 -3.62 7.45 -8.77
CA GLU A 76 -3.76 8.28 -9.96
C GLU A 76 -3.76 9.76 -9.59
N ARG A 77 -3.88 10.61 -10.60
CA ARG A 77 -3.88 12.06 -10.39
C ARG A 77 -2.53 12.53 -9.89
N LEU A 78 -1.46 11.93 -10.40
CA LEU A 78 -0.11 12.28 -10.01
C LEU A 78 0.61 13.00 -11.14
N GLU A 79 1.75 13.62 -10.83
CA GLU A 79 2.53 14.34 -11.82
C GLU A 79 3.51 13.41 -12.53
N SER A 80 4.31 13.97 -13.43
CA SER A 80 5.29 13.18 -14.18
C SER A 80 6.70 13.72 -13.96
N SER A 81 7.68 12.82 -13.93
CA SER A 81 9.07 13.22 -13.73
C SER A 81 9.29 13.71 -12.31
N SER A 82 8.91 12.90 -11.32
CA SER A 82 9.05 13.27 -9.93
C SER A 82 9.09 12.02 -9.04
N HIS A 83 9.84 12.11 -7.94
CA HIS A 83 9.96 10.99 -7.01
C HIS A 83 8.72 10.89 -6.13
N TYR A 84 8.19 9.67 -6.00
CA TYR A 84 7.01 9.45 -5.19
C TYR A 84 7.26 8.35 -4.16
N VAL A 85 7.53 8.75 -2.92
CA VAL A 85 7.79 7.80 -1.85
C VAL A 85 6.50 7.14 -1.37
N ILE A 86 6.45 5.82 -1.49
CA ILE A 86 5.27 5.06 -1.07
C ILE A 86 5.55 4.25 0.19
N SER A 87 4.77 4.49 1.23
CA SER A 87 4.94 3.78 2.50
C SER A 87 3.67 3.04 2.88
N LEU A 88 3.69 1.72 2.76
CA LEU A 88 2.55 0.89 3.10
C LEU A 88 2.74 0.20 4.44
N LYS A 89 1.72 0.25 5.29
CA LYS A 89 1.78 -0.37 6.60
C LYS A 89 0.43 -0.97 6.98
N ALA A 90 0.47 -2.10 7.68
CA ALA A 90 -0.76 -2.78 8.09
C ALA A 90 -1.30 -2.17 9.39
N PHE A 91 -2.62 -2.15 9.53
CA PHE A 91 -3.26 -1.59 10.71
C PHE A 91 -4.41 -2.49 11.17
N ASN A 92 -4.80 -2.33 12.43
CA ASN A 92 -5.88 -3.12 13.00
C ASN A 92 -6.38 -2.52 14.32
N ASN A 93 -7.29 -3.22 14.98
CA ASN A 93 -7.84 -2.74 16.24
C ASN A 93 -6.73 -2.34 17.20
N ALA A 94 -5.55 -2.92 17.00
CA ALA A 94 -4.40 -2.63 17.86
C ALA A 94 -3.73 -1.32 17.43
N GLY A 95 -3.85 -0.99 16.15
CA GLY A 95 -3.24 0.23 15.64
C GLY A 95 -2.47 -0.01 14.35
N GLU A 96 -1.21 0.41 14.35
CA GLU A 96 -0.36 0.24 13.17
C GLU A 96 0.90 -0.55 13.52
N GLY A 97 1.39 -1.32 12.55
CA GLY A 97 2.58 -2.12 12.76
C GLY A 97 3.75 -1.68 11.91
N VAL A 98 4.90 -2.32 12.09
CA VAL A 98 6.09 -1.99 11.32
C VAL A 98 5.73 -1.54 9.91
N PRO A 99 5.79 -0.22 9.68
CA PRO A 99 5.47 0.36 8.38
C PRO A 99 6.52 0.04 7.33
N LEU A 100 6.07 -0.22 6.11
CA LEU A 100 6.97 -0.54 5.01
C LEU A 100 7.09 0.63 4.03
N TYR A 101 8.33 1.08 3.82
CA TYR A 101 8.58 2.19 2.91
C TYR A 101 8.99 1.69 1.52
N GLU A 102 8.86 2.56 0.53
CA GLU A 102 9.20 2.20 -0.83
C GLU A 102 9.48 3.45 -1.67
N SER A 103 9.92 3.24 -2.91
CA SER A 103 10.23 4.36 -3.81
C SER A 103 9.67 4.10 -5.21
N ALA A 104 9.26 5.17 -5.87
CA ALA A 104 8.70 5.06 -7.22
C ALA A 104 8.67 6.42 -7.90
N THR A 105 9.55 6.60 -8.88
CA THR A 105 9.63 7.86 -9.63
C THR A 105 8.78 7.80 -10.89
N THR A 106 7.72 8.59 -10.92
CA THR A 106 6.83 8.64 -12.08
C THR A 106 7.62 8.70 -13.38
N ARG A 107 6.91 8.56 -14.50
CA ARG A 107 7.55 8.59 -15.80
C ARG A 107 7.53 10.01 -16.38
N SER A 108 8.04 10.15 -17.60
CA SER A 108 8.08 11.45 -18.26
C SER A 108 7.34 11.42 -19.59
N ILE A 109 6.31 12.24 -19.72
CA ILE A 109 5.52 12.29 -20.94
C ILE A 109 6.40 12.59 -22.14
N THR A 110 7.19 13.64 -22.05
CA THR A 110 8.08 14.03 -23.15
C THR A 110 9.11 12.95 -23.41
N SER A 111 9.22 12.55 -24.68
CA SER A 111 10.17 11.52 -25.08
C SER A 111 11.55 11.78 -24.47
N GLY A 112 12.30 10.71 -24.23
CA GLY A 112 13.63 10.85 -23.65
C GLY A 112 13.74 10.20 -22.28
N PRO A 113 14.06 8.90 -22.27
CA PRO A 113 14.20 8.13 -21.02
C PRO A 113 15.43 8.56 -20.21
N SER A 114 16.54 8.76 -20.91
CA SER A 114 17.78 9.16 -20.25
C SER A 114 18.64 10.00 -21.19
N SER A 115 19.61 10.71 -20.62
CA SER A 115 20.50 11.56 -21.40
C SER A 115 21.49 10.72 -22.20
N GLY A 116 22.16 9.80 -21.52
CA GLY A 116 23.13 8.94 -22.19
C GLY A 116 22.49 7.75 -22.85
N GLY A 1 -14.34 -29.97 3.43
CA GLY A 1 -14.21 -30.89 4.54
C GLY A 1 -14.11 -30.18 5.88
N SER A 2 -13.67 -30.91 6.91
CA SER A 2 -13.54 -30.35 8.24
C SER A 2 -12.09 -30.00 8.54
N SER A 3 -11.40 -29.42 7.56
CA SER A 3 -10.01 -29.03 7.71
C SER A 3 -9.89 -27.70 8.44
N GLY A 4 -10.69 -27.53 9.48
CA GLY A 4 -10.67 -26.29 10.25
C GLY A 4 -11.32 -25.14 9.52
N SER A 5 -11.17 -23.94 10.06
CA SER A 5 -11.75 -22.75 9.45
C SER A 5 -10.92 -21.50 9.78
N SER A 6 -10.69 -20.68 8.77
CA SER A 6 -9.91 -19.45 8.95
C SER A 6 -10.53 -18.29 8.17
N GLY A 7 -10.85 -17.22 8.87
CA GLY A 7 -11.44 -16.06 8.24
C GLY A 7 -11.55 -14.87 9.17
N PRO A 8 -12.72 -14.73 9.81
CA PRO A 8 -12.97 -13.63 10.75
C PRO A 8 -12.17 -13.76 12.04
N GLU A 9 -12.45 -12.88 12.99
CA GLU A 9 -11.74 -12.91 14.27
C GLU A 9 -12.13 -14.14 15.09
N ASN A 10 -11.42 -15.24 14.87
CA ASN A 10 -11.70 -16.48 15.58
C ASN A 10 -10.49 -16.90 16.41
N ASP A 11 -9.36 -17.13 15.75
CA ASP A 11 -8.14 -17.53 16.44
C ASP A 11 -6.96 -16.69 15.99
N LEU A 12 -7.20 -15.39 15.81
CA LEU A 12 -6.16 -14.46 15.38
C LEU A 12 -5.66 -13.62 16.55
N ASP A 13 -4.64 -12.81 16.31
CA ASP A 13 -4.07 -11.95 17.34
C ASP A 13 -4.35 -10.48 17.03
N GLU A 14 -5.44 -9.97 17.58
CA GLU A 14 -5.82 -8.57 17.35
C GLU A 14 -5.11 -7.65 18.35
N SER A 15 -4.80 -8.19 19.52
CA SER A 15 -4.13 -7.42 20.57
C SER A 15 -2.80 -6.87 20.05
N GLN A 16 -2.29 -7.47 18.99
CA GLN A 16 -1.02 -7.05 18.41
C GLN A 16 -1.23 -6.52 16.99
N VAL A 17 -0.52 -5.44 16.66
CA VAL A 17 -0.63 -4.83 15.34
C VAL A 17 -0.13 -5.79 14.26
N PRO A 18 -0.74 -5.70 13.06
CA PRO A 18 -0.37 -6.55 11.92
C PRO A 18 1.00 -6.20 11.36
N ASP A 19 1.92 -7.16 11.42
CA ASP A 19 3.27 -6.96 10.91
C ASP A 19 3.24 -6.37 9.51
N GLN A 20 4.41 -6.03 8.99
CA GLN A 20 4.53 -5.46 7.65
C GLN A 20 4.36 -6.54 6.59
N PRO A 21 3.99 -6.12 5.36
CA PRO A 21 3.79 -7.04 4.24
C PRO A 21 5.10 -7.63 3.74
N SER A 22 5.16 -8.95 3.67
CA SER A 22 6.36 -9.65 3.20
C SER A 22 7.10 -8.82 2.15
N SER A 23 6.33 -8.11 1.33
CA SER A 23 6.91 -7.27 0.28
C SER A 23 5.89 -6.25 -0.22
N LEU A 24 6.35 -5.33 -1.05
CA LEU A 24 5.49 -4.30 -1.61
C LEU A 24 6.02 -3.79 -2.95
N HIS A 25 5.37 -4.19 -4.03
CA HIS A 25 5.78 -3.78 -5.37
C HIS A 25 5.11 -2.47 -5.76
N VAL A 26 5.87 -1.60 -6.42
CA VAL A 26 5.36 -0.30 -6.84
C VAL A 26 5.88 0.07 -8.23
N ARG A 27 4.97 0.41 -9.13
CA ARG A 27 5.34 0.78 -10.48
C ARG A 27 4.94 2.23 -10.79
N PRO A 28 5.93 3.12 -10.83
CA PRO A 28 5.73 4.54 -11.10
C PRO A 28 5.30 4.80 -12.54
N GLN A 29 4.02 5.10 -12.73
CA GLN A 29 3.48 5.38 -14.06
C GLN A 29 3.55 6.86 -14.38
N THR A 30 3.19 7.21 -15.62
CA THR A 30 3.21 8.60 -16.05
C THR A 30 2.53 9.50 -15.03
N ASN A 31 1.21 9.40 -14.94
CA ASN A 31 0.44 10.20 -13.99
C ASN A 31 -0.22 9.33 -12.94
N CYS A 32 0.31 8.13 -12.74
CA CYS A 32 -0.22 7.20 -11.77
C CYS A 32 0.87 6.29 -11.22
N ILE A 33 0.52 5.49 -10.20
CA ILE A 33 1.47 4.58 -9.59
C ILE A 33 0.76 3.42 -8.90
N ILE A 34 0.81 2.25 -9.53
CA ILE A 34 0.16 1.06 -8.98
C ILE A 34 1.10 0.32 -8.03
N MET A 35 0.56 -0.10 -6.89
CA MET A 35 1.35 -0.82 -5.89
C MET A 35 0.64 -2.10 -5.45
N SER A 36 1.40 -3.18 -5.31
CA SER A 36 0.84 -4.46 -4.91
C SER A 36 1.67 -5.07 -3.77
N TRP A 37 1.03 -5.24 -2.61
CA TRP A 37 1.70 -5.81 -1.45
C TRP A 37 1.08 -7.15 -1.07
N THR A 38 1.63 -7.78 -0.05
CA THR A 38 1.13 -9.08 0.41
C THR A 38 0.85 -9.06 1.90
N PRO A 39 0.07 -10.04 2.37
CA PRO A 39 -0.30 -10.16 3.78
C PRO A 39 0.88 -10.55 4.66
N PRO A 40 0.69 -10.47 5.99
CA PRO A 40 1.74 -10.81 6.96
C PRO A 40 2.03 -12.30 6.99
N LEU A 41 3.31 -12.66 6.99
CA LEU A 41 3.73 -14.05 7.02
C LEU A 41 2.97 -14.82 8.09
N ASN A 42 2.42 -14.09 9.06
CA ASN A 42 1.66 -14.70 10.14
C ASN A 42 0.16 -14.49 9.96
N PRO A 43 -0.50 -15.50 9.37
CA PRO A 43 -1.95 -15.46 9.13
C PRO A 43 -2.77 -15.53 10.41
N ASN A 44 -2.07 -15.63 11.54
CA ASN A 44 -2.72 -15.70 12.84
C ASN A 44 -2.95 -14.31 13.42
N ILE A 45 -2.65 -13.29 12.63
CA ILE A 45 -2.82 -11.91 13.07
C ILE A 45 -4.02 -11.26 12.39
N VAL A 46 -4.68 -10.36 13.11
CA VAL A 46 -5.84 -9.66 12.57
C VAL A 46 -5.43 -8.47 11.73
N VAL A 47 -6.06 -8.33 10.56
CA VAL A 47 -5.75 -7.22 9.65
C VAL A 47 -7.02 -6.49 9.24
N ARG A 48 -7.09 -5.21 9.59
CA ARG A 48 -8.25 -4.39 9.26
C ARG A 48 -8.01 -3.60 7.97
N GLY A 49 -6.75 -3.56 7.54
CA GLY A 49 -6.42 -2.84 6.32
C GLY A 49 -4.99 -2.34 6.33
N TYR A 50 -4.67 -1.45 5.39
CA TYR A 50 -3.32 -0.90 5.28
C TYR A 50 -3.38 0.60 4.97
N ILE A 51 -2.43 1.35 5.52
CA ILE A 51 -2.36 2.78 5.29
C ILE A 51 -1.37 3.12 4.18
N ILE A 52 -1.90 3.54 3.02
CA ILE A 52 -1.06 3.90 1.89
C ILE A 52 -0.63 5.36 1.97
N GLY A 53 0.60 5.59 2.40
CA GLY A 53 1.12 6.94 2.51
C GLY A 53 2.09 7.27 1.40
N TYR A 54 1.60 7.91 0.34
CA TYR A 54 2.43 8.28 -0.79
C TYR A 54 2.58 9.79 -0.88
N GLY A 55 3.63 10.24 -1.57
CA GLY A 55 3.86 11.66 -1.72
C GLY A 55 5.23 11.96 -2.30
N VAL A 56 5.28 12.93 -3.21
CA VAL A 56 6.54 13.31 -3.85
C VAL A 56 7.50 13.92 -2.84
N GLY A 57 8.64 13.27 -2.64
CA GLY A 57 9.63 13.76 -1.70
C GLY A 57 9.35 13.31 -0.27
N SER A 58 8.12 12.85 -0.03
CA SER A 58 7.73 12.39 1.29
C SER A 58 6.42 11.59 1.23
N PRO A 59 6.44 10.38 1.80
CA PRO A 59 5.27 9.49 1.82
C PRO A 59 4.18 10.01 2.73
N TYR A 60 4.28 11.28 3.12
CA TYR A 60 3.30 11.89 4.01
C TYR A 60 2.51 12.98 3.27
N ALA A 61 2.51 12.90 1.95
CA ALA A 61 1.79 13.88 1.13
C ALA A 61 0.35 13.44 0.89
N GLU A 62 0.14 12.14 0.81
CA GLU A 62 -1.20 11.60 0.58
C GLU A 62 -1.35 10.24 1.26
N THR A 63 -2.35 10.13 2.13
CA THR A 63 -2.61 8.88 2.85
C THR A 63 -3.97 8.30 2.46
N VAL A 64 -4.02 6.98 2.33
CA VAL A 64 -5.25 6.30 1.96
C VAL A 64 -5.38 4.97 2.70
N ARG A 65 -6.35 4.88 3.60
CA ARG A 65 -6.58 3.67 4.36
C ARG A 65 -7.52 2.72 3.62
N VAL A 66 -7.00 1.55 3.23
CA VAL A 66 -7.79 0.57 2.52
C VAL A 66 -8.14 -0.62 3.41
N ASP A 67 -8.98 -1.51 2.90
CA ASP A 67 -9.39 -2.69 3.66
C ASP A 67 -8.29 -3.74 3.66
N SER A 68 -8.42 -4.72 4.55
CA SER A 68 -7.43 -5.79 4.67
C SER A 68 -7.54 -6.75 3.48
N LYS A 69 -8.41 -6.43 2.54
CA LYS A 69 -8.62 -7.26 1.36
C LYS A 69 -7.83 -6.71 0.18
N GLN A 70 -7.74 -5.39 0.09
CA GLN A 70 -7.02 -4.74 -1.00
C GLN A 70 -5.56 -5.20 -1.04
N ARG A 71 -5.20 -5.91 -2.11
CA ARG A 71 -3.85 -6.41 -2.26
C ARG A 71 -3.02 -5.49 -3.15
N TYR A 72 -3.64 -4.40 -3.60
CA TYR A 72 -2.97 -3.44 -4.46
C TYR A 72 -3.80 -2.17 -4.61
N TYR A 73 -3.12 -1.06 -4.90
CA TYR A 73 -3.79 0.22 -5.07
C TYR A 73 -3.19 1.02 -6.22
N SER A 74 -4.05 1.58 -7.05
CA SER A 74 -3.61 2.36 -8.20
C SER A 74 -3.76 3.85 -7.94
N ILE A 75 -2.65 4.51 -7.58
CA ILE A 75 -2.66 5.94 -7.31
C ILE A 75 -2.64 6.74 -8.59
N GLU A 76 -3.69 7.51 -8.82
CA GLU A 76 -3.80 8.34 -10.02
C GLU A 76 -3.85 9.82 -9.66
N ARG A 77 -3.92 10.68 -10.68
CA ARG A 77 -3.98 12.12 -10.46
C ARG A 77 -2.66 12.64 -9.91
N LEU A 78 -1.56 12.05 -10.38
CA LEU A 78 -0.22 12.45 -9.93
C LEU A 78 0.50 13.23 -11.03
N GLU A 79 1.73 13.65 -10.73
CA GLU A 79 2.53 14.41 -11.68
C GLU A 79 3.47 13.48 -12.45
N SER A 80 4.32 14.09 -13.29
CA SER A 80 5.27 13.32 -14.08
C SER A 80 6.70 13.78 -13.82
N SER A 81 7.64 12.85 -13.92
CA SER A 81 9.05 13.16 -13.69
C SER A 81 9.27 13.67 -12.27
N SER A 82 8.82 12.89 -11.29
CA SER A 82 8.97 13.26 -9.88
C SER A 82 9.04 12.03 -9.00
N HIS A 83 9.98 12.03 -8.05
CA HIS A 83 10.16 10.92 -7.14
C HIS A 83 9.02 10.84 -6.13
N TYR A 84 8.33 9.71 -6.09
CA TYR A 84 7.21 9.53 -5.18
C TYR A 84 7.53 8.44 -4.15
N VAL A 85 7.50 8.81 -2.88
CA VAL A 85 7.78 7.87 -1.80
C VAL A 85 6.51 7.18 -1.33
N ILE A 86 6.47 5.86 -1.50
CA ILE A 86 5.31 5.07 -1.09
C ILE A 86 5.61 4.28 0.17
N SER A 87 4.74 4.43 1.18
CA SER A 87 4.91 3.72 2.44
C SER A 87 3.61 3.01 2.84
N LEU A 88 3.62 1.69 2.78
CA LEU A 88 2.45 0.89 3.14
C LEU A 88 2.66 0.19 4.47
N LYS A 89 1.65 0.22 5.32
CA LYS A 89 1.72 -0.41 6.63
C LYS A 89 0.36 -1.00 7.02
N ALA A 90 0.39 -2.15 7.69
CA ALA A 90 -0.83 -2.82 8.12
C ALA A 90 -1.36 -2.19 9.41
N PHE A 91 -2.69 -2.20 9.56
CA PHE A 91 -3.32 -1.64 10.75
C PHE A 91 -4.49 -2.51 11.20
N ASN A 92 -4.88 -2.35 12.46
CA ASN A 92 -5.98 -3.12 13.02
C ASN A 92 -6.52 -2.46 14.29
N ASN A 93 -7.49 -3.11 14.92
CA ASN A 93 -8.09 -2.59 16.15
C ASN A 93 -7.01 -2.29 17.19
N ALA A 94 -5.82 -2.83 16.98
CA ALA A 94 -4.71 -2.61 17.90
C ALA A 94 -3.91 -1.37 17.51
N GLY A 95 -3.90 -1.06 16.22
CA GLY A 95 -3.17 0.10 15.75
C GLY A 95 -2.40 -0.19 14.46
N GLU A 96 -1.20 0.36 14.36
CA GLU A 96 -0.37 0.16 13.18
C GLU A 96 0.88 -0.65 13.52
N GLY A 97 1.37 -1.41 12.54
CA GLY A 97 2.57 -2.22 12.76
C GLY A 97 3.73 -1.77 11.89
N VAL A 98 4.86 -2.44 12.05
CA VAL A 98 6.06 -2.12 11.28
C VAL A 98 5.69 -1.64 9.88
N PRO A 99 5.77 -0.32 9.66
CA PRO A 99 5.45 0.29 8.36
C PRO A 99 6.48 -0.04 7.29
N LEU A 100 6.01 -0.22 6.06
CA LEU A 100 6.90 -0.55 4.96
C LEU A 100 7.04 0.64 4.00
N TYR A 101 8.27 1.07 3.77
CA TYR A 101 8.54 2.20 2.88
C TYR A 101 8.95 1.70 1.49
N GLU A 102 8.89 2.61 0.51
CA GLU A 102 9.24 2.27 -0.86
C GLU A 102 9.51 3.53 -1.68
N SER A 103 9.96 3.34 -2.92
CA SER A 103 10.25 4.45 -3.80
C SER A 103 9.72 4.19 -5.20
N ALA A 104 9.33 5.27 -5.89
CA ALA A 104 8.80 5.15 -7.24
C ALA A 104 8.77 6.50 -7.94
N THR A 105 9.57 6.64 -8.99
CA THR A 105 9.65 7.89 -9.74
C THR A 105 8.77 7.83 -10.99
N THR A 106 7.67 8.57 -10.97
CA THR A 106 6.75 8.60 -12.09
C THR A 106 7.50 8.71 -13.42
N ARG A 107 6.79 8.51 -14.52
CA ARG A 107 7.39 8.59 -15.84
C ARG A 107 7.34 10.02 -16.38
N SER A 108 8.05 10.26 -17.48
CA SER A 108 8.10 11.59 -18.08
C SER A 108 7.06 11.71 -19.20
N ILE A 109 6.53 12.91 -19.38
CA ILE A 109 5.53 13.16 -20.42
C ILE A 109 6.16 13.11 -21.81
N THR A 110 7.37 13.65 -21.92
CA THR A 110 8.08 13.67 -23.19
C THR A 110 8.78 12.33 -23.46
N SER A 111 9.33 11.74 -22.41
CA SER A 111 10.02 10.47 -22.52
C SER A 111 9.32 9.39 -21.71
N GLY A 112 8.90 8.32 -22.38
CA GLY A 112 8.23 7.23 -21.70
C GLY A 112 8.46 5.89 -22.38
N PRO A 113 7.58 5.54 -23.33
CA PRO A 113 7.68 4.27 -24.06
C PRO A 113 8.87 4.25 -25.02
N SER A 114 9.47 5.42 -25.24
CA SER A 114 10.61 5.52 -26.14
C SER A 114 11.84 4.84 -25.53
N SER A 115 11.81 3.51 -25.52
CA SER A 115 12.92 2.73 -24.96
C SER A 115 14.14 2.80 -25.87
N GLY A 116 15.30 2.47 -25.32
CA GLY A 116 16.53 2.50 -26.09
C GLY A 116 17.41 1.30 -25.84
N GLY A 1 -23.86 -14.78 33.43
CA GLY A 1 -23.26 -13.51 33.04
C GLY A 1 -22.68 -13.55 31.64
N SER A 2 -21.36 -13.44 31.54
CA SER A 2 -20.68 -13.45 30.25
C SER A 2 -19.20 -13.78 30.42
N SER A 3 -18.78 -14.88 29.82
CA SER A 3 -17.38 -15.30 29.90
C SER A 3 -16.54 -14.65 28.80
N GLY A 4 -17.00 -14.77 27.56
CA GLY A 4 -16.29 -14.19 26.44
C GLY A 4 -16.96 -14.49 25.11
N SER A 5 -18.09 -13.84 24.85
CA SER A 5 -18.83 -14.04 23.61
C SER A 5 -18.96 -12.73 22.83
N SER A 6 -17.86 -11.97 22.79
CA SER A 6 -17.85 -10.69 22.08
C SER A 6 -17.39 -10.88 20.63
N GLY A 7 -17.84 -11.96 20.01
CA GLY A 7 -17.45 -12.22 18.63
C GLY A 7 -16.43 -13.35 18.52
N PRO A 8 -16.62 -14.22 17.52
CA PRO A 8 -15.73 -15.35 17.28
C PRO A 8 -14.35 -14.92 16.78
N GLU A 9 -13.54 -15.90 16.39
CA GLU A 9 -12.20 -15.61 15.89
C GLU A 9 -11.59 -16.84 15.23
N ASN A 10 -10.84 -16.61 14.15
CA ASN A 10 -10.21 -17.71 13.42
C ASN A 10 -8.88 -18.10 14.06
N ASP A 11 -8.74 -17.79 15.35
CA ASP A 11 -7.52 -18.09 16.08
C ASP A 11 -6.38 -17.16 15.68
N LEU A 12 -6.68 -15.87 15.62
CA LEU A 12 -5.69 -14.88 15.23
C LEU A 12 -5.24 -14.06 16.44
N ASP A 13 -4.37 -13.09 16.21
CA ASP A 13 -3.87 -12.24 17.27
C ASP A 13 -4.08 -10.77 16.94
N GLU A 14 -5.27 -10.25 17.26
CA GLU A 14 -5.60 -8.86 17.01
C GLU A 14 -4.91 -7.93 17.99
N SER A 15 -4.81 -8.38 19.25
CA SER A 15 -4.18 -7.59 20.29
C SER A 15 -2.86 -6.98 19.79
N GLN A 16 -2.27 -7.61 18.79
CA GLN A 16 -1.02 -7.14 18.22
C GLN A 16 -1.22 -6.60 16.81
N VAL A 17 -0.52 -5.52 16.49
CA VAL A 17 -0.62 -4.90 15.17
C VAL A 17 -0.06 -5.82 14.09
N PRO A 18 -0.62 -5.71 12.87
CA PRO A 18 -0.19 -6.51 11.73
C PRO A 18 1.20 -6.12 11.23
N ASP A 19 2.04 -7.12 10.98
CA ASP A 19 3.39 -6.88 10.50
C ASP A 19 3.37 -6.37 9.06
N GLN A 20 4.52 -5.88 8.60
CA GLN A 20 4.63 -5.35 7.24
C GLN A 20 4.46 -6.47 6.21
N PRO A 21 4.06 -6.08 4.99
CA PRO A 21 3.84 -7.03 3.90
C PRO A 21 5.14 -7.64 3.39
N SER A 22 5.21 -8.96 3.39
CA SER A 22 6.40 -9.68 2.94
C SER A 22 7.12 -8.89 1.83
N SER A 23 6.33 -8.27 0.96
CA SER A 23 6.88 -7.49 -0.14
C SER A 23 5.85 -6.51 -0.68
N LEU A 24 6.32 -5.33 -1.09
CA LEU A 24 5.43 -4.30 -1.63
C LEU A 24 5.95 -3.79 -2.97
N HIS A 25 5.36 -4.28 -4.05
CA HIS A 25 5.75 -3.86 -5.39
C HIS A 25 5.08 -2.54 -5.78
N VAL A 26 5.84 -1.67 -6.44
CA VAL A 26 5.31 -0.38 -6.86
C VAL A 26 5.82 -0.01 -8.25
N ARG A 27 4.91 0.40 -9.13
CA ARG A 27 5.26 0.78 -10.48
C ARG A 27 4.88 2.23 -10.76
N PRO A 28 5.89 3.11 -10.80
CA PRO A 28 5.69 4.55 -11.06
C PRO A 28 5.26 4.82 -12.50
N GLN A 29 3.99 5.17 -12.67
CA GLN A 29 3.45 5.46 -14.00
C GLN A 29 3.53 6.95 -14.30
N THR A 30 3.15 7.33 -15.52
CA THR A 30 3.17 8.72 -15.93
C THR A 30 2.51 9.62 -14.89
N ASN A 31 1.19 9.49 -14.75
CA ASN A 31 0.43 10.28 -13.80
C ASN A 31 -0.22 9.39 -12.74
N CYS A 32 0.30 8.18 -12.60
CA CYS A 32 -0.23 7.23 -11.63
C CYS A 32 0.86 6.31 -11.11
N ILE A 33 0.52 5.49 -10.12
CA ILE A 33 1.48 4.56 -9.53
C ILE A 33 0.77 3.38 -8.88
N ILE A 34 0.83 2.22 -9.51
CA ILE A 34 0.20 1.02 -8.98
C ILE A 34 1.13 0.29 -8.01
N MET A 35 0.58 -0.09 -6.86
CA MET A 35 1.36 -0.80 -5.85
C MET A 35 0.64 -2.07 -5.40
N SER A 36 1.37 -3.18 -5.38
CA SER A 36 0.81 -4.46 -4.97
C SER A 36 1.62 -5.09 -3.84
N TRP A 37 0.99 -5.23 -2.68
CA TRP A 37 1.65 -5.81 -1.52
C TRP A 37 1.03 -7.16 -1.16
N THR A 38 1.57 -7.79 -0.12
CA THR A 38 1.08 -9.09 0.32
C THR A 38 0.81 -9.10 1.82
N PRO A 39 0.06 -10.10 2.28
CA PRO A 39 -0.29 -10.24 3.70
C PRO A 39 0.92 -10.62 4.56
N PRO A 40 0.75 -10.56 5.89
CA PRO A 40 1.80 -10.89 6.84
C PRO A 40 2.12 -12.39 6.86
N LEU A 41 3.40 -12.72 6.80
CA LEU A 41 3.83 -14.11 6.80
C LEU A 41 3.10 -14.90 7.88
N ASN A 42 2.56 -14.19 8.87
CA ASN A 42 1.83 -14.82 9.97
C ASN A 42 0.32 -14.64 9.79
N PRO A 43 -0.34 -15.68 9.25
CA PRO A 43 -1.79 -15.66 9.03
C PRO A 43 -2.58 -15.70 10.33
N ASN A 44 -1.86 -15.75 11.45
CA ASN A 44 -2.51 -15.78 12.76
C ASN A 44 -2.69 -14.37 13.31
N ILE A 45 -2.46 -13.38 12.47
CA ILE A 45 -2.61 -11.99 12.87
C ILE A 45 -3.78 -11.32 12.14
N VAL A 46 -4.58 -10.59 12.91
CA VAL A 46 -5.74 -9.90 12.34
C VAL A 46 -5.31 -8.67 11.54
N VAL A 47 -6.01 -8.42 10.43
CA VAL A 47 -5.71 -7.29 9.57
C VAL A 47 -6.98 -6.56 9.16
N ARG A 48 -7.06 -5.28 9.52
CA ARG A 48 -8.22 -4.47 9.19
C ARG A 48 -7.99 -3.68 7.89
N GLY A 49 -6.73 -3.59 7.49
CA GLY A 49 -6.40 -2.87 6.27
C GLY A 49 -4.96 -2.39 6.26
N TYR A 50 -4.66 -1.43 5.38
CA TYR A 50 -3.32 -0.89 5.26
C TYR A 50 -3.36 0.60 4.93
N ILE A 51 -2.44 1.35 5.53
CA ILE A 51 -2.37 2.79 5.29
C ILE A 51 -1.37 3.12 4.18
N ILE A 52 -1.89 3.57 3.04
CA ILE A 52 -1.04 3.93 1.91
C ILE A 52 -0.59 5.38 1.99
N GLY A 53 0.65 5.58 2.45
CA GLY A 53 1.18 6.93 2.56
C GLY A 53 2.16 7.26 1.45
N TYR A 54 1.66 7.92 0.41
CA TYR A 54 2.49 8.30 -0.72
C TYR A 54 2.65 9.82 -0.81
N GLY A 55 3.62 10.27 -1.58
CA GLY A 55 3.86 11.69 -1.74
C GLY A 55 5.24 11.99 -2.29
N VAL A 56 5.31 12.94 -3.22
CA VAL A 56 6.57 13.33 -3.84
C VAL A 56 7.50 13.95 -2.81
N GLY A 57 8.67 13.33 -2.63
CA GLY A 57 9.64 13.85 -1.67
C GLY A 57 9.34 13.42 -0.26
N SER A 58 8.11 12.96 -0.03
CA SER A 58 7.69 12.52 1.29
C SER A 58 6.40 11.71 1.22
N PRO A 59 6.43 10.50 1.80
CA PRO A 59 5.27 9.61 1.81
C PRO A 59 4.15 10.12 2.71
N TYR A 60 4.24 11.38 3.11
CA TYR A 60 3.23 11.99 3.97
C TYR A 60 2.46 13.06 3.22
N ALA A 61 2.46 12.97 1.89
CA ALA A 61 1.75 13.92 1.05
C ALA A 61 0.30 13.48 0.82
N GLU A 62 0.07 12.18 0.88
CA GLU A 62 -1.26 11.62 0.67
C GLU A 62 -1.41 10.28 1.37
N THR A 63 -2.48 10.12 2.14
CA THR A 63 -2.74 8.89 2.86
C THR A 63 -4.07 8.27 2.44
N VAL A 64 -4.10 6.94 2.37
CA VAL A 64 -5.32 6.23 1.98
C VAL A 64 -5.43 4.91 2.72
N ARG A 65 -6.43 4.80 3.59
CA ARG A 65 -6.65 3.59 4.36
C ARG A 65 -7.60 2.65 3.63
N VAL A 66 -7.07 1.50 3.20
CA VAL A 66 -7.86 0.52 2.48
C VAL A 66 -8.22 -0.66 3.38
N ASP A 67 -9.01 -1.59 2.86
CA ASP A 67 -9.42 -2.77 3.62
C ASP A 67 -8.33 -3.83 3.59
N SER A 68 -8.43 -4.80 4.49
CA SER A 68 -7.46 -5.88 4.57
C SER A 68 -7.61 -6.83 3.39
N LYS A 69 -8.53 -6.50 2.49
CA LYS A 69 -8.78 -7.33 1.30
C LYS A 69 -8.00 -6.79 0.10
N GLN A 70 -7.78 -5.49 0.08
CA GLN A 70 -7.06 -4.85 -1.01
C GLN A 70 -5.60 -5.32 -1.05
N ARG A 71 -5.22 -5.95 -2.16
CA ARG A 71 -3.86 -6.44 -2.32
C ARG A 71 -3.03 -5.50 -3.17
N TYR A 72 -3.64 -4.40 -3.60
CA TYR A 72 -2.96 -3.41 -4.42
C TYR A 72 -3.80 -2.15 -4.55
N TYR A 73 -3.13 -1.02 -4.78
CA TYR A 73 -3.82 0.27 -4.92
C TYR A 73 -3.21 1.07 -6.06
N SER A 74 -4.06 1.52 -6.99
CA SER A 74 -3.62 2.31 -8.13
C SER A 74 -3.75 3.80 -7.84
N ILE A 75 -2.64 4.45 -7.51
CA ILE A 75 -2.64 5.87 -7.21
C ILE A 75 -2.66 6.70 -8.50
N GLU A 76 -3.69 7.52 -8.65
CA GLU A 76 -3.83 8.36 -9.84
C GLU A 76 -3.88 9.83 -9.45
N ARG A 77 -4.05 10.69 -10.45
CA ARG A 77 -4.11 12.13 -10.22
C ARG A 77 -2.79 12.66 -9.67
N LEU A 78 -1.69 12.07 -10.13
CA LEU A 78 -0.36 12.48 -9.69
C LEU A 78 0.35 13.28 -10.78
N GLU A 79 1.62 13.61 -10.53
CA GLU A 79 2.41 14.37 -11.49
C GLU A 79 3.37 13.45 -12.24
N SER A 80 4.19 14.05 -13.10
CA SER A 80 5.15 13.30 -13.89
C SER A 80 6.57 13.84 -13.70
N SER A 81 7.56 12.96 -13.81
CA SER A 81 8.95 13.34 -13.64
C SER A 81 9.21 13.83 -12.22
N SER A 82 8.87 13.00 -11.25
CA SER A 82 9.06 13.34 -9.84
C SER A 82 9.11 12.09 -8.97
N HIS A 83 10.07 12.05 -8.05
CA HIS A 83 10.23 10.92 -7.16
C HIS A 83 9.11 10.86 -6.13
N TYR A 84 8.41 9.73 -6.08
CA TYR A 84 7.31 9.55 -5.15
C TYR A 84 7.62 8.47 -4.14
N VAL A 85 7.56 8.82 -2.86
CA VAL A 85 7.83 7.87 -1.79
C VAL A 85 6.56 7.19 -1.31
N ILE A 86 6.48 5.87 -1.49
CA ILE A 86 5.32 5.10 -1.08
C ILE A 86 5.62 4.30 0.18
N SER A 87 4.79 4.48 1.20
CA SER A 87 4.95 3.77 2.46
C SER A 87 3.67 3.04 2.86
N LEU A 88 3.67 1.72 2.70
CA LEU A 88 2.52 0.91 3.04
C LEU A 88 2.71 0.22 4.38
N LYS A 89 1.68 0.26 5.23
CA LYS A 89 1.73 -0.36 6.54
C LYS A 89 0.37 -0.95 6.92
N ALA A 90 0.40 -2.08 7.61
CA ALA A 90 -0.82 -2.75 8.03
C ALA A 90 -1.35 -2.15 9.33
N PHE A 91 -2.67 -2.16 9.49
CA PHE A 91 -3.30 -1.62 10.70
C PHE A 91 -4.44 -2.51 11.17
N ASN A 92 -4.85 -2.33 12.42
CA ASN A 92 -5.93 -3.12 12.99
C ASN A 92 -6.41 -2.51 14.31
N ASN A 93 -7.32 -3.21 14.98
CA ASN A 93 -7.86 -2.75 16.25
C ASN A 93 -6.73 -2.35 17.21
N ALA A 94 -5.57 -2.97 17.03
CA ALA A 94 -4.41 -2.68 17.87
C ALA A 94 -3.73 -1.39 17.45
N GLY A 95 -3.85 -1.05 16.17
CA GLY A 95 -3.25 0.16 15.65
C GLY A 95 -2.47 -0.07 14.37
N GLU A 96 -1.23 0.42 14.33
CA GLU A 96 -0.39 0.26 13.16
C GLU A 96 0.86 -0.55 13.50
N GLY A 97 1.35 -1.29 12.51
CA GLY A 97 2.54 -2.11 12.71
C GLY A 97 3.71 -1.66 11.87
N VAL A 98 4.85 -2.32 12.04
CA VAL A 98 6.06 -1.98 11.29
C VAL A 98 5.70 -1.51 9.87
N PRO A 99 5.77 -0.19 9.66
CA PRO A 99 5.46 0.41 8.36
C PRO A 99 6.52 0.09 7.31
N LEU A 100 6.07 -0.16 6.09
CA LEU A 100 6.98 -0.49 4.99
C LEU A 100 7.10 0.69 4.01
N TYR A 101 8.33 1.14 3.79
CA TYR A 101 8.58 2.25 2.88
C TYR A 101 8.98 1.75 1.50
N GLU A 102 8.90 2.63 0.51
CA GLU A 102 9.25 2.28 -0.86
C GLU A 102 9.52 3.53 -1.69
N SER A 103 9.96 3.33 -2.92
CA SER A 103 10.26 4.44 -3.82
C SER A 103 9.71 4.18 -5.22
N ALA A 104 9.32 5.24 -5.91
CA ALA A 104 8.77 5.12 -7.26
C ALA A 104 8.77 6.47 -7.96
N THR A 105 9.61 6.59 -9.00
CA THR A 105 9.71 7.82 -9.77
C THR A 105 8.82 7.78 -11.00
N THR A 106 7.75 8.57 -10.99
CA THR A 106 6.82 8.61 -12.10
C THR A 106 7.55 8.71 -13.43
N ARG A 107 6.80 8.61 -14.52
CA ARG A 107 7.40 8.69 -15.86
C ARG A 107 7.39 10.12 -16.37
N SER A 108 7.95 10.32 -17.57
CA SER A 108 8.01 11.65 -18.16
C SER A 108 7.01 11.78 -19.30
N ILE A 109 6.28 12.89 -19.32
CA ILE A 109 5.28 13.14 -20.35
C ILE A 109 5.93 13.63 -21.63
N THR A 110 6.88 14.55 -21.50
CA THR A 110 7.58 15.10 -22.65
C THR A 110 8.20 13.99 -23.49
N SER A 111 8.30 12.79 -22.91
CA SER A 111 8.89 11.66 -23.61
C SER A 111 7.99 11.19 -24.75
N GLY A 112 6.73 10.90 -24.43
CA GLY A 112 5.79 10.45 -25.44
C GLY A 112 5.43 11.56 -26.41
N PRO A 113 5.72 11.34 -27.71
CA PRO A 113 5.41 12.31 -28.76
C PRO A 113 3.92 12.45 -29.02
N SER A 114 3.13 11.62 -28.35
CA SER A 114 1.69 11.65 -28.50
C SER A 114 1.13 13.05 -28.30
N SER A 115 0.44 13.57 -29.30
CA SER A 115 -0.14 14.90 -29.22
C SER A 115 -1.66 14.84 -29.05
N GLY A 116 -2.19 15.70 -28.19
CA GLY A 116 -3.63 15.72 -27.94
C GLY A 116 -4.15 17.11 -27.69
N GLY A 1 -21.23 4.41 14.69
CA GLY A 1 -20.06 3.69 14.20
C GLY A 1 -19.55 2.67 15.20
N SER A 2 -20.15 1.49 15.18
CA SER A 2 -19.74 0.42 16.09
C SER A 2 -18.59 -0.39 15.51
N SER A 3 -17.69 -0.84 16.38
CA SER A 3 -16.54 -1.63 15.95
C SER A 3 -15.97 -2.43 17.12
N GLY A 4 -16.14 -3.75 17.06
CA GLY A 4 -15.63 -4.60 18.12
C GLY A 4 -15.94 -6.07 17.87
N SER A 5 -17.13 -6.50 18.26
CA SER A 5 -17.53 -7.89 18.08
C SER A 5 -18.07 -8.13 16.67
N SER A 6 -17.40 -7.54 15.69
CA SER A 6 -17.80 -7.67 14.29
C SER A 6 -17.36 -9.02 13.73
N GLY A 7 -18.32 -9.85 13.34
CA GLY A 7 -18.01 -11.15 12.79
C GLY A 7 -17.24 -12.02 13.76
N PRO A 8 -17.19 -13.33 13.48
CA PRO A 8 -16.49 -14.30 14.33
C PRO A 8 -14.98 -14.14 14.25
N GLU A 9 -14.25 -15.12 14.79
CA GLU A 9 -12.80 -15.08 14.79
C GLU A 9 -12.22 -16.42 14.33
N ASN A 10 -11.10 -16.36 13.62
CA ASN A 10 -10.45 -17.57 13.11
C ASN A 10 -9.29 -17.97 14.02
N ASP A 11 -9.30 -17.48 15.25
CA ASP A 11 -8.25 -17.79 16.21
C ASP A 11 -6.97 -17.01 15.89
N LEU A 12 -7.14 -15.76 15.47
CA LEU A 12 -6.01 -14.92 15.13
C LEU A 12 -5.52 -14.14 16.34
N ASP A 13 -4.56 -13.25 16.13
CA ASP A 13 -4.01 -12.44 17.20
C ASP A 13 -4.11 -10.96 16.88
N GLU A 14 -5.24 -10.35 17.26
CA GLU A 14 -5.46 -8.93 17.00
C GLU A 14 -4.76 -8.07 18.05
N SER A 15 -4.67 -8.59 19.27
CA SER A 15 -4.02 -7.87 20.36
C SER A 15 -2.72 -7.22 19.90
N GLN A 16 -2.15 -7.76 18.82
CA GLN A 16 -0.91 -7.25 18.27
C GLN A 16 -1.12 -6.69 16.86
N VAL A 17 -0.48 -5.56 16.58
CA VAL A 17 -0.60 -4.94 15.26
C VAL A 17 -0.07 -5.85 14.17
N PRO A 18 -0.64 -5.72 12.97
CA PRO A 18 -0.25 -6.52 11.80
C PRO A 18 1.14 -6.16 11.30
N ASP A 19 1.97 -7.18 11.10
CA ASP A 19 3.33 -6.97 10.61
C ASP A 19 3.32 -6.43 9.19
N GLN A 20 4.50 -6.03 8.70
CA GLN A 20 4.62 -5.48 7.35
C GLN A 20 4.46 -6.59 6.32
N PRO A 21 4.07 -6.19 5.09
CA PRO A 21 3.87 -7.13 3.98
C PRO A 21 5.17 -7.73 3.49
N SER A 22 5.25 -9.06 3.47
CA SER A 22 6.45 -9.75 3.02
C SER A 22 7.13 -8.99 1.90
N SER A 23 6.33 -8.40 1.02
CA SER A 23 6.86 -7.63 -0.11
C SER A 23 5.82 -6.63 -0.63
N LEU A 24 6.30 -5.52 -1.15
CA LEU A 24 5.42 -4.48 -1.68
C LEU A 24 5.94 -3.95 -3.01
N HIS A 25 5.30 -4.35 -4.10
CA HIS A 25 5.70 -3.91 -5.43
C HIS A 25 5.07 -2.56 -5.77
N VAL A 26 5.83 -1.72 -6.45
CA VAL A 26 5.36 -0.40 -6.84
C VAL A 26 5.94 0.03 -8.19
N ARG A 27 5.07 0.41 -9.10
CA ARG A 27 5.49 0.84 -10.43
C ARG A 27 5.02 2.26 -10.72
N PRO A 28 5.97 3.22 -10.68
CA PRO A 28 5.66 4.64 -10.93
C PRO A 28 5.32 4.90 -12.39
N GLN A 29 4.03 4.87 -12.71
CA GLN A 29 3.57 5.10 -14.07
C GLN A 29 3.74 6.56 -14.46
N THR A 30 3.25 6.93 -15.64
CA THR A 30 3.35 8.30 -16.12
C THR A 30 2.69 9.27 -15.15
N ASN A 31 1.36 9.18 -15.06
CA ASN A 31 0.60 10.06 -14.16
C ASN A 31 -0.06 9.25 -13.05
N CYS A 32 0.47 8.06 -12.78
CA CYS A 32 -0.07 7.20 -11.75
C CYS A 32 1.01 6.28 -11.17
N ILE A 33 0.65 5.52 -10.15
CA ILE A 33 1.59 4.60 -9.52
C ILE A 33 0.86 3.44 -8.87
N ILE A 34 0.94 2.27 -9.51
CA ILE A 34 0.29 1.06 -8.99
C ILE A 34 1.19 0.34 -7.99
N MET A 35 0.60 -0.10 -6.90
CA MET A 35 1.35 -0.82 -5.87
C MET A 35 0.62 -2.10 -5.46
N SER A 36 1.38 -3.18 -5.29
CA SER A 36 0.82 -4.47 -4.91
C SER A 36 1.62 -5.10 -3.78
N TRP A 37 0.98 -5.26 -2.62
CA TRP A 37 1.65 -5.84 -1.46
C TRP A 37 1.01 -7.19 -1.11
N THR A 38 1.56 -7.85 -0.08
CA THR A 38 1.05 -9.14 0.35
C THR A 38 0.77 -9.14 1.85
N PRO A 39 0.02 -10.15 2.31
CA PRO A 39 -0.33 -10.28 3.74
C PRO A 39 0.88 -10.65 4.59
N PRO A 40 0.70 -10.57 5.93
CA PRO A 40 1.77 -10.89 6.88
C PRO A 40 2.09 -12.38 6.92
N LEU A 41 3.37 -12.70 6.85
CA LEU A 41 3.81 -14.09 6.86
C LEU A 41 3.02 -14.89 7.89
N ASN A 42 2.48 -14.21 8.89
CA ASN A 42 1.70 -14.85 9.94
C ASN A 42 0.21 -14.66 9.70
N PRO A 43 -0.43 -15.68 9.10
CA PRO A 43 -1.87 -15.64 8.80
C PRO A 43 -2.72 -15.73 10.06
N ASN A 44 -2.06 -15.83 11.21
CA ASN A 44 -2.76 -15.92 12.48
C ASN A 44 -2.96 -14.53 13.09
N ILE A 45 -2.63 -13.50 12.33
CA ILE A 45 -2.77 -12.13 12.79
C ILE A 45 -3.96 -11.45 12.12
N VAL A 46 -4.72 -10.68 12.89
CA VAL A 46 -5.88 -9.97 12.37
C VAL A 46 -5.46 -8.72 11.62
N VAL A 47 -6.07 -8.50 10.45
CA VAL A 47 -5.77 -7.34 9.64
C VAL A 47 -7.03 -6.61 9.20
N ARG A 48 -7.12 -5.33 9.52
CA ARG A 48 -8.28 -4.52 9.17
C ARG A 48 -8.01 -3.71 7.91
N GLY A 49 -6.75 -3.68 7.47
CA GLY A 49 -6.40 -2.93 6.28
C GLY A 49 -4.98 -2.42 6.33
N TYR A 50 -4.69 -1.40 5.54
CA TYR A 50 -3.35 -0.82 5.49
C TYR A 50 -3.41 0.67 5.14
N ILE A 51 -2.39 1.41 5.56
CA ILE A 51 -2.33 2.84 5.31
C ILE A 51 -1.36 3.15 4.17
N ILE A 52 -1.89 3.66 3.07
CA ILE A 52 -1.07 4.00 1.91
C ILE A 52 -0.67 5.47 1.94
N GLY A 53 0.57 5.74 2.35
CA GLY A 53 1.06 7.11 2.41
C GLY A 53 2.03 7.42 1.29
N TYR A 54 1.52 8.03 0.23
CA TYR A 54 2.36 8.38 -0.91
C TYR A 54 2.53 9.90 -1.01
N GLY A 55 3.59 10.33 -1.69
CA GLY A 55 3.85 11.74 -1.84
C GLY A 55 5.22 12.02 -2.44
N VAL A 56 5.28 12.97 -3.35
CA VAL A 56 6.54 13.34 -4.01
C VAL A 56 7.52 13.95 -3.01
N GLY A 57 8.61 13.24 -2.75
CA GLY A 57 9.61 13.72 -1.82
C GLY A 57 9.33 13.30 -0.39
N SER A 58 8.10 12.83 -0.15
CA SER A 58 7.71 12.39 1.19
C SER A 58 6.40 11.62 1.15
N PRO A 59 6.41 10.40 1.71
CA PRO A 59 5.23 9.54 1.75
C PRO A 59 4.15 10.08 2.67
N TYR A 60 4.26 11.34 3.04
CA TYR A 60 3.30 11.97 3.93
C TYR A 60 2.51 13.05 3.21
N ALA A 61 2.49 12.97 1.88
CA ALA A 61 1.78 13.95 1.06
C ALA A 61 0.33 13.53 0.86
N GLU A 62 0.08 12.22 0.85
CA GLU A 62 -1.27 11.69 0.67
C GLU A 62 -1.41 10.33 1.31
N THR A 63 -2.37 10.20 2.23
CA THR A 63 -2.60 8.94 2.92
C THR A 63 -3.96 8.35 2.54
N VAL A 64 -4.00 7.04 2.35
CA VAL A 64 -5.24 6.36 1.99
C VAL A 64 -5.35 5.01 2.70
N ARG A 65 -6.31 4.91 3.61
CA ARG A 65 -6.52 3.68 4.37
C ARG A 65 -7.49 2.75 3.63
N VAL A 66 -7.02 1.54 3.34
CA VAL A 66 -7.83 0.56 2.63
C VAL A 66 -8.18 -0.61 3.54
N ASP A 67 -8.91 -1.58 3.00
CA ASP A 67 -9.32 -2.76 3.76
C ASP A 67 -8.24 -3.84 3.71
N SER A 68 -8.36 -4.82 4.59
CA SER A 68 -7.40 -5.92 4.64
C SER A 68 -7.57 -6.86 3.46
N LYS A 69 -8.46 -6.50 2.54
CA LYS A 69 -8.72 -7.31 1.37
C LYS A 69 -7.99 -6.76 0.14
N GLN A 70 -7.73 -5.47 0.16
CA GLN A 70 -7.02 -4.83 -0.95
C GLN A 70 -5.57 -5.30 -1.02
N ARG A 71 -5.21 -5.92 -2.14
CA ARG A 71 -3.86 -6.42 -2.34
C ARG A 71 -3.05 -5.49 -3.25
N TYR A 72 -3.66 -4.38 -3.64
CA TYR A 72 -3.02 -3.41 -4.50
C TYR A 72 -3.85 -2.14 -4.62
N TYR A 73 -3.17 -1.01 -4.84
CA TYR A 73 -3.85 0.27 -4.98
C TYR A 73 -3.21 1.11 -6.08
N SER A 74 -4.02 1.48 -7.07
CA SER A 74 -3.53 2.29 -8.18
C SER A 74 -3.69 3.77 -7.89
N ILE A 75 -2.56 4.45 -7.70
CA ILE A 75 -2.58 5.88 -7.40
C ILE A 75 -2.60 6.71 -8.69
N GLU A 76 -3.67 7.46 -8.88
CA GLU A 76 -3.82 8.30 -10.07
C GLU A 76 -3.85 9.78 -9.70
N ARG A 77 -3.86 10.64 -10.71
CA ARG A 77 -3.88 12.07 -10.49
C ARG A 77 -2.56 12.56 -9.91
N LEU A 78 -1.46 12.20 -10.57
CA LEU A 78 -0.13 12.59 -10.12
C LEU A 78 0.63 13.32 -11.23
N GLU A 79 1.89 13.65 -10.96
CA GLU A 79 2.72 14.34 -11.94
C GLU A 79 3.68 13.37 -12.63
N SER A 80 4.49 13.89 -13.54
CA SER A 80 5.44 13.07 -14.28
C SER A 80 6.86 13.56 -14.06
N SER A 81 7.79 12.63 -13.91
CA SER A 81 9.19 12.96 -13.68
C SER A 81 9.41 13.50 -12.27
N SER A 82 8.94 12.74 -11.28
CA SER A 82 9.08 13.14 -9.88
C SER A 82 9.15 11.91 -8.98
N HIS A 83 10.06 11.95 -8.01
CA HIS A 83 10.22 10.85 -7.07
C HIS A 83 9.05 10.79 -6.09
N TYR A 84 8.28 9.71 -6.17
CA TYR A 84 7.12 9.54 -5.30
C TYR A 84 7.37 8.43 -4.27
N VAL A 85 7.50 8.82 -3.01
CA VAL A 85 7.74 7.86 -1.94
C VAL A 85 6.44 7.19 -1.50
N ILE A 86 6.45 5.86 -1.49
CA ILE A 86 5.27 5.10 -1.09
C ILE A 86 5.54 4.29 0.17
N SER A 87 4.74 4.53 1.20
CA SER A 87 4.89 3.84 2.48
C SER A 87 3.62 3.07 2.82
N LEU A 88 3.70 1.75 2.76
CA LEU A 88 2.56 0.90 3.08
C LEU A 88 2.76 0.21 4.43
N LYS A 89 1.71 0.24 5.25
CA LYS A 89 1.75 -0.37 6.57
C LYS A 89 0.40 -0.95 6.95
N ALA A 90 0.42 -2.12 7.59
CA ALA A 90 -0.81 -2.79 8.01
C ALA A 90 -1.34 -2.19 9.31
N PHE A 91 -2.66 -2.22 9.47
CA PHE A 91 -3.29 -1.68 10.67
C PHE A 91 -4.47 -2.55 11.10
N ASN A 92 -4.87 -2.41 12.36
CA ASN A 92 -5.98 -3.19 12.90
C ASN A 92 -6.49 -2.57 14.19
N ASN A 93 -7.45 -3.24 14.83
CA ASN A 93 -8.03 -2.76 16.08
C ASN A 93 -6.94 -2.48 17.11
N ALA A 94 -5.77 -3.08 16.90
CA ALA A 94 -4.64 -2.89 17.81
C ALA A 94 -3.87 -1.63 17.47
N GLY A 95 -3.93 -1.23 16.20
CA GLY A 95 -3.23 -0.03 15.76
C GLY A 95 -2.45 -0.26 14.47
N GLU A 96 -1.24 0.28 14.42
CA GLU A 96 -0.40 0.14 13.23
C GLU A 96 0.82 -0.72 13.54
N GLY A 97 1.34 -1.40 12.50
CA GLY A 97 2.50 -2.24 12.67
C GLY A 97 3.68 -1.78 11.85
N VAL A 98 4.82 -2.46 12.00
CA VAL A 98 6.02 -2.12 11.27
C VAL A 98 5.69 -1.63 9.85
N PRO A 99 5.74 -0.30 9.66
CA PRO A 99 5.46 0.31 8.36
C PRO A 99 6.53 0.02 7.32
N LEU A 100 6.09 -0.26 6.10
CA LEU A 100 7.02 -0.56 5.01
C LEU A 100 7.12 0.61 4.03
N TYR A 101 8.34 1.10 3.83
CA TYR A 101 8.57 2.21 2.92
C TYR A 101 8.99 1.71 1.54
N GLU A 102 8.86 2.59 0.54
CA GLU A 102 9.23 2.24 -0.82
C GLU A 102 9.48 3.49 -1.66
N SER A 103 9.93 3.30 -2.90
CA SER A 103 10.21 4.41 -3.80
C SER A 103 9.63 4.16 -5.18
N ALA A 104 9.18 5.23 -5.82
CA ALA A 104 8.60 5.13 -7.16
C ALA A 104 8.64 6.47 -7.88
N THR A 105 9.54 6.60 -8.85
CA THR A 105 9.68 7.83 -9.61
C THR A 105 8.81 7.81 -10.85
N THR A 106 7.78 8.65 -10.86
CA THR A 106 6.86 8.72 -11.99
C THR A 106 7.62 8.89 -13.31
N ARG A 107 7.01 8.44 -14.40
CA ARG A 107 7.64 8.52 -15.71
C ARG A 107 7.47 9.93 -16.29
N SER A 108 8.12 10.17 -17.43
CA SER A 108 8.06 11.47 -18.08
C SER A 108 7.02 11.47 -19.20
N ILE A 109 6.60 12.66 -19.62
CA ILE A 109 5.62 12.79 -20.68
C ILE A 109 6.27 13.23 -21.99
N THR A 110 6.09 12.43 -23.03
CA THR A 110 6.66 12.74 -24.34
C THR A 110 5.57 12.93 -25.38
N SER A 111 5.78 13.90 -26.27
CA SER A 111 4.81 14.19 -27.32
C SER A 111 4.99 13.25 -28.51
N GLY A 112 6.22 13.20 -29.02
CA GLY A 112 6.51 12.33 -30.16
C GLY A 112 7.99 12.22 -30.43
N PRO A 113 8.45 12.83 -31.54
CA PRO A 113 9.86 12.81 -31.94
C PRO A 113 10.74 13.64 -31.00
N SER A 114 10.14 14.66 -30.38
CA SER A 114 10.87 15.52 -29.47
C SER A 114 11.81 14.72 -28.58
N SER A 115 11.31 13.61 -28.04
CA SER A 115 12.10 12.75 -27.17
C SER A 115 13.56 12.73 -27.62
N GLY A 116 14.46 12.92 -26.67
CA GLY A 116 15.88 12.91 -26.98
C GLY A 116 16.31 14.13 -27.78
N GLY A 1 -25.00 -18.00 16.62
CA GLY A 1 -24.00 -18.26 17.64
C GLY A 1 -22.60 -17.94 17.17
N SER A 2 -21.91 -18.96 16.65
CA SER A 2 -20.54 -18.78 16.17
C SER A 2 -20.53 -18.11 14.80
N SER A 3 -19.41 -17.49 14.46
CA SER A 3 -19.26 -16.81 13.18
C SER A 3 -18.20 -17.47 12.33
N GLY A 4 -18.15 -17.09 11.05
CA GLY A 4 -17.17 -17.67 10.14
C GLY A 4 -17.27 -17.09 8.74
N SER A 5 -18.42 -17.26 8.11
CA SER A 5 -18.64 -16.75 6.75
C SER A 5 -18.15 -15.31 6.64
N SER A 6 -18.55 -14.48 7.60
CA SER A 6 -18.16 -13.07 7.59
C SER A 6 -17.34 -12.74 8.84
N GLY A 7 -16.02 -12.83 8.71
CA GLY A 7 -15.14 -12.54 9.83
C GLY A 7 -14.48 -13.78 10.39
N PRO A 8 -13.35 -14.18 9.78
CA PRO A 8 -12.61 -15.37 10.21
C PRO A 8 -11.93 -15.17 11.56
N GLU A 9 -12.08 -13.97 12.11
CA GLU A 9 -11.47 -13.64 13.40
C GLU A 9 -11.89 -14.65 14.47
N ASN A 10 -11.17 -15.77 14.53
CA ASN A 10 -11.46 -16.82 15.51
C ASN A 10 -10.22 -17.19 16.30
N ASP A 11 -9.18 -17.63 15.58
CA ASP A 11 -7.93 -18.02 16.22
C ASP A 11 -6.79 -17.11 15.79
N LEU A 12 -7.08 -15.81 15.69
CA LEU A 12 -6.08 -14.83 15.29
C LEU A 12 -5.60 -14.02 16.48
N ASP A 13 -4.62 -13.15 16.25
CA ASP A 13 -4.07 -12.31 17.30
C ASP A 13 -4.22 -10.84 16.96
N GLU A 14 -5.32 -10.23 17.41
CA GLU A 14 -5.58 -8.82 17.14
C GLU A 14 -4.84 -7.94 18.13
N SER A 15 -4.74 -8.40 19.37
CA SER A 15 -4.06 -7.65 20.42
C SER A 15 -2.73 -7.08 19.91
N GLN A 16 -2.21 -7.70 18.85
CA GLN A 16 -0.95 -7.25 18.26
C GLN A 16 -1.16 -6.70 16.87
N VAL A 17 -0.46 -5.61 16.55
CA VAL A 17 -0.58 -4.98 15.24
C VAL A 17 -0.07 -5.90 14.14
N PRO A 18 -0.67 -5.77 12.94
CA PRO A 18 -0.30 -6.58 11.78
C PRO A 18 1.09 -6.23 11.24
N ASP A 19 1.95 -7.24 11.13
CA ASP A 19 3.31 -7.04 10.64
C ASP A 19 3.28 -6.49 9.22
N GLN A 20 4.44 -6.05 8.74
CA GLN A 20 4.55 -5.49 7.39
C GLN A 20 4.37 -6.59 6.34
N PRO A 21 3.99 -6.18 5.12
CA PRO A 21 3.78 -7.10 4.01
C PRO A 21 5.08 -7.72 3.50
N SER A 22 5.12 -9.05 3.46
CA SER A 22 6.30 -9.75 3.00
C SER A 22 7.04 -8.95 1.94
N SER A 23 6.28 -8.26 1.09
CA SER A 23 6.86 -7.45 0.02
C SER A 23 5.85 -6.44 -0.50
N LEU A 24 6.35 -5.30 -0.99
CA LEU A 24 5.49 -4.26 -1.53
C LEU A 24 6.00 -3.78 -2.88
N HIS A 25 5.36 -4.25 -3.95
CA HIS A 25 5.75 -3.86 -5.30
C HIS A 25 5.13 -2.52 -5.68
N VAL A 26 5.95 -1.65 -6.26
CA VAL A 26 5.48 -0.32 -6.68
C VAL A 26 6.06 0.07 -8.03
N ARG A 27 5.18 0.32 -8.99
CA ARG A 27 5.60 0.70 -10.34
C ARG A 27 5.15 2.12 -10.67
N PRO A 28 6.12 3.06 -10.67
CA PRO A 28 5.85 4.47 -10.97
C PRO A 28 5.49 4.69 -12.43
N GLN A 29 4.23 5.06 -12.68
CA GLN A 29 3.76 5.30 -14.03
C GLN A 29 3.86 6.78 -14.38
N THR A 30 3.53 7.12 -15.63
CA THR A 30 3.58 8.50 -16.08
C THR A 30 2.88 9.43 -15.11
N ASN A 31 1.55 9.33 -15.05
CA ASN A 31 0.76 10.17 -14.15
C ASN A 31 0.07 9.32 -13.08
N CYS A 32 0.56 8.10 -12.89
CA CYS A 32 -0.01 7.20 -11.91
C CYS A 32 1.07 6.28 -11.33
N ILE A 33 0.69 5.50 -10.32
CA ILE A 33 1.62 4.58 -9.68
C ILE A 33 0.89 3.42 -9.02
N ILE A 34 1.02 2.23 -9.61
CA ILE A 34 0.38 1.04 -9.08
C ILE A 34 1.26 0.33 -8.06
N MET A 35 0.66 -0.07 -6.95
CA MET A 35 1.41 -0.76 -5.90
C MET A 35 0.67 -2.03 -5.46
N SER A 36 1.40 -3.14 -5.41
CA SER A 36 0.82 -4.42 -5.02
C SER A 36 1.64 -5.06 -3.90
N TRP A 37 1.01 -5.21 -2.74
CA TRP A 37 1.67 -5.81 -1.58
C TRP A 37 1.06 -7.16 -1.25
N THR A 38 1.54 -7.77 -0.17
CA THR A 38 1.03 -9.07 0.27
C THR A 38 0.75 -9.08 1.76
N PRO A 39 -0.02 -10.09 2.21
CA PRO A 39 -0.38 -10.24 3.62
C PRO A 39 0.81 -10.63 4.49
N PRO A 40 0.62 -10.54 5.82
CA PRO A 40 1.68 -10.88 6.79
C PRO A 40 1.96 -12.38 6.82
N LEU A 41 3.24 -12.73 6.78
CA LEU A 41 3.65 -14.13 6.81
C LEU A 41 2.87 -14.90 7.87
N ASN A 42 2.33 -14.18 8.85
CA ASN A 42 1.57 -14.79 9.93
C ASN A 42 0.07 -14.59 9.71
N PRO A 43 -0.58 -15.61 9.12
CA PRO A 43 -2.02 -15.56 8.85
C PRO A 43 -2.86 -15.63 10.12
N ASN A 44 -2.18 -15.73 11.26
CA ASN A 44 -2.86 -15.80 12.54
C ASN A 44 -3.03 -14.42 13.15
N ILE A 45 -2.74 -13.39 12.36
CA ILE A 45 -2.87 -12.01 12.82
C ILE A 45 -4.03 -11.31 12.14
N VAL A 46 -4.82 -10.58 12.92
CA VAL A 46 -5.96 -9.85 12.39
C VAL A 46 -5.53 -8.61 11.63
N VAL A 47 -6.10 -8.41 10.44
CA VAL A 47 -5.77 -7.25 9.63
C VAL A 47 -7.02 -6.47 9.23
N ARG A 48 -7.07 -5.21 9.64
CA ARG A 48 -8.22 -4.36 9.33
C ARG A 48 -7.99 -3.58 8.05
N GLY A 49 -6.75 -3.59 7.57
CA GLY A 49 -6.41 -2.87 6.35
C GLY A 49 -4.98 -2.38 6.34
N TYR A 50 -4.67 -1.48 5.40
CA TYR A 50 -3.32 -0.93 5.29
C TYR A 50 -3.38 0.56 4.96
N ILE A 51 -2.47 1.32 5.57
CA ILE A 51 -2.41 2.76 5.33
C ILE A 51 -1.44 3.10 4.20
N ILE A 52 -1.99 3.57 3.09
CA ILE A 52 -1.17 3.93 1.94
C ILE A 52 -0.72 5.38 2.02
N GLY A 53 0.53 5.59 2.43
CA GLY A 53 1.07 6.93 2.54
C GLY A 53 2.02 7.28 1.41
N TYR A 54 1.48 7.90 0.36
CA TYR A 54 2.29 8.28 -0.79
C TYR A 54 2.41 9.80 -0.89
N GLY A 55 3.47 10.26 -1.54
CA GLY A 55 3.69 11.68 -1.70
C GLY A 55 5.01 12.00 -2.38
N VAL A 56 5.09 13.17 -2.98
CA VAL A 56 6.30 13.60 -3.68
C VAL A 56 7.40 13.96 -2.68
N GLY A 57 8.46 13.16 -2.66
CA GLY A 57 9.57 13.41 -1.76
C GLY A 57 9.30 12.89 -0.36
N SER A 58 8.03 12.81 0.00
CA SER A 58 7.64 12.33 1.32
C SER A 58 6.32 11.57 1.26
N PRO A 59 6.32 10.35 1.81
CA PRO A 59 5.12 9.50 1.83
C PRO A 59 4.04 10.03 2.76
N TYR A 60 4.17 11.29 3.15
CA TYR A 60 3.20 11.93 4.05
C TYR A 60 2.39 12.97 3.31
N ALA A 61 2.54 13.01 1.99
CA ALA A 61 1.81 13.98 1.17
C ALA A 61 0.36 13.54 0.97
N GLU A 62 0.14 12.23 0.95
CA GLU A 62 -1.20 11.68 0.76
C GLU A 62 -1.34 10.34 1.48
N THR A 63 -2.42 10.18 2.23
CA THR A 63 -2.68 8.96 2.96
C THR A 63 -4.03 8.35 2.58
N VAL A 64 -4.06 7.03 2.41
CA VAL A 64 -5.28 6.34 2.05
C VAL A 64 -5.39 5.00 2.76
N ARG A 65 -6.36 4.89 3.67
CA ARG A 65 -6.56 3.67 4.43
C ARG A 65 -7.49 2.71 3.67
N VAL A 66 -6.92 1.61 3.19
CA VAL A 66 -7.69 0.62 2.45
C VAL A 66 -8.09 -0.56 3.35
N ASP A 67 -8.96 -1.41 2.84
CA ASP A 67 -9.42 -2.57 3.60
C ASP A 67 -8.35 -3.66 3.62
N SER A 68 -8.54 -4.65 4.49
CA SER A 68 -7.60 -5.75 4.61
C SER A 68 -7.71 -6.70 3.42
N LYS A 69 -8.55 -6.34 2.47
CA LYS A 69 -8.75 -7.16 1.27
C LYS A 69 -7.95 -6.61 0.09
N GLN A 70 -7.82 -5.29 0.04
CA GLN A 70 -7.07 -4.64 -1.04
C GLN A 70 -5.63 -5.14 -1.07
N ARG A 71 -5.25 -5.78 -2.17
CA ARG A 71 -3.90 -6.30 -2.32
C ARG A 71 -3.06 -5.38 -3.19
N TYR A 72 -3.66 -4.28 -3.64
CA TYR A 72 -2.96 -3.31 -4.48
C TYR A 72 -3.78 -2.05 -4.64
N TYR A 73 -3.09 -0.93 -4.89
CA TYR A 73 -3.76 0.35 -5.06
C TYR A 73 -3.11 1.16 -6.18
N SER A 74 -3.92 1.64 -7.11
CA SER A 74 -3.42 2.42 -8.23
C SER A 74 -3.56 3.92 -7.96
N ILE A 75 -2.43 4.55 -7.65
CA ILE A 75 -2.43 5.98 -7.37
C ILE A 75 -2.37 6.80 -8.65
N GLU A 76 -3.44 7.53 -8.93
CA GLU A 76 -3.51 8.35 -10.13
C GLU A 76 -3.49 9.84 -9.77
N ARG A 77 -3.60 10.69 -10.78
CA ARG A 77 -3.59 12.13 -10.58
C ARG A 77 -2.23 12.60 -10.09
N LEU A 78 -1.17 12.07 -10.69
CA LEU A 78 0.20 12.43 -10.31
C LEU A 78 0.93 13.07 -11.49
N GLU A 79 2.04 13.74 -11.19
CA GLU A 79 2.84 14.39 -12.22
C GLU A 79 3.82 13.41 -12.85
N SER A 80 4.68 13.93 -13.73
CA SER A 80 5.67 13.10 -14.40
C SER A 80 7.08 13.47 -13.98
N SER A 81 7.98 12.50 -14.01
CA SER A 81 9.38 12.73 -13.63
C SER A 81 9.46 13.26 -12.19
N SER A 82 8.86 12.52 -11.26
CA SER A 82 8.87 12.92 -9.86
C SER A 82 9.00 11.70 -8.95
N HIS A 83 9.89 11.78 -7.97
CA HIS A 83 10.11 10.69 -7.03
C HIS A 83 8.96 10.61 -6.02
N TYR A 84 8.08 9.64 -6.23
CA TYR A 84 6.93 9.46 -5.34
C TYR A 84 7.22 8.37 -4.31
N VAL A 85 7.35 8.77 -3.05
CA VAL A 85 7.62 7.81 -1.98
C VAL A 85 6.35 7.12 -1.52
N ILE A 86 6.36 5.79 -1.54
CA ILE A 86 5.20 5.01 -1.13
C ILE A 86 5.52 4.14 0.09
N SER A 87 4.77 4.34 1.17
CA SER A 87 4.98 3.59 2.40
C SER A 87 3.69 2.94 2.86
N LEU A 88 3.59 1.63 2.68
CA LEU A 88 2.39 0.89 3.09
C LEU A 88 2.61 0.19 4.42
N LYS A 89 1.61 0.25 5.30
CA LYS A 89 1.69 -0.38 6.61
C LYS A 89 0.34 -0.96 7.01
N ALA A 90 0.38 -2.11 7.67
CA ALA A 90 -0.85 -2.77 8.11
C ALA A 90 -1.36 -2.18 9.41
N PHE A 91 -2.68 -2.13 9.57
CA PHE A 91 -3.29 -1.58 10.77
C PHE A 91 -4.42 -2.48 11.26
N ASN A 92 -4.82 -2.28 12.52
CA ASN A 92 -5.89 -3.06 13.11
C ASN A 92 -6.34 -2.46 14.44
N ASN A 93 -7.25 -3.15 15.12
CA ASN A 93 -7.76 -2.67 16.40
C ASN A 93 -6.62 -2.30 17.34
N ALA A 94 -5.47 -2.94 17.14
CA ALA A 94 -4.30 -2.67 17.98
C ALA A 94 -3.60 -1.39 17.54
N GLY A 95 -3.71 -1.06 16.26
CA GLY A 95 -3.09 0.14 15.75
C GLY A 95 -2.34 -0.11 14.45
N GLU A 96 -1.11 0.37 14.37
CA GLU A 96 -0.29 0.20 13.17
C GLU A 96 0.95 -0.64 13.47
N GLY A 97 1.40 -1.39 12.47
CA GLY A 97 2.57 -2.23 12.64
C GLY A 97 3.74 -1.78 11.78
N VAL A 98 4.88 -2.45 11.94
CA VAL A 98 6.07 -2.12 11.17
C VAL A 98 5.71 -1.67 9.77
N PRO A 99 5.74 -0.34 9.55
CA PRO A 99 5.42 0.25 8.24
C PRO A 99 6.48 -0.05 7.19
N LEU A 100 6.04 -0.31 5.97
CA LEU A 100 6.96 -0.61 4.88
C LEU A 100 7.05 0.56 3.91
N TYR A 101 8.26 1.04 3.68
CA TYR A 101 8.49 2.16 2.77
C TYR A 101 8.97 1.67 1.40
N GLU A 102 8.85 2.52 0.40
CA GLU A 102 9.27 2.18 -0.96
C GLU A 102 9.58 3.43 -1.77
N SER A 103 9.88 3.24 -3.05
CA SER A 103 10.18 4.36 -3.93
C SER A 103 9.60 4.13 -5.33
N ALA A 104 9.10 5.20 -5.93
CA ALA A 104 8.51 5.13 -7.26
C ALA A 104 8.56 6.47 -7.97
N THR A 105 9.46 6.62 -8.92
CA THR A 105 9.62 7.85 -9.67
C THR A 105 8.80 7.83 -10.95
N THR A 106 7.73 8.62 -10.99
CA THR A 106 6.86 8.67 -12.16
C THR A 106 7.67 8.72 -13.45
N ARG A 107 7.04 8.35 -14.56
CA ARG A 107 7.72 8.35 -15.85
C ARG A 107 7.72 9.75 -16.46
N SER A 108 8.22 9.86 -17.69
CA SER A 108 8.29 11.13 -18.38
C SER A 108 7.23 11.22 -19.49
N ILE A 109 6.65 12.40 -19.66
CA ILE A 109 5.64 12.61 -20.68
C ILE A 109 6.21 12.45 -22.07
N THR A 110 5.55 11.64 -22.89
CA THR A 110 6.00 11.39 -24.26
C THR A 110 5.26 12.28 -25.25
N SER A 111 6.00 12.91 -26.15
CA SER A 111 5.41 13.79 -27.15
C SER A 111 5.31 13.08 -28.49
N GLY A 112 4.23 12.32 -28.69
CA GLY A 112 4.04 11.60 -29.93
C GLY A 112 5.07 10.51 -30.14
N PRO A 113 4.60 9.25 -30.22
CA PRO A 113 5.46 8.08 -30.41
C PRO A 113 6.08 8.05 -31.81
N SER A 114 7.38 8.32 -31.88
CA SER A 114 8.09 8.31 -33.16
C SER A 114 7.58 7.20 -34.06
N SER A 115 7.44 6.01 -33.50
CA SER A 115 6.96 4.85 -34.26
C SER A 115 5.71 4.27 -33.61
N GLY A 116 5.05 3.37 -34.34
CA GLY A 116 3.85 2.73 -33.82
C GLY A 116 2.88 3.73 -33.21
N GLY A 1 -17.00 -13.82 -6.55
CA GLY A 1 -16.45 -14.76 -5.60
C GLY A 1 -15.38 -14.15 -4.72
N SER A 2 -14.41 -14.97 -4.30
CA SER A 2 -13.33 -14.50 -3.44
C SER A 2 -12.28 -13.76 -4.26
N SER A 3 -12.25 -12.44 -4.13
CA SER A 3 -11.30 -11.61 -4.86
C SER A 3 -9.96 -11.54 -4.12
N GLY A 4 -10.03 -11.35 -2.82
CA GLY A 4 -8.83 -11.27 -2.01
C GLY A 4 -8.72 -12.40 -1.01
N SER A 5 -7.55 -12.53 -0.39
CA SER A 5 -7.32 -13.59 0.59
C SER A 5 -7.88 -13.19 1.95
N SER A 6 -9.07 -12.61 1.96
CA SER A 6 -9.72 -12.18 3.19
C SER A 6 -9.93 -13.36 4.13
N GLY A 7 -10.14 -13.07 5.40
CA GLY A 7 -10.35 -14.12 6.38
C GLY A 7 -11.03 -13.61 7.64
N PRO A 8 -11.95 -14.43 8.19
CA PRO A 8 -12.69 -14.08 9.40
C PRO A 8 -11.81 -14.06 10.64
N GLU A 9 -12.44 -14.05 11.81
CA GLU A 9 -11.71 -14.04 13.08
C GLU A 9 -11.75 -15.42 13.73
N ASN A 10 -10.78 -16.25 13.37
CA ASN A 10 -10.69 -17.60 13.92
C ASN A 10 -9.24 -18.00 14.19
N ASP A 11 -8.90 -18.15 15.46
CA ASP A 11 -7.54 -18.53 15.85
C ASP A 11 -6.54 -17.49 15.35
N LEU A 12 -6.84 -16.22 15.57
CA LEU A 12 -5.96 -15.13 15.16
C LEU A 12 -5.66 -14.20 16.32
N ASP A 13 -4.82 -13.21 16.07
CA ASP A 13 -4.45 -12.24 17.09
C ASP A 13 -4.78 -10.81 16.64
N GLU A 14 -5.41 -10.06 17.52
CA GLU A 14 -5.80 -8.68 17.20
C GLU A 14 -5.18 -7.70 18.21
N SER A 15 -4.89 -8.19 19.41
CA SER A 15 -4.31 -7.37 20.46
C SER A 15 -3.07 -6.65 19.95
N GLN A 16 -2.30 -7.33 19.10
CA GLN A 16 -1.09 -6.76 18.53
C GLN A 16 -1.34 -6.22 17.14
N VAL A 17 -0.41 -5.38 16.67
CA VAL A 17 -0.53 -4.78 15.34
C VAL A 17 -0.02 -5.73 14.26
N PRO A 18 -0.62 -5.66 13.06
CA PRO A 18 -0.25 -6.50 11.93
C PRO A 18 1.12 -6.13 11.37
N ASP A 19 2.01 -7.12 11.32
CA ASP A 19 3.36 -6.91 10.80
C ASP A 19 3.32 -6.35 9.38
N GLN A 20 4.49 -5.98 8.87
CA GLN A 20 4.59 -5.43 7.53
C GLN A 20 4.44 -6.53 6.47
N PRO A 21 4.10 -6.13 5.24
CA PRO A 21 3.93 -7.06 4.13
C PRO A 21 5.26 -7.66 3.66
N SER A 22 5.31 -9.00 3.63
CA SER A 22 6.52 -9.69 3.21
C SER A 22 7.20 -8.97 2.06
N SER A 23 6.40 -8.34 1.20
CA SER A 23 6.92 -7.62 0.05
C SER A 23 5.87 -6.63 -0.48
N LEU A 24 6.37 -5.54 -1.07
CA LEU A 24 5.48 -4.52 -1.61
C LEU A 24 5.98 -4.05 -2.99
N HIS A 25 5.29 -4.49 -4.03
CA HIS A 25 5.66 -4.10 -5.39
C HIS A 25 5.05 -2.76 -5.77
N VAL A 26 5.84 -1.90 -6.40
CA VAL A 26 5.38 -0.59 -6.82
C VAL A 26 5.95 -0.21 -8.18
N ARG A 27 5.07 0.27 -9.07
CA ARG A 27 5.48 0.66 -10.42
C ARG A 27 5.05 2.09 -10.71
N PRO A 28 6.02 3.02 -10.68
CA PRO A 28 5.77 4.44 -10.95
C PRO A 28 5.42 4.70 -12.41
N GLN A 29 4.15 5.00 -12.66
CA GLN A 29 3.70 5.28 -14.02
C GLN A 29 3.82 6.76 -14.35
N THR A 30 3.33 7.15 -15.52
CA THR A 30 3.39 8.54 -15.96
C THR A 30 2.75 9.47 -14.94
N ASN A 31 1.46 9.28 -14.70
CA ASN A 31 0.73 10.10 -13.74
C ASN A 31 0.12 9.23 -12.64
N CYS A 32 0.25 7.92 -12.79
CA CYS A 32 -0.28 6.98 -11.80
C CYS A 32 0.82 6.12 -11.21
N ILE A 33 0.47 5.32 -10.22
CA ILE A 33 1.44 4.45 -9.56
C ILE A 33 0.74 3.26 -8.89
N ILE A 34 0.84 2.09 -9.51
CA ILE A 34 0.23 0.88 -8.96
C ILE A 34 1.15 0.21 -7.96
N MET A 35 0.59 -0.20 -6.82
CA MET A 35 1.37 -0.86 -5.78
C MET A 35 0.65 -2.12 -5.30
N SER A 36 1.34 -3.25 -5.35
CA SER A 36 0.77 -4.52 -4.93
C SER A 36 1.58 -5.13 -3.79
N TRP A 37 0.94 -5.30 -2.64
CA TRP A 37 1.61 -5.88 -1.48
C TRP A 37 0.98 -7.22 -1.09
N THR A 38 1.45 -7.78 0.03
CA THR A 38 0.92 -9.05 0.51
C THR A 38 0.71 -9.02 2.02
N PRO A 39 -0.01 -10.03 2.53
CA PRO A 39 -0.30 -10.13 3.97
C PRO A 39 0.94 -10.49 4.77
N PRO A 40 0.81 -10.41 6.11
CA PRO A 40 1.92 -10.73 7.03
C PRO A 40 2.25 -12.22 7.04
N LEU A 41 3.54 -12.53 7.13
CA LEU A 41 4.00 -13.91 7.15
C LEU A 41 3.25 -14.71 8.21
N ASN A 42 2.64 -14.00 9.17
CA ASN A 42 1.89 -14.64 10.24
C ASN A 42 0.40 -14.54 9.99
N PRO A 43 -0.19 -15.61 9.41
CA PRO A 43 -1.62 -15.66 9.11
C PRO A 43 -2.47 -15.75 10.37
N ASN A 44 -1.82 -15.79 11.53
CA ASN A 44 -2.52 -15.87 12.80
C ASN A 44 -2.82 -14.48 13.35
N ILE A 45 -2.58 -13.46 12.53
CA ILE A 45 -2.83 -12.08 12.93
C ILE A 45 -3.99 -11.49 12.15
N VAL A 46 -4.75 -10.62 12.80
CA VAL A 46 -5.90 -9.97 12.17
C VAL A 46 -5.48 -8.70 11.45
N VAL A 47 -6.05 -8.48 10.27
CA VAL A 47 -5.73 -7.29 9.48
C VAL A 47 -7.01 -6.57 9.04
N ARG A 48 -7.11 -5.30 9.41
CA ARG A 48 -8.27 -4.49 9.06
C ARG A 48 -8.03 -3.71 7.77
N GLY A 49 -6.76 -3.61 7.37
CA GLY A 49 -6.42 -2.89 6.16
C GLY A 49 -4.98 -2.43 6.15
N TYR A 50 -4.72 -1.35 5.42
CA TYR A 50 -3.36 -0.81 5.33
C TYR A 50 -3.40 0.69 5.03
N ILE A 51 -2.36 1.39 5.46
CA ILE A 51 -2.27 2.83 5.24
C ILE A 51 -1.27 3.16 4.14
N ILE A 52 -1.76 3.68 3.02
CA ILE A 52 -0.91 4.04 1.90
C ILE A 52 -0.48 5.50 1.97
N GLY A 53 0.75 5.71 2.45
CA GLY A 53 1.27 7.06 2.56
C GLY A 53 2.20 7.42 1.43
N TYR A 54 1.64 7.99 0.36
CA TYR A 54 2.44 8.39 -0.80
C TYR A 54 2.56 9.90 -0.88
N GLY A 55 3.61 10.37 -1.55
CA GLY A 55 3.82 11.79 -1.69
C GLY A 55 5.14 12.12 -2.38
N VAL A 56 5.19 13.28 -3.03
CA VAL A 56 6.40 13.70 -3.73
C VAL A 56 7.54 13.98 -2.75
N GLY A 57 8.50 13.07 -2.71
CA GLY A 57 9.63 13.22 -1.81
C GLY A 57 9.34 12.72 -0.41
N SER A 58 8.10 12.91 0.03
CA SER A 58 7.70 12.47 1.37
C SER A 58 6.41 11.66 1.31
N PRO A 59 6.46 10.44 1.87
CA PRO A 59 5.31 9.53 1.89
C PRO A 59 4.21 10.02 2.82
N TYR A 60 4.29 11.28 3.22
CA TYR A 60 3.31 11.88 4.12
C TYR A 60 2.49 12.95 3.40
N ALA A 61 2.61 12.99 2.07
CA ALA A 61 1.89 13.96 1.27
C ALA A 61 0.45 13.50 1.01
N GLU A 62 0.27 12.19 0.91
CA GLU A 62 -1.06 11.62 0.67
C GLU A 62 -1.22 10.29 1.39
N THR A 63 -2.28 10.16 2.17
CA THR A 63 -2.55 8.94 2.91
C THR A 63 -3.89 8.32 2.50
N VAL A 64 -3.92 7.00 2.37
CA VAL A 64 -5.13 6.29 1.99
C VAL A 64 -5.26 4.98 2.73
N ARG A 65 -6.26 4.90 3.61
CA ARG A 65 -6.49 3.69 4.40
C ARG A 65 -7.43 2.74 3.66
N VAL A 66 -6.88 1.65 3.15
CA VAL A 66 -7.67 0.66 2.43
C VAL A 66 -8.08 -0.49 3.35
N ASP A 67 -8.92 -1.38 2.82
CA ASP A 67 -9.38 -2.54 3.59
C ASP A 67 -8.34 -3.65 3.57
N SER A 68 -8.54 -4.65 4.43
CA SER A 68 -7.63 -5.78 4.52
C SER A 68 -7.76 -6.69 3.32
N LYS A 69 -8.63 -6.30 2.39
CA LYS A 69 -8.85 -7.08 1.17
C LYS A 69 -8.06 -6.52 0.00
N GLN A 70 -7.88 -5.20 -0.02
CA GLN A 70 -7.13 -4.54 -1.07
C GLN A 70 -5.68 -5.02 -1.09
N ARG A 71 -5.34 -5.85 -2.07
CA ARG A 71 -3.98 -6.37 -2.18
C ARG A 71 -3.13 -5.47 -3.07
N TYR A 72 -3.74 -4.41 -3.58
CA TYR A 72 -3.04 -3.47 -4.45
C TYR A 72 -3.85 -2.19 -4.65
N TYR A 73 -3.16 -1.07 -4.82
CA TYR A 73 -3.82 0.22 -5.02
C TYR A 73 -3.16 1.00 -6.16
N SER A 74 -3.99 1.55 -7.04
CA SER A 74 -3.49 2.30 -8.18
C SER A 74 -3.67 3.80 -7.94
N ILE A 75 -2.58 4.47 -7.56
CA ILE A 75 -2.62 5.91 -7.30
C ILE A 75 -2.66 6.69 -8.60
N GLU A 76 -3.54 7.69 -8.65
CA GLU A 76 -3.68 8.52 -9.84
C GLU A 76 -3.70 10.00 -9.46
N ARG A 77 -3.83 10.86 -10.47
CA ARG A 77 -3.86 12.30 -10.25
C ARG A 77 -2.52 12.80 -9.75
N LEU A 78 -1.44 12.23 -10.29
CA LEU A 78 -0.09 12.62 -9.90
C LEU A 78 0.62 13.36 -11.03
N GLU A 79 1.83 13.81 -10.77
CA GLU A 79 2.62 14.54 -11.77
C GLU A 79 3.60 13.59 -12.47
N SER A 80 4.36 14.14 -13.40
CA SER A 80 5.34 13.36 -14.15
C SER A 80 6.76 13.78 -13.79
N SER A 81 7.71 12.85 -13.92
CA SER A 81 9.11 13.12 -13.61
C SER A 81 9.25 13.64 -12.18
N SER A 82 8.68 12.91 -11.24
CA SER A 82 8.74 13.29 -9.82
C SER A 82 8.84 12.06 -8.93
N HIS A 83 9.72 12.12 -7.94
CA HIS A 83 9.90 11.01 -7.01
C HIS A 83 8.73 10.94 -6.03
N TYR A 84 8.07 9.78 -6.00
CA TYR A 84 6.94 9.59 -5.11
C TYR A 84 7.22 8.48 -4.10
N VAL A 85 7.50 8.87 -2.87
CA VAL A 85 7.80 7.91 -1.81
C VAL A 85 6.53 7.22 -1.32
N ILE A 86 6.48 5.90 -1.51
CA ILE A 86 5.31 5.12 -1.10
C ILE A 86 5.61 4.32 0.17
N SER A 87 4.79 4.51 1.20
CA SER A 87 4.97 3.81 2.46
C SER A 87 3.69 3.08 2.87
N LEU A 88 3.70 1.76 2.71
CA LEU A 88 2.54 0.95 3.06
C LEU A 88 2.74 0.26 4.40
N LYS A 89 1.67 0.19 5.20
CA LYS A 89 1.74 -0.44 6.51
C LYS A 89 0.38 -1.03 6.90
N ALA A 90 0.41 -2.18 7.56
CA ALA A 90 -0.83 -2.84 7.98
C ALA A 90 -1.35 -2.23 9.27
N PHE A 91 -2.67 -2.19 9.42
CA PHE A 91 -3.30 -1.63 10.60
C PHE A 91 -4.48 -2.51 11.05
N ASN A 92 -4.90 -2.32 12.30
CA ASN A 92 -6.01 -3.08 12.85
C ASN A 92 -6.50 -2.46 14.15
N ASN A 93 -7.47 -3.12 14.79
CA ASN A 93 -8.02 -2.64 16.05
C ASN A 93 -6.92 -2.32 17.05
N ALA A 94 -5.76 -2.95 16.86
CA ALA A 94 -4.63 -2.74 17.75
C ALA A 94 -3.87 -1.47 17.36
N GLY A 95 -3.92 -1.12 16.09
CA GLY A 95 -3.24 0.07 15.62
C GLY A 95 -2.46 -0.17 14.34
N GLU A 96 -1.23 0.31 14.30
CA GLU A 96 -0.39 0.14 13.11
C GLU A 96 0.87 -0.67 13.45
N GLY A 97 1.37 -1.42 12.47
CA GLY A 97 2.56 -2.22 12.68
C GLY A 97 3.72 -1.76 11.85
N VAL A 98 4.86 -2.41 12.02
CA VAL A 98 6.07 -2.06 11.27
C VAL A 98 5.73 -1.57 9.87
N PRO A 99 5.82 -0.25 9.67
CA PRO A 99 5.52 0.37 8.37
C PRO A 99 6.57 0.04 7.32
N LEU A 100 6.12 -0.16 6.08
CA LEU A 100 7.01 -0.48 4.98
C LEU A 100 7.13 0.68 4.01
N TYR A 101 8.36 1.13 3.77
CA TYR A 101 8.61 2.24 2.87
C TYR A 101 8.99 1.74 1.48
N GLU A 102 8.89 2.62 0.48
CA GLU A 102 9.22 2.26 -0.89
C GLU A 102 9.50 3.52 -1.72
N SER A 103 9.91 3.31 -2.96
CA SER A 103 10.22 4.42 -3.86
C SER A 103 9.61 4.17 -5.24
N ALA A 104 9.12 5.24 -5.86
CA ALA A 104 8.51 5.16 -7.18
C ALA A 104 8.48 6.52 -7.86
N THR A 105 9.37 6.72 -8.83
CA THR A 105 9.44 7.97 -9.56
C THR A 105 8.62 7.90 -10.85
N THR A 106 7.53 8.66 -10.90
CA THR A 106 6.67 8.69 -12.08
C THR A 106 7.49 8.77 -13.35
N ARG A 107 6.84 8.56 -14.49
CA ARG A 107 7.51 8.61 -15.78
C ARG A 107 7.43 10.01 -16.38
N SER A 108 8.13 10.22 -17.50
CA SER A 108 8.15 11.51 -18.16
C SER A 108 7.45 11.43 -19.51
N ILE A 109 6.38 12.20 -19.67
CA ILE A 109 5.62 12.23 -20.92
C ILE A 109 6.52 12.59 -22.09
N THR A 110 6.39 11.84 -23.18
CA THR A 110 7.18 12.08 -24.37
C THR A 110 6.76 13.38 -25.06
N SER A 111 5.45 13.58 -25.20
CA SER A 111 4.92 14.76 -25.84
C SER A 111 3.47 15.01 -25.41
N GLY A 112 3.21 16.19 -24.86
CA GLY A 112 1.87 16.52 -24.43
C GLY A 112 1.20 17.54 -25.32
N PRO A 113 1.26 18.82 -24.93
CA PRO A 113 0.66 19.92 -25.69
C PRO A 113 1.40 20.19 -27.00
N SER A 114 0.65 20.43 -28.06
CA SER A 114 1.24 20.70 -29.36
C SER A 114 0.22 21.37 -30.29
N SER A 115 0.72 22.25 -31.16
CA SER A 115 -0.14 22.97 -32.09
C SER A 115 0.01 22.40 -33.51
N GLY A 116 -1.06 22.49 -34.28
CA GLY A 116 -1.04 22.00 -35.64
C GLY A 116 -0.70 20.51 -35.71
N GLY A 1 -28.93 -19.29 3.30
CA GLY A 1 -28.21 -18.27 2.56
C GLY A 1 -27.37 -17.37 3.46
N SER A 2 -26.57 -17.98 4.33
CA SER A 2 -25.73 -17.23 5.25
C SER A 2 -24.39 -16.88 4.60
N SER A 3 -24.45 -16.46 3.33
CA SER A 3 -23.24 -16.09 2.59
C SER A 3 -22.65 -14.80 3.14
N GLY A 4 -21.38 -14.85 3.52
CA GLY A 4 -20.71 -13.68 4.06
C GLY A 4 -19.45 -14.02 4.81
N SER A 5 -19.56 -14.94 5.77
CA SER A 5 -18.42 -15.35 6.57
C SER A 5 -17.59 -14.15 7.00
N SER A 6 -18.27 -13.04 7.27
CA SER A 6 -17.59 -11.81 7.68
C SER A 6 -16.69 -12.07 8.88
N GLY A 7 -15.90 -11.08 9.25
CA GLY A 7 -15.00 -11.21 10.38
C GLY A 7 -14.32 -12.56 10.42
N PRO A 8 -13.22 -12.70 9.67
CA PRO A 8 -12.45 -13.95 9.60
C PRO A 8 -11.71 -14.25 10.89
N GLU A 9 -11.91 -13.38 11.90
CA GLU A 9 -11.26 -13.56 13.18
C GLU A 9 -11.31 -15.02 13.63
N ASN A 10 -10.28 -15.78 13.29
CA ASN A 10 -10.20 -17.19 13.66
C ASN A 10 -8.82 -17.54 14.20
N ASP A 11 -8.73 -17.63 15.52
CA ASP A 11 -7.47 -17.97 16.19
C ASP A 11 -6.37 -17.00 15.76
N LEU A 12 -6.70 -15.72 15.69
CA LEU A 12 -5.74 -14.69 15.30
C LEU A 12 -5.34 -13.84 16.49
N ASP A 13 -4.41 -12.91 16.26
CA ASP A 13 -3.94 -12.02 17.32
C ASP A 13 -4.24 -10.56 16.97
N GLU A 14 -5.22 -9.99 17.66
CA GLU A 14 -5.61 -8.60 17.43
C GLU A 14 -4.90 -7.67 18.41
N SER A 15 -4.57 -8.19 19.58
CA SER A 15 -3.89 -7.41 20.60
C SER A 15 -2.60 -6.80 20.06
N GLN A 16 -2.06 -7.42 19.00
CA GLN A 16 -0.83 -6.94 18.39
C GLN A 16 -1.10 -6.42 16.98
N VAL A 17 -0.36 -5.38 16.59
CA VAL A 17 -0.51 -4.79 15.28
C VAL A 17 0.03 -5.71 14.18
N PRO A 18 -0.53 -5.60 12.97
CA PRO A 18 -0.11 -6.42 11.83
C PRO A 18 1.27 -6.03 11.33
N ASP A 19 2.09 -7.04 11.05
CA ASP A 19 3.45 -6.80 10.55
C ASP A 19 3.42 -6.32 9.10
N GLN A 20 4.55 -5.82 8.63
CA GLN A 20 4.65 -5.32 7.27
C GLN A 20 4.45 -6.44 6.26
N PRO A 21 4.04 -6.07 5.03
CA PRO A 21 3.80 -7.03 3.95
C PRO A 21 5.08 -7.68 3.45
N SER A 22 5.12 -9.01 3.46
CA SER A 22 6.30 -9.73 3.01
C SER A 22 7.02 -8.98 1.91
N SER A 23 6.24 -8.34 1.02
CA SER A 23 6.81 -7.58 -0.08
C SER A 23 5.80 -6.58 -0.62
N LEU A 24 6.30 -5.45 -1.12
CA LEU A 24 5.43 -4.41 -1.67
C LEU A 24 5.98 -3.91 -3.01
N HIS A 25 5.35 -4.35 -4.10
CA HIS A 25 5.76 -3.94 -5.43
C HIS A 25 5.12 -2.61 -5.83
N VAL A 26 5.94 -1.66 -6.26
CA VAL A 26 5.44 -0.35 -6.67
C VAL A 26 6.01 0.06 -8.02
N ARG A 27 5.13 0.25 -8.99
CA ARG A 27 5.55 0.64 -10.33
C ARG A 27 5.09 2.07 -10.65
N PRO A 28 6.04 3.01 -10.62
CA PRO A 28 5.76 4.43 -10.90
C PRO A 28 5.41 4.67 -12.37
N GLN A 29 4.19 5.08 -12.62
CA GLN A 29 3.73 5.35 -13.99
C GLN A 29 3.80 6.85 -14.30
N THR A 30 3.50 7.20 -15.55
CA THR A 30 3.53 8.59 -15.98
C THR A 30 2.86 9.49 -14.95
N ASN A 31 1.53 9.39 -14.86
CA ASN A 31 0.77 10.21 -13.91
C ASN A 31 0.12 9.34 -12.84
N CYS A 32 0.35 8.03 -12.93
CA CYS A 32 -0.21 7.08 -11.97
C CYS A 32 0.89 6.23 -11.35
N ILE A 33 0.51 5.42 -10.36
CA ILE A 33 1.46 4.55 -9.69
C ILE A 33 0.75 3.37 -9.02
N ILE A 34 0.87 2.20 -9.63
CA ILE A 34 0.24 1.00 -9.09
C ILE A 34 1.15 0.30 -8.08
N MET A 35 0.59 -0.09 -6.95
CA MET A 35 1.35 -0.78 -5.90
C MET A 35 0.59 -2.00 -5.40
N SER A 36 1.31 -3.12 -5.31
CA SER A 36 0.71 -4.37 -4.84
C SER A 36 1.55 -4.99 -3.72
N TRP A 37 0.90 -5.23 -2.59
CA TRP A 37 1.58 -5.82 -1.43
C TRP A 37 0.95 -7.16 -1.05
N THR A 38 1.53 -7.80 -0.05
CA THR A 38 1.03 -9.10 0.41
C THR A 38 0.78 -9.09 1.91
N PRO A 39 0.01 -10.07 2.40
CA PRO A 39 -0.31 -10.21 3.82
C PRO A 39 0.89 -10.61 4.66
N PRO A 40 0.75 -10.54 5.99
CA PRO A 40 1.81 -10.90 6.92
C PRO A 40 2.10 -12.40 6.93
N LEU A 41 3.38 -12.75 6.93
CA LEU A 41 3.79 -14.15 6.95
C LEU A 41 3.08 -14.92 8.05
N ASN A 42 2.53 -14.18 9.01
CA ASN A 42 1.82 -14.79 10.13
C ASN A 42 0.31 -14.64 9.96
N PRO A 43 -0.33 -15.70 9.47
CA PRO A 43 -1.79 -15.71 9.26
C PRO A 43 -2.57 -15.72 10.57
N ASN A 44 -1.84 -15.72 11.69
CA ASN A 44 -2.47 -15.73 13.00
C ASN A 44 -2.65 -14.30 13.52
N ILE A 45 -2.44 -13.33 12.65
CA ILE A 45 -2.58 -11.93 13.02
C ILE A 45 -3.77 -11.28 12.31
N VAL A 46 -4.46 -10.38 13.02
CA VAL A 46 -5.61 -9.70 12.46
C VAL A 46 -5.19 -8.48 11.65
N VAL A 47 -5.88 -8.22 10.55
CA VAL A 47 -5.59 -7.09 9.69
C VAL A 47 -6.86 -6.38 9.24
N ARG A 48 -6.99 -5.11 9.60
CA ARG A 48 -8.17 -4.33 9.23
C ARG A 48 -7.92 -3.58 7.93
N GLY A 49 -6.70 -3.66 7.41
CA GLY A 49 -6.36 -2.98 6.18
C GLY A 49 -4.93 -2.49 6.17
N TYR A 50 -4.66 -1.49 5.33
CA TYR A 50 -3.31 -0.94 5.22
C TYR A 50 -3.37 0.56 4.90
N ILE A 51 -2.40 1.30 5.42
CA ILE A 51 -2.34 2.75 5.20
C ILE A 51 -1.35 3.08 4.10
N ILE A 52 -1.87 3.60 2.98
CA ILE A 52 -1.02 3.97 1.85
C ILE A 52 -0.58 5.43 1.95
N GLY A 53 0.65 5.64 2.40
CA GLY A 53 1.18 6.98 2.54
C GLY A 53 2.15 7.34 1.41
N TYR A 54 1.62 7.99 0.37
CA TYR A 54 2.45 8.38 -0.77
C TYR A 54 2.56 9.90 -0.85
N GLY A 55 3.64 10.37 -1.48
CA GLY A 55 3.84 11.80 -1.62
C GLY A 55 5.16 12.13 -2.28
N VAL A 56 5.22 13.27 -2.95
CA VAL A 56 6.44 13.71 -3.64
C VAL A 56 7.52 14.06 -2.62
N GLY A 57 8.60 13.28 -2.63
CA GLY A 57 9.69 13.53 -1.71
C GLY A 57 9.44 12.97 -0.32
N SER A 58 8.17 12.93 0.06
CA SER A 58 7.79 12.43 1.38
C SER A 58 6.48 11.64 1.30
N PRO A 59 6.49 10.41 1.83
CA PRO A 59 5.32 9.54 1.83
C PRO A 59 4.22 10.04 2.77
N TYR A 60 4.36 11.28 3.22
CA TYR A 60 3.39 11.87 4.12
C TYR A 60 2.60 12.98 3.43
N ALA A 61 2.57 12.93 2.10
CA ALA A 61 1.84 13.92 1.31
C ALA A 61 0.40 13.48 1.05
N GLU A 62 0.21 12.16 0.98
CA GLU A 62 -1.13 11.61 0.74
C GLU A 62 -1.29 10.26 1.42
N THR A 63 -2.34 10.13 2.23
CA THR A 63 -2.60 8.89 2.96
C THR A 63 -3.94 8.30 2.54
N VAL A 64 -3.97 6.98 2.36
CA VAL A 64 -5.18 6.29 1.96
C VAL A 64 -5.31 4.95 2.69
N ARG A 65 -6.31 4.86 3.56
CA ARG A 65 -6.53 3.63 4.33
C ARG A 65 -7.49 2.71 3.58
N VAL A 66 -6.98 1.56 3.13
CA VAL A 66 -7.79 0.59 2.40
C VAL A 66 -8.21 -0.56 3.30
N ASP A 67 -8.97 -1.49 2.75
CA ASP A 67 -9.43 -2.65 3.50
C ASP A 67 -8.38 -3.76 3.50
N SER A 68 -8.54 -4.73 4.39
CA SER A 68 -7.62 -5.85 4.48
C SER A 68 -7.78 -6.80 3.30
N LYS A 69 -8.63 -6.40 2.35
CA LYS A 69 -8.87 -7.22 1.17
C LYS A 69 -8.09 -6.68 -0.03
N GLN A 70 -7.80 -5.38 0.00
CA GLN A 70 -7.06 -4.75 -1.08
C GLN A 70 -5.61 -5.20 -1.09
N ARG A 71 -5.20 -5.86 -2.16
CA ARG A 71 -3.84 -6.34 -2.30
C ARG A 71 -2.98 -5.37 -3.10
N TYR A 72 -3.63 -4.37 -3.68
CA TYR A 72 -2.93 -3.37 -4.48
C TYR A 72 -3.77 -2.09 -4.62
N TYR A 73 -3.09 -0.98 -4.86
CA TYR A 73 -3.78 0.30 -5.01
C TYR A 73 -3.15 1.12 -6.13
N SER A 74 -3.98 1.56 -7.08
CA SER A 74 -3.50 2.35 -8.20
C SER A 74 -3.64 3.85 -7.92
N ILE A 75 -2.52 4.49 -7.64
CA ILE A 75 -2.52 5.93 -7.36
C ILE A 75 -2.54 6.75 -8.64
N GLU A 76 -3.52 7.64 -8.76
CA GLU A 76 -3.65 8.49 -9.93
C GLU A 76 -3.62 9.96 -9.55
N ARG A 77 -3.81 10.83 -10.54
CA ARG A 77 -3.81 12.27 -10.30
C ARG A 77 -2.44 12.74 -9.81
N LEU A 78 -1.39 12.26 -10.45
CA LEU A 78 -0.03 12.63 -10.07
C LEU A 78 0.71 13.25 -11.25
N GLU A 79 1.90 13.78 -10.98
CA GLU A 79 2.70 14.42 -12.02
C GLU A 79 3.68 13.42 -12.63
N SER A 80 4.49 13.88 -13.58
CA SER A 80 5.46 13.02 -14.24
C SER A 80 6.88 13.40 -13.83
N SER A 81 7.82 12.48 -14.05
CA SER A 81 9.22 12.71 -13.70
C SER A 81 9.34 13.24 -12.28
N SER A 82 8.77 12.51 -11.33
CA SER A 82 8.81 12.90 -9.93
C SER A 82 8.95 11.67 -9.03
N HIS A 83 9.77 11.80 -7.99
CA HIS A 83 9.99 10.71 -7.05
C HIS A 83 8.87 10.66 -6.01
N TYR A 84 8.03 9.62 -6.09
CA TYR A 84 6.92 9.46 -5.17
C TYR A 84 7.23 8.37 -4.14
N VAL A 85 7.47 8.79 -2.90
CA VAL A 85 7.77 7.85 -1.83
C VAL A 85 6.50 7.18 -1.31
N ILE A 86 6.42 5.87 -1.50
CA ILE A 86 5.26 5.10 -1.06
C ILE A 86 5.57 4.30 0.20
N SER A 87 4.76 4.50 1.23
CA SER A 87 4.95 3.80 2.50
C SER A 87 3.68 3.07 2.92
N LEU A 88 3.68 1.75 2.72
CA LEU A 88 2.53 0.92 3.07
C LEU A 88 2.73 0.26 4.43
N LYS A 89 1.71 0.32 5.28
CA LYS A 89 1.78 -0.29 6.60
C LYS A 89 0.43 -0.89 6.99
N ALA A 90 0.47 -2.04 7.66
CA ALA A 90 -0.74 -2.72 8.10
C ALA A 90 -1.29 -2.09 9.36
N PHE A 91 -2.61 -2.16 9.54
CA PHE A 91 -3.26 -1.61 10.71
C PHE A 91 -4.41 -2.50 11.17
N ASN A 92 -4.81 -2.35 12.44
CA ASN A 92 -5.89 -3.14 12.99
C ASN A 92 -6.41 -2.51 14.28
N ASN A 93 -7.38 -3.17 14.90
CA ASN A 93 -7.97 -2.67 16.14
C ASN A 93 -6.89 -2.35 17.16
N ALA A 94 -5.70 -2.90 16.96
CA ALA A 94 -4.58 -2.67 17.86
C ALA A 94 -3.83 -1.40 17.48
N GLY A 95 -3.87 -1.05 16.20
CA GLY A 95 -3.19 0.14 15.72
C GLY A 95 -2.42 -0.11 14.44
N GLU A 96 -1.21 0.45 14.37
CA GLU A 96 -0.37 0.28 13.19
C GLU A 96 0.88 -0.54 13.52
N GLY A 97 1.39 -1.25 12.52
CA GLY A 97 2.57 -2.08 12.73
C GLY A 97 3.74 -1.63 11.87
N VAL A 98 4.88 -2.26 12.06
CA VAL A 98 6.09 -1.93 11.30
C VAL A 98 5.73 -1.48 9.88
N PRO A 99 5.78 -0.17 9.64
CA PRO A 99 5.47 0.41 8.32
C PRO A 99 6.53 0.08 7.28
N LEU A 100 6.08 -0.18 6.06
CA LEU A 100 6.99 -0.52 4.97
C LEU A 100 7.11 0.64 3.98
N TYR A 101 8.34 1.09 3.76
CA TYR A 101 8.58 2.20 2.85
C TYR A 101 8.98 1.69 1.46
N GLU A 102 8.91 2.56 0.46
CA GLU A 102 9.26 2.20 -0.90
C GLU A 102 9.57 3.43 -1.74
N SER A 103 9.81 3.23 -3.02
CA SER A 103 10.12 4.33 -3.93
C SER A 103 9.47 4.11 -5.29
N ALA A 104 9.06 5.20 -5.93
CA ALA A 104 8.42 5.12 -7.24
C ALA A 104 8.48 6.47 -7.95
N THR A 105 9.36 6.59 -8.94
CA THR A 105 9.51 7.82 -9.70
C THR A 105 8.69 7.78 -10.97
N THR A 106 7.62 8.59 -11.01
CA THR A 106 6.75 8.65 -12.17
C THR A 106 7.56 8.64 -13.47
N ARG A 107 6.90 8.24 -14.55
CA ARG A 107 7.57 8.18 -15.86
C ARG A 107 7.58 9.56 -16.52
N SER A 108 8.27 9.65 -17.65
CA SER A 108 8.38 10.91 -18.38
C SER A 108 7.29 11.02 -19.44
N ILE A 109 7.00 12.23 -19.87
CA ILE A 109 5.98 12.47 -20.88
C ILE A 109 6.59 12.97 -22.18
N THR A 110 6.16 12.40 -23.30
CA THR A 110 6.66 12.78 -24.61
C THR A 110 5.70 13.72 -25.32
N SER A 111 6.15 14.94 -25.59
CA SER A 111 5.32 15.93 -26.27
C SER A 111 5.41 15.77 -27.78
N GLY A 112 4.48 15.02 -28.35
CA GLY A 112 4.47 14.80 -29.78
C GLY A 112 4.97 13.42 -30.16
N PRO A 113 4.57 12.95 -31.35
CA PRO A 113 4.97 11.63 -31.85
C PRO A 113 6.45 11.58 -32.22
N SER A 114 7.14 12.71 -32.07
CA SER A 114 8.55 12.80 -32.39
C SER A 114 8.79 12.50 -33.87
N SER A 115 8.04 13.18 -34.73
CA SER A 115 8.16 12.99 -36.18
C SER A 115 8.71 14.24 -36.85
N GLY A 116 8.27 15.41 -36.37
CA GLY A 116 8.73 16.66 -36.94
C GLY A 116 8.07 17.86 -36.28
N GLY A 1 -24.38 -9.86 6.58
CA GLY A 1 -25.55 -10.64 6.25
C GLY A 1 -25.27 -11.69 5.19
N SER A 2 -25.01 -11.23 3.96
CA SER A 2 -24.71 -12.14 2.85
C SER A 2 -23.37 -11.81 2.23
N SER A 3 -23.21 -10.57 1.79
CA SER A 3 -21.97 -10.12 1.16
C SER A 3 -20.76 -10.77 1.83
N GLY A 4 -20.71 -10.70 3.16
CA GLY A 4 -19.61 -11.28 3.90
C GLY A 4 -18.78 -10.24 4.62
N SER A 5 -18.64 -10.42 5.93
CA SER A 5 -17.87 -9.48 6.75
C SER A 5 -16.37 -9.77 6.65
N SER A 6 -15.57 -8.72 6.73
CA SER A 6 -14.11 -8.86 6.64
C SER A 6 -13.63 -10.01 7.51
N GLY A 7 -12.44 -10.52 7.19
CA GLY A 7 -11.89 -11.63 7.95
C GLY A 7 -12.15 -11.51 9.44
N PRO A 8 -12.88 -12.49 9.99
CA PRO A 8 -13.22 -12.51 11.42
C PRO A 8 -12.01 -12.76 12.30
N GLU A 9 -12.24 -12.85 13.61
CA GLU A 9 -11.16 -13.10 14.56
C GLU A 9 -11.52 -14.24 15.50
N ASN A 10 -10.87 -15.39 15.30
CA ASN A 10 -11.12 -16.56 16.12
C ASN A 10 -9.82 -17.08 16.73
N ASP A 11 -8.95 -17.61 15.88
CA ASP A 11 -7.67 -18.14 16.33
C ASP A 11 -6.52 -17.22 15.92
N LEU A 12 -6.82 -15.93 15.79
CA LEU A 12 -5.81 -14.95 15.40
C LEU A 12 -5.42 -14.07 16.58
N ASP A 13 -4.53 -13.12 16.34
CA ASP A 13 -4.07 -12.21 17.38
C ASP A 13 -4.29 -10.76 16.97
N GLU A 14 -5.31 -10.13 17.56
CA GLU A 14 -5.62 -8.75 17.25
C GLU A 14 -4.91 -7.80 18.22
N SER A 15 -4.76 -8.24 19.46
CA SER A 15 -4.10 -7.43 20.48
C SER A 15 -2.79 -6.85 19.96
N GLN A 16 -2.26 -7.46 18.90
CA GLN A 16 -1.01 -7.01 18.31
C GLN A 16 -1.25 -6.50 16.89
N VAL A 17 -0.58 -5.39 16.55
CA VAL A 17 -0.71 -4.80 15.22
C VAL A 17 -0.20 -5.75 14.14
N PRO A 18 -0.79 -5.66 12.94
CA PRO A 18 -0.41 -6.50 11.80
C PRO A 18 0.98 -6.14 11.26
N ASP A 19 1.88 -7.12 11.28
CA ASP A 19 3.24 -6.90 10.79
C ASP A 19 3.22 -6.32 9.39
N GLN A 20 4.40 -6.00 8.87
CA GLN A 20 4.52 -5.43 7.52
C GLN A 20 4.39 -6.51 6.46
N PRO A 21 4.05 -6.09 5.24
CA PRO A 21 3.89 -7.00 4.10
C PRO A 21 5.20 -7.61 3.64
N SER A 22 5.26 -8.94 3.55
CA SER A 22 6.46 -9.62 3.12
C SER A 22 7.14 -8.89 1.97
N SER A 23 6.33 -8.24 1.13
CA SER A 23 6.84 -7.49 -0.01
C SER A 23 5.81 -6.50 -0.52
N LEU A 24 6.29 -5.39 -1.08
CA LEU A 24 5.41 -4.36 -1.60
C LEU A 24 5.89 -3.88 -2.97
N HIS A 25 5.19 -4.33 -4.02
CA HIS A 25 5.55 -3.94 -5.39
C HIS A 25 4.96 -2.58 -5.73
N VAL A 26 5.76 -1.76 -6.40
CA VAL A 26 5.32 -0.42 -6.79
C VAL A 26 5.87 -0.04 -8.17
N ARG A 27 4.97 0.38 -9.05
CA ARG A 27 5.37 0.77 -10.41
C ARG A 27 4.94 2.21 -10.70
N PRO A 28 5.92 3.13 -10.72
CA PRO A 28 5.66 4.54 -10.99
C PRO A 28 5.28 4.80 -12.44
N GLN A 29 4.01 5.16 -12.66
CA GLN A 29 3.52 5.43 -13.99
C GLN A 29 3.62 6.91 -14.33
N THR A 30 3.16 7.28 -15.52
CA THR A 30 3.19 8.67 -15.95
C THR A 30 2.53 9.59 -14.94
N ASN A 31 1.22 9.45 -14.80
CA ASN A 31 0.46 10.27 -13.85
C ASN A 31 -0.17 9.40 -12.77
N CYS A 32 0.22 8.13 -12.73
CA CYS A 32 -0.31 7.20 -11.74
C CYS A 32 0.80 6.29 -11.20
N ILE A 33 0.45 5.49 -10.20
CA ILE A 33 1.42 4.58 -9.59
C ILE A 33 0.72 3.40 -8.92
N ILE A 34 0.78 2.24 -9.55
CA ILE A 34 0.16 1.04 -9.02
C ILE A 34 1.07 0.33 -8.03
N MET A 35 0.51 -0.11 -6.91
CA MET A 35 1.28 -0.80 -5.89
C MET A 35 0.57 -2.08 -5.46
N SER A 36 1.32 -3.19 -5.44
CA SER A 36 0.75 -4.48 -5.05
C SER A 36 1.54 -5.08 -3.90
N TRP A 37 0.92 -5.19 -2.74
CA TRP A 37 1.56 -5.77 -1.56
C TRP A 37 0.93 -7.10 -1.18
N THR A 38 1.37 -7.66 -0.05
CA THR A 38 0.85 -8.93 0.42
C THR A 38 0.62 -8.91 1.93
N PRO A 39 -0.11 -9.91 2.43
CA PRO A 39 -0.42 -10.02 3.86
C PRO A 39 0.81 -10.38 4.68
N PRO A 40 0.67 -10.31 6.02
CA PRO A 40 1.75 -10.62 6.95
C PRO A 40 2.09 -12.11 6.97
N LEU A 41 3.38 -12.42 6.92
CA LEU A 41 3.84 -13.80 6.93
C LEU A 41 3.10 -14.61 8.00
N ASN A 42 2.55 -13.91 8.98
CA ASN A 42 1.82 -14.56 10.06
C ASN A 42 0.31 -14.41 9.85
N PRO A 43 -0.31 -15.45 9.27
CA PRO A 43 -1.75 -15.46 9.01
C PRO A 43 -2.58 -15.58 10.29
N ASN A 44 -1.89 -15.63 11.42
CA ASN A 44 -2.56 -15.73 12.72
C ASN A 44 -2.82 -14.35 13.31
N ILE A 45 -2.55 -13.32 12.51
CA ILE A 45 -2.76 -11.94 12.95
C ILE A 45 -3.93 -11.30 12.22
N VAL A 46 -4.73 -10.53 12.95
CA VAL A 46 -5.89 -9.86 12.37
C VAL A 46 -5.47 -8.61 11.60
N VAL A 47 -6.14 -8.36 10.48
CA VAL A 47 -5.85 -7.20 9.65
C VAL A 47 -7.12 -6.46 9.27
N ARG A 48 -7.17 -5.17 9.61
CA ARG A 48 -8.34 -4.35 9.28
C ARG A 48 -8.09 -3.52 8.02
N GLY A 49 -6.89 -3.63 7.48
CA GLY A 49 -6.56 -2.88 6.28
C GLY A 49 -5.09 -2.49 6.22
N TYR A 50 -4.76 -1.61 5.30
CA TYR A 50 -3.38 -1.15 5.15
C TYR A 50 -3.33 0.33 4.76
N ILE A 51 -2.53 1.10 5.48
CA ILE A 51 -2.39 2.52 5.22
C ILE A 51 -1.35 2.78 4.14
N ILE A 52 -1.73 3.55 3.13
CA ILE A 52 -0.84 3.88 2.02
C ILE A 52 -0.41 5.33 2.08
N GLY A 53 0.80 5.58 2.58
CA GLY A 53 1.30 6.93 2.68
C GLY A 53 2.23 7.29 1.53
N TYR A 54 1.68 7.94 0.51
CA TYR A 54 2.46 8.34 -0.65
C TYR A 54 2.52 9.86 -0.78
N GLY A 55 3.52 10.35 -1.50
CA GLY A 55 3.67 11.78 -1.69
C GLY A 55 4.97 12.14 -2.38
N VAL A 56 4.98 13.30 -3.03
CA VAL A 56 6.17 13.76 -3.74
C VAL A 56 7.26 14.17 -2.76
N GLY A 57 8.37 13.42 -2.76
CA GLY A 57 9.47 13.73 -1.87
C GLY A 57 9.25 13.20 -0.47
N SER A 58 7.99 13.09 -0.07
CA SER A 58 7.64 12.59 1.26
C SER A 58 6.33 11.82 1.23
N PRO A 59 6.34 10.63 1.84
CA PRO A 59 5.15 9.76 1.89
C PRO A 59 4.06 10.33 2.79
N TYR A 60 4.20 11.60 3.15
CA TYR A 60 3.22 12.26 4.01
C TYR A 60 2.40 13.27 3.20
N ALA A 61 2.57 13.26 1.89
CA ALA A 61 1.84 14.17 1.02
C ALA A 61 0.42 13.67 0.76
N GLU A 62 0.25 12.35 0.76
CA GLU A 62 -1.05 11.75 0.53
C GLU A 62 -1.18 10.43 1.27
N THR A 63 -2.21 10.31 2.10
CA THR A 63 -2.44 9.10 2.87
C THR A 63 -3.74 8.41 2.45
N VAL A 64 -3.68 7.11 2.24
CA VAL A 64 -4.86 6.34 1.84
C VAL A 64 -4.78 4.91 2.36
N ARG A 65 -5.67 4.60 3.31
CA ARG A 65 -5.71 3.26 3.89
C ARG A 65 -6.88 2.46 3.35
N VAL A 66 -6.61 1.26 2.87
CA VAL A 66 -7.65 0.39 2.32
C VAL A 66 -8.05 -0.68 3.32
N ASP A 67 -8.91 -1.59 2.88
CA ASP A 67 -9.38 -2.68 3.74
C ASP A 67 -8.41 -3.86 3.71
N SER A 68 -8.68 -4.86 4.54
CA SER A 68 -7.83 -6.04 4.62
C SER A 68 -8.12 -7.00 3.47
N LYS A 69 -8.69 -6.47 2.39
CA LYS A 69 -9.04 -7.28 1.23
C LYS A 69 -8.26 -6.80 0.00
N GLN A 70 -8.00 -5.50 -0.07
CA GLN A 70 -7.27 -4.93 -1.19
C GLN A 70 -5.82 -5.39 -1.19
N ARG A 71 -5.39 -5.96 -2.32
CA ARG A 71 -4.02 -6.44 -2.45
C ARG A 71 -3.18 -5.49 -3.28
N TYR A 72 -3.80 -4.41 -3.75
CA TYR A 72 -3.10 -3.42 -4.56
C TYR A 72 -3.91 -2.13 -4.64
N TYR A 73 -3.20 -1.01 -4.79
CA TYR A 73 -3.85 0.29 -4.87
C TYR A 73 -3.25 1.12 -6.00
N SER A 74 -4.09 1.51 -6.96
CA SER A 74 -3.65 2.29 -8.10
C SER A 74 -3.72 3.79 -7.79
N ILE A 75 -2.59 4.35 -7.39
CA ILE A 75 -2.52 5.77 -7.07
C ILE A 75 -2.61 6.63 -8.31
N GLU A 76 -3.65 7.45 -8.39
CA GLU A 76 -3.86 8.33 -9.53
C GLU A 76 -3.79 9.80 -9.12
N ARG A 77 -3.84 10.68 -10.10
CA ARG A 77 -3.78 12.12 -9.83
C ARG A 77 -2.40 12.53 -9.35
N LEU A 78 -1.37 12.13 -10.10
CA LEU A 78 0.00 12.45 -9.74
C LEU A 78 0.72 13.12 -10.91
N GLU A 79 1.85 13.76 -10.61
CA GLU A 79 2.64 14.45 -11.65
C GLU A 79 3.52 13.46 -12.39
N SER A 80 4.26 13.98 -13.36
CA SER A 80 5.15 13.14 -14.17
C SER A 80 6.60 13.58 -14.02
N SER A 81 7.52 12.62 -14.02
CA SER A 81 8.94 12.91 -13.88
C SER A 81 9.25 13.43 -12.48
N SER A 82 8.85 12.66 -11.47
CA SER A 82 9.09 13.05 -10.09
C SER A 82 9.08 11.82 -9.18
N HIS A 83 9.86 11.89 -8.09
CA HIS A 83 9.95 10.79 -7.14
C HIS A 83 8.71 10.75 -6.24
N TYR A 84 8.23 9.55 -5.96
CA TYR A 84 7.06 9.37 -5.11
C TYR A 84 7.31 8.32 -4.04
N VAL A 85 7.56 8.78 -2.82
CA VAL A 85 7.82 7.87 -1.70
C VAL A 85 6.53 7.21 -1.22
N ILE A 86 6.45 5.90 -1.39
CA ILE A 86 5.28 5.14 -0.97
C ILE A 86 5.56 4.34 0.30
N SER A 87 4.74 4.57 1.32
CA SER A 87 4.91 3.88 2.60
C SER A 87 3.64 3.10 2.95
N LEU A 88 3.67 1.79 2.74
CA LEU A 88 2.53 0.94 3.04
C LEU A 88 2.71 0.24 4.39
N LYS A 89 1.68 0.28 5.21
CA LYS A 89 1.71 -0.35 6.53
C LYS A 89 0.36 -0.96 6.89
N ALA A 90 0.39 -2.02 7.68
CA ALA A 90 -0.84 -2.69 8.10
C ALA A 90 -1.39 -2.06 9.38
N PHE A 91 -2.71 -2.11 9.53
CA PHE A 91 -3.36 -1.56 10.72
C PHE A 91 -4.48 -2.47 11.20
N ASN A 92 -4.94 -2.22 12.43
CA ASN A 92 -6.01 -3.03 13.02
C ASN A 92 -6.50 -2.41 14.32
N ASN A 93 -7.39 -3.11 15.01
CA ASN A 93 -7.95 -2.63 16.26
C ASN A 93 -6.83 -2.22 17.22
N ALA A 94 -5.66 -2.82 17.06
CA ALA A 94 -4.50 -2.52 17.89
C ALA A 94 -3.83 -1.22 17.45
N GLY A 95 -3.94 -0.92 16.16
CA GLY A 95 -3.33 0.29 15.63
C GLY A 95 -2.58 0.04 14.34
N GLU A 96 -1.32 0.45 14.31
CA GLU A 96 -0.48 0.27 13.13
C GLU A 96 0.75 -0.57 13.45
N GLY A 97 1.23 -1.33 12.47
CA GLY A 97 2.40 -2.16 12.67
C GLY A 97 3.58 -1.71 11.84
N VAL A 98 4.70 -2.41 11.98
CA VAL A 98 5.92 -2.08 11.25
C VAL A 98 5.59 -1.58 9.84
N PRO A 99 5.68 -0.26 9.64
CA PRO A 99 5.40 0.36 8.34
C PRO A 99 6.46 0.02 7.29
N LEU A 100 6.02 -0.15 6.06
CA LEU A 100 6.92 -0.47 4.96
C LEU A 100 7.07 0.70 4.00
N TYR A 101 8.31 1.13 3.78
CA TYR A 101 8.59 2.25 2.89
C TYR A 101 9.00 1.75 1.51
N GLU A 102 8.93 2.64 0.52
CA GLU A 102 9.30 2.30 -0.85
C GLU A 102 9.54 3.56 -1.68
N SER A 103 10.02 3.37 -2.90
CA SER A 103 10.29 4.48 -3.80
C SER A 103 9.75 4.21 -5.19
N ALA A 104 9.28 5.26 -5.86
CA ALA A 104 8.71 5.14 -7.19
C ALA A 104 8.71 6.49 -7.91
N THR A 105 9.52 6.58 -8.98
CA THR A 105 9.61 7.81 -9.76
C THR A 105 8.73 7.75 -10.99
N THR A 106 7.64 8.50 -10.98
CA THR A 106 6.71 8.53 -12.10
C THR A 106 7.46 8.65 -13.43
N ARG A 107 6.74 8.44 -14.52
CA ARG A 107 7.34 8.52 -15.86
C ARG A 107 7.25 9.94 -16.40
N SER A 108 7.77 10.15 -17.60
CA SER A 108 7.77 11.46 -18.24
C SER A 108 6.65 11.56 -19.28
N ILE A 109 6.31 12.78 -19.66
CA ILE A 109 5.27 13.00 -20.65
C ILE A 109 5.84 13.53 -21.96
N THR A 110 5.51 12.88 -23.06
CA THR A 110 6.00 13.28 -24.38
C THR A 110 5.08 12.78 -25.48
N SER A 111 5.15 13.42 -26.64
CA SER A 111 4.34 13.03 -27.78
C SER A 111 5.15 12.25 -28.81
N GLY A 112 5.26 10.95 -28.60
CA GLY A 112 6.02 10.11 -29.51
C GLY A 112 7.31 10.76 -29.96
N PRO A 113 7.82 10.33 -31.13
CA PRO A 113 9.06 10.86 -31.69
C PRO A 113 8.90 12.29 -32.19
N SER A 114 9.99 13.06 -32.15
CA SER A 114 9.97 14.45 -32.60
C SER A 114 9.17 14.59 -33.89
N SER A 115 8.07 15.34 -33.82
CA SER A 115 7.21 15.54 -34.98
C SER A 115 7.06 17.03 -35.28
N GLY A 116 7.81 17.51 -36.27
CA GLY A 116 7.75 18.91 -36.64
C GLY A 116 8.47 19.81 -35.65
N GLY A 1 -9.91 -8.90 -3.91
CA GLY A 1 -10.33 -10.08 -3.17
C GLY A 1 -11.45 -9.78 -2.21
N SER A 2 -12.63 -9.44 -2.74
CA SER A 2 -13.78 -9.12 -1.90
C SER A 2 -14.21 -10.33 -1.08
N SER A 3 -14.28 -10.14 0.24
CA SER A 3 -14.67 -11.23 1.14
C SER A 3 -16.11 -11.04 1.61
N GLY A 4 -16.67 -9.87 1.34
CA GLY A 4 -18.03 -9.59 1.74
C GLY A 4 -18.11 -8.73 2.99
N SER A 5 -19.17 -8.91 3.77
CA SER A 5 -19.36 -8.14 5.00
C SER A 5 -19.11 -9.00 6.23
N SER A 6 -18.03 -9.77 6.19
CA SER A 6 -17.68 -10.65 7.30
C SER A 6 -16.19 -10.56 7.62
N GLY A 7 -15.86 -10.74 8.90
CA GLY A 7 -14.47 -10.67 9.32
C GLY A 7 -13.84 -12.04 9.47
N PRO A 8 -12.62 -12.19 8.91
CA PRO A 8 -11.89 -13.46 8.97
C PRO A 8 -11.39 -13.79 10.38
N GLU A 9 -11.71 -12.90 11.33
CA GLU A 9 -11.31 -13.11 12.72
C GLU A 9 -11.49 -14.56 13.13
N ASN A 10 -10.43 -15.35 12.96
CA ASN A 10 -10.47 -16.76 13.31
C ASN A 10 -9.14 -17.21 13.93
N ASP A 11 -9.16 -17.52 15.21
CA ASP A 11 -7.96 -17.96 15.92
C ASP A 11 -6.76 -17.11 15.52
N LEU A 12 -6.91 -15.79 15.62
CA LEU A 12 -5.83 -14.86 15.28
C LEU A 12 -5.39 -14.07 16.50
N ASP A 13 -4.48 -13.12 16.29
CA ASP A 13 -3.97 -12.28 17.37
C ASP A 13 -4.11 -10.81 17.02
N GLU A 14 -5.24 -10.23 17.44
CA GLU A 14 -5.50 -8.81 17.17
C GLU A 14 -4.75 -7.92 18.16
N SER A 15 -4.67 -8.38 19.41
CA SER A 15 -3.98 -7.62 20.45
C SER A 15 -2.70 -6.98 19.91
N GLN A 16 -2.15 -7.58 18.86
CA GLN A 16 -0.93 -7.06 18.24
C GLN A 16 -1.21 -6.53 16.84
N VAL A 17 -0.49 -5.49 16.45
CA VAL A 17 -0.66 -4.89 15.14
C VAL A 17 -0.13 -5.80 14.04
N PRO A 18 -0.70 -5.68 12.84
CA PRO A 18 -0.30 -6.50 11.68
C PRO A 18 1.08 -6.13 11.16
N ASP A 19 1.96 -7.11 11.08
CA ASP A 19 3.31 -6.90 10.60
C ASP A 19 3.31 -6.38 9.16
N GLN A 20 4.47 -5.92 8.70
CA GLN A 20 4.59 -5.39 7.34
C GLN A 20 4.41 -6.49 6.31
N PRO A 21 4.02 -6.11 5.09
CA PRO A 21 3.81 -7.06 3.99
C PRO A 21 5.11 -7.66 3.49
N SER A 22 5.18 -8.99 3.49
CA SER A 22 6.37 -9.70 3.04
C SER A 22 7.07 -8.93 1.93
N SER A 23 6.28 -8.34 1.04
CA SER A 23 6.83 -7.57 -0.08
C SER A 23 5.82 -6.55 -0.58
N LEU A 24 6.31 -5.43 -1.10
CA LEU A 24 5.46 -4.38 -1.61
C LEU A 24 5.95 -3.88 -2.97
N HIS A 25 5.30 -4.34 -4.03
CA HIS A 25 5.68 -3.95 -5.39
C HIS A 25 5.04 -2.61 -5.75
N VAL A 26 5.83 -1.75 -6.42
CA VAL A 26 5.34 -0.44 -6.83
C VAL A 26 5.90 -0.06 -8.19
N ARG A 27 5.01 0.38 -9.08
CA ARG A 27 5.41 0.78 -10.42
C ARG A 27 4.97 2.21 -10.72
N PRO A 28 5.94 3.14 -10.71
CA PRO A 28 5.67 4.55 -10.98
C PRO A 28 5.30 4.82 -12.44
N GLN A 29 4.03 5.10 -12.67
CA GLN A 29 3.54 5.37 -14.01
C GLN A 29 3.64 6.85 -14.35
N THR A 30 3.21 7.21 -15.55
CA THR A 30 3.26 8.61 -16.00
C THR A 30 2.62 9.53 -14.98
N ASN A 31 1.31 9.38 -14.78
CA ASN A 31 0.58 10.21 -13.82
C ASN A 31 -0.06 9.35 -12.74
N CYS A 32 0.23 8.05 -12.78
CA CYS A 32 -0.30 7.12 -11.78
C CYS A 32 0.80 6.23 -11.21
N ILE A 33 0.46 5.44 -10.21
CA ILE A 33 1.42 4.54 -9.58
C ILE A 33 0.72 3.37 -8.91
N ILE A 34 0.81 2.20 -9.53
CA ILE A 34 0.18 1.00 -9.00
C ILE A 34 1.12 0.29 -8.01
N MET A 35 0.54 -0.20 -6.91
CA MET A 35 1.32 -0.90 -5.90
C MET A 35 0.61 -2.17 -5.46
N SER A 36 1.36 -3.26 -5.36
CA SER A 36 0.79 -4.54 -4.94
C SER A 36 1.61 -5.16 -3.82
N TRP A 37 0.99 -5.29 -2.64
CA TRP A 37 1.66 -5.87 -1.49
C TRP A 37 1.06 -7.22 -1.12
N THR A 38 1.60 -7.84 -0.07
CA THR A 38 1.12 -9.14 0.38
C THR A 38 0.82 -9.12 1.88
N PRO A 39 0.05 -10.13 2.34
CA PRO A 39 -0.32 -10.26 3.75
C PRO A 39 0.88 -10.64 4.63
N PRO A 40 0.68 -10.55 5.95
CA PRO A 40 1.74 -10.88 6.92
C PRO A 40 2.04 -12.38 6.96
N LEU A 41 3.32 -12.71 6.89
CA LEU A 41 3.75 -14.11 6.91
C LEU A 41 3.00 -14.89 7.98
N ASN A 42 2.47 -14.17 8.97
CA ASN A 42 1.72 -14.80 10.05
C ASN A 42 0.22 -14.65 9.84
N PRO A 43 -0.41 -15.70 9.30
CA PRO A 43 -1.85 -15.71 9.04
C PRO A 43 -2.68 -15.74 10.32
N ASN A 44 -1.99 -15.78 11.45
CA ASN A 44 -2.66 -15.82 12.75
C ASN A 44 -2.85 -14.41 13.31
N ILE A 45 -2.59 -13.41 12.47
CA ILE A 45 -2.74 -12.01 12.88
C ILE A 45 -3.91 -11.36 12.17
N VAL A 46 -4.66 -10.53 12.90
CA VAL A 46 -5.81 -9.83 12.35
C VAL A 46 -5.37 -8.60 11.56
N VAL A 47 -6.04 -8.36 10.44
CA VAL A 47 -5.73 -7.21 9.59
C VAL A 47 -6.99 -6.49 9.16
N ARG A 48 -7.08 -5.21 9.50
CA ARG A 48 -8.24 -4.39 9.14
C ARG A 48 -8.00 -3.64 7.84
N GLY A 49 -6.73 -3.55 7.44
CA GLY A 49 -6.39 -2.85 6.22
C GLY A 49 -4.95 -2.37 6.21
N TYR A 50 -4.64 -1.44 5.31
CA TYR A 50 -3.30 -0.90 5.20
C TYR A 50 -3.33 0.59 4.86
N ILE A 51 -2.47 1.36 5.52
CA ILE A 51 -2.39 2.79 5.28
C ILE A 51 -1.38 3.12 4.18
N ILE A 52 -1.89 3.57 3.04
CA ILE A 52 -1.02 3.93 1.92
C ILE A 52 -0.58 5.38 2.00
N GLY A 53 0.64 5.60 2.46
CA GLY A 53 1.16 6.95 2.58
C GLY A 53 2.15 7.28 1.48
N TYR A 54 1.65 7.90 0.40
CA TYR A 54 2.49 8.27 -0.73
C TYR A 54 2.62 9.79 -0.83
N GLY A 55 3.67 10.24 -1.51
CA GLY A 55 3.89 11.67 -1.67
C GLY A 55 5.27 11.97 -2.24
N VAL A 56 5.32 12.98 -3.10
CA VAL A 56 6.58 13.38 -3.73
C VAL A 56 7.55 13.94 -2.70
N GLY A 57 8.72 13.32 -2.58
CA GLY A 57 9.72 13.78 -1.63
C GLY A 57 9.43 13.32 -0.21
N SER A 58 8.18 12.91 0.02
CA SER A 58 7.77 12.45 1.34
C SER A 58 6.47 11.65 1.27
N PRO A 59 6.50 10.43 1.82
CA PRO A 59 5.33 9.53 1.83
C PRO A 59 4.21 10.05 2.74
N TYR A 60 4.32 11.30 3.16
CA TYR A 60 3.33 11.91 4.04
C TYR A 60 2.55 13.00 3.30
N ALA A 61 2.54 12.91 1.98
CA ALA A 61 1.82 13.87 1.16
C ALA A 61 0.39 13.43 0.91
N GLU A 62 0.18 12.12 0.86
CA GLU A 62 -1.15 11.56 0.64
C GLU A 62 -1.31 10.22 1.34
N THR A 63 -2.35 10.11 2.17
CA THR A 63 -2.62 8.88 2.90
C THR A 63 -3.96 8.30 2.51
N VAL A 64 -4.00 6.97 2.32
CA VAL A 64 -5.23 6.29 1.95
C VAL A 64 -5.35 4.96 2.69
N ARG A 65 -6.32 4.86 3.58
CA ARG A 65 -6.54 3.64 4.35
C ARG A 65 -7.51 2.71 3.61
N VAL A 66 -6.98 1.57 3.17
CA VAL A 66 -7.79 0.58 2.46
C VAL A 66 -8.17 -0.58 3.36
N ASP A 67 -8.99 -1.49 2.84
CA ASP A 67 -9.42 -2.65 3.60
C ASP A 67 -8.35 -3.75 3.58
N SER A 68 -8.45 -4.68 4.52
CA SER A 68 -7.49 -5.77 4.61
C SER A 68 -7.65 -6.73 3.44
N LYS A 69 -8.58 -6.42 2.54
CA LYS A 69 -8.83 -7.25 1.37
C LYS A 69 -8.07 -6.73 0.16
N GLN A 70 -7.81 -5.43 0.15
CA GLN A 70 -7.07 -4.82 -0.96
C GLN A 70 -5.63 -5.29 -0.98
N ARG A 71 -5.25 -5.95 -2.07
CA ARG A 71 -3.88 -6.46 -2.22
C ARG A 71 -3.05 -5.53 -3.10
N TYR A 72 -3.67 -4.46 -3.58
CA TYR A 72 -2.99 -3.50 -4.44
C TYR A 72 -3.83 -2.24 -4.61
N TYR A 73 -3.15 -1.12 -4.83
CA TYR A 73 -3.83 0.16 -5.01
C TYR A 73 -3.21 0.95 -6.17
N SER A 74 -4.06 1.51 -7.03
CA SER A 74 -3.60 2.28 -8.17
C SER A 74 -3.77 3.77 -7.92
N ILE A 75 -2.67 4.42 -7.54
CA ILE A 75 -2.69 5.86 -7.27
C ILE A 75 -2.71 6.66 -8.57
N GLU A 76 -3.66 7.59 -8.66
CA GLU A 76 -3.80 8.43 -9.85
C GLU A 76 -3.82 9.91 -9.47
N ARG A 77 -3.96 10.76 -10.48
CA ARG A 77 -4.00 12.21 -10.25
C ARG A 77 -2.67 12.71 -9.70
N LEU A 78 -1.58 12.15 -10.20
CA LEU A 78 -0.25 12.53 -9.74
C LEU A 78 0.48 13.33 -10.83
N GLU A 79 1.71 13.75 -10.52
CA GLU A 79 2.51 14.52 -11.46
C GLU A 79 3.46 13.62 -12.24
N SER A 80 4.28 14.22 -13.09
CA SER A 80 5.24 13.47 -13.89
C SER A 80 6.66 13.97 -13.65
N SER A 81 7.63 13.07 -13.81
CA SER A 81 9.03 13.40 -13.61
C SER A 81 9.26 13.88 -12.18
N SER A 82 8.83 13.08 -11.21
CA SER A 82 8.98 13.42 -9.80
C SER A 82 9.04 12.17 -8.95
N HIS A 83 9.99 12.13 -8.01
CA HIS A 83 10.16 10.98 -7.13
C HIS A 83 9.02 10.93 -6.10
N TYR A 84 8.33 9.79 -6.06
CA TYR A 84 7.23 9.60 -5.12
C TYR A 84 7.52 8.49 -4.14
N VAL A 85 7.55 8.83 -2.85
CA VAL A 85 7.83 7.86 -1.80
C VAL A 85 6.54 7.18 -1.33
N ILE A 86 6.47 5.87 -1.50
CA ILE A 86 5.30 5.11 -1.08
C ILE A 86 5.58 4.30 0.18
N SER A 87 4.77 4.52 1.21
CA SER A 87 4.93 3.81 2.47
C SER A 87 3.65 3.07 2.85
N LEU A 88 3.67 1.75 2.72
CA LEU A 88 2.51 0.92 3.05
C LEU A 88 2.70 0.23 4.39
N LYS A 89 1.70 0.32 5.24
CA LYS A 89 1.75 -0.30 6.57
C LYS A 89 0.40 -0.89 6.94
N ALA A 90 0.42 -2.04 7.63
CA ALA A 90 -0.80 -2.69 8.05
C ALA A 90 -1.35 -2.07 9.34
N PHE A 91 -2.66 -2.13 9.51
CA PHE A 91 -3.30 -1.57 10.69
C PHE A 91 -4.47 -2.45 11.14
N ASN A 92 -4.86 -2.31 12.40
CA ASN A 92 -5.97 -3.08 12.95
C ASN A 92 -6.47 -2.48 14.25
N ASN A 93 -7.41 -3.16 14.89
CA ASN A 93 -7.97 -2.67 16.15
C ASN A 93 -6.87 -2.38 17.16
N ALA A 94 -5.68 -2.92 16.91
CA ALA A 94 -4.54 -2.72 17.80
C ALA A 94 -3.78 -1.44 17.42
N GLY A 95 -3.88 -1.05 16.15
CA GLY A 95 -3.20 0.15 15.68
C GLY A 95 -2.45 -0.08 14.40
N GLU A 96 -1.19 0.37 14.36
CA GLU A 96 -0.37 0.21 13.17
C GLU A 96 0.88 -0.62 13.48
N GLY A 97 1.36 -1.35 12.47
CA GLY A 97 2.55 -2.17 12.65
C GLY A 97 3.72 -1.70 11.82
N VAL A 98 4.86 -2.35 11.99
CA VAL A 98 6.07 -2.00 11.25
C VAL A 98 5.72 -1.53 9.84
N PRO A 99 5.77 -0.20 9.63
CA PRO A 99 5.47 0.40 8.33
C PRO A 99 6.53 0.10 7.28
N LEU A 100 6.08 -0.18 6.06
CA LEU A 100 7.00 -0.49 4.96
C LEU A 100 7.11 0.67 3.99
N TYR A 101 8.33 1.14 3.76
CA TYR A 101 8.56 2.25 2.85
C TYR A 101 8.95 1.75 1.47
N GLU A 102 8.87 2.64 0.48
CA GLU A 102 9.21 2.29 -0.89
C GLU A 102 9.50 3.54 -1.72
N SER A 103 9.93 3.33 -2.96
CA SER A 103 10.23 4.44 -3.86
C SER A 103 9.63 4.20 -5.24
N ALA A 104 9.21 5.29 -5.88
CA ALA A 104 8.62 5.21 -7.21
C ALA A 104 8.63 6.56 -7.90
N THR A 105 9.48 6.71 -8.91
CA THR A 105 9.60 7.96 -9.66
C THR A 105 8.73 7.93 -10.90
N THR A 106 7.70 8.76 -10.93
CA THR A 106 6.80 8.84 -12.07
C THR A 106 7.57 8.91 -13.38
N ARG A 107 6.87 8.73 -14.49
CA ARG A 107 7.49 8.78 -15.80
C ARG A 107 7.40 10.18 -16.39
N SER A 108 8.11 10.41 -17.50
CA SER A 108 8.12 11.71 -18.15
C SER A 108 7.17 11.72 -19.35
N ILE A 109 6.37 12.78 -19.46
CA ILE A 109 5.41 12.92 -20.56
C ILE A 109 6.11 13.42 -21.82
N THR A 110 6.81 14.53 -21.70
CA THR A 110 7.52 15.11 -22.84
C THR A 110 8.58 14.16 -23.37
N SER A 111 8.51 13.87 -24.67
CA SER A 111 9.47 12.97 -25.30
C SER A 111 10.80 13.68 -25.57
N GLY A 112 11.72 13.57 -24.61
CA GLY A 112 13.02 14.19 -24.75
C GLY A 112 13.93 13.43 -25.70
N PRO A 113 15.13 13.98 -25.93
CA PRO A 113 16.12 13.37 -26.82
C PRO A 113 16.71 12.10 -26.25
N SER A 114 16.67 11.97 -24.92
CA SER A 114 17.20 10.80 -24.25
C SER A 114 16.09 10.04 -23.53
N SER A 115 15.46 9.11 -24.25
CA SER A 115 14.37 8.32 -23.69
C SER A 115 14.52 6.85 -24.07
N GLY A 116 14.49 5.98 -23.08
CA GLY A 116 14.62 4.55 -23.34
C GLY A 116 13.42 3.77 -22.86
N GLY A 1 -10.96 -14.07 -0.23
CA GLY A 1 -11.32 -14.68 -1.49
C GLY A 1 -12.78 -15.09 -1.53
N SER A 2 -13.03 -16.39 -1.37
CA SER A 2 -14.40 -16.91 -1.40
C SER A 2 -14.83 -17.37 0.00
N SER A 3 -15.31 -16.42 0.80
CA SER A 3 -15.75 -16.73 2.16
C SER A 3 -16.78 -15.71 2.64
N GLY A 4 -17.71 -16.17 3.46
CA GLY A 4 -18.74 -15.29 3.98
C GLY A 4 -18.18 -14.19 4.85
N SER A 5 -18.84 -13.93 5.97
CA SER A 5 -18.41 -12.90 6.90
C SER A 5 -17.11 -13.30 7.61
N SER A 6 -16.09 -12.48 7.46
CA SER A 6 -14.80 -12.76 8.09
C SER A 6 -14.98 -13.35 9.48
N GLY A 7 -15.83 -12.72 10.28
CA GLY A 7 -16.07 -13.20 11.62
C GLY A 7 -15.03 -12.72 12.62
N PRO A 8 -15.16 -13.15 13.88
CA PRO A 8 -14.23 -12.78 14.94
C PRO A 8 -12.85 -13.41 14.76
N GLU A 9 -11.97 -13.20 15.74
CA GLU A 9 -10.62 -13.75 15.69
C GLU A 9 -10.58 -15.15 16.31
N ASN A 10 -10.87 -16.15 15.49
CA ASN A 10 -10.86 -17.54 15.95
C ASN A 10 -9.52 -17.88 16.59
N ASP A 11 -8.48 -17.98 15.77
CA ASP A 11 -7.14 -18.31 16.26
C ASP A 11 -6.12 -17.29 15.77
N LEU A 12 -6.51 -16.01 15.79
CA LEU A 12 -5.63 -14.94 15.35
C LEU A 12 -5.24 -14.04 16.51
N ASP A 13 -4.33 -13.11 16.26
CA ASP A 13 -3.86 -12.19 17.29
C ASP A 13 -4.14 -10.74 16.89
N GLU A 14 -5.28 -10.22 17.32
CA GLU A 14 -5.66 -8.84 17.00
C GLU A 14 -5.02 -7.87 17.98
N SER A 15 -4.87 -8.30 19.23
CA SER A 15 -4.27 -7.45 20.26
C SER A 15 -2.97 -6.82 19.76
N GLN A 16 -2.35 -7.46 18.78
CA GLN A 16 -1.10 -6.97 18.21
C GLN A 16 -1.32 -6.45 16.79
N VAL A 17 -0.63 -5.35 16.46
CA VAL A 17 -0.75 -4.76 15.13
C VAL A 17 -0.15 -5.67 14.07
N PRO A 18 -0.70 -5.59 12.84
CA PRO A 18 -0.24 -6.40 11.72
C PRO A 18 1.14 -5.98 11.22
N ASP A 19 2.01 -6.96 11.02
CA ASP A 19 3.37 -6.70 10.55
C ASP A 19 3.36 -6.23 9.10
N GLN A 20 4.49 -5.68 8.64
CA GLN A 20 4.60 -5.20 7.28
C GLN A 20 4.41 -6.32 6.28
N PRO A 21 4.02 -5.97 5.05
CA PRO A 21 3.79 -6.94 3.97
C PRO A 21 5.09 -7.57 3.48
N SER A 22 5.15 -8.90 3.53
CA SER A 22 6.34 -9.62 3.09
C SER A 22 7.03 -8.90 1.95
N SER A 23 6.24 -8.27 1.09
CA SER A 23 6.78 -7.55 -0.06
C SER A 23 5.79 -6.49 -0.55
N LEU A 24 6.30 -5.39 -1.08
CA LEU A 24 5.46 -4.32 -1.59
C LEU A 24 5.95 -3.85 -2.95
N HIS A 25 5.22 -4.24 -4.00
CA HIS A 25 5.57 -3.87 -5.36
C HIS A 25 4.94 -2.52 -5.73
N VAL A 26 5.72 -1.68 -6.40
CA VAL A 26 5.24 -0.37 -6.82
C VAL A 26 5.76 0.00 -8.20
N ARG A 27 4.85 0.38 -9.08
CA ARG A 27 5.21 0.76 -10.44
C ARG A 27 4.80 2.20 -10.75
N PRO A 28 5.79 3.10 -10.77
CA PRO A 28 5.55 4.52 -11.05
C PRO A 28 5.14 4.77 -12.50
N GLN A 29 3.88 5.15 -12.69
CA GLN A 29 3.36 5.42 -14.03
C GLN A 29 3.43 6.91 -14.35
N THR A 30 2.88 7.29 -15.50
CA THR A 30 2.89 8.69 -15.92
C THR A 30 2.19 9.58 -14.90
N ASN A 31 0.87 9.45 -14.81
CA ASN A 31 0.09 10.24 -13.87
C ASN A 31 -0.53 9.35 -12.80
N CYS A 32 0.04 8.16 -12.61
CA CYS A 32 -0.46 7.22 -11.61
C CYS A 32 0.66 6.31 -11.13
N ILE A 33 0.35 5.49 -10.12
CA ILE A 33 1.33 4.57 -9.56
C ILE A 33 0.65 3.39 -8.87
N ILE A 34 0.69 2.23 -9.54
CA ILE A 34 0.07 1.03 -8.98
C ILE A 34 1.01 0.33 -8.02
N MET A 35 0.47 -0.08 -6.87
CA MET A 35 1.26 -0.77 -5.86
C MET A 35 0.56 -2.03 -5.38
N SER A 36 1.28 -3.14 -5.37
CA SER A 36 0.72 -4.42 -4.94
C SER A 36 1.55 -5.02 -3.80
N TRP A 37 0.92 -5.20 -2.64
CA TRP A 37 1.60 -5.76 -1.48
C TRP A 37 1.01 -7.12 -1.12
N THR A 38 1.52 -7.71 -0.05
CA THR A 38 1.05 -9.01 0.41
C THR A 38 0.79 -9.01 1.91
N PRO A 39 0.07 -10.04 2.39
CA PRO A 39 -0.26 -10.18 3.81
C PRO A 39 0.96 -10.52 4.66
N PRO A 40 0.80 -10.43 5.99
CA PRO A 40 1.88 -10.72 6.93
C PRO A 40 2.24 -12.20 6.97
N LEU A 41 3.54 -12.49 6.89
CA LEU A 41 4.01 -13.87 6.92
C LEU A 41 3.29 -14.67 7.99
N ASN A 42 2.74 -13.98 8.98
CA ASN A 42 2.03 -14.63 10.07
C ASN A 42 0.51 -14.52 9.86
N PRO A 43 -0.08 -15.60 9.32
CA PRO A 43 -1.52 -15.66 9.06
C PRO A 43 -2.34 -15.73 10.35
N ASN A 44 -1.65 -15.72 11.49
CA ASN A 44 -2.31 -15.79 12.78
C ASN A 44 -2.55 -14.39 13.34
N ILE A 45 -2.34 -13.38 12.51
CA ILE A 45 -2.53 -12.00 12.92
C ILE A 45 -3.75 -11.39 12.23
N VAL A 46 -4.51 -10.61 12.98
CA VAL A 46 -5.71 -9.96 12.43
C VAL A 46 -5.34 -8.73 11.61
N VAL A 47 -6.03 -8.56 10.49
CA VAL A 47 -5.77 -7.42 9.61
C VAL A 47 -7.07 -6.73 9.21
N ARG A 48 -7.15 -5.44 9.47
CA ARG A 48 -8.34 -4.66 9.14
C ARG A 48 -8.10 -3.78 7.92
N GLY A 49 -6.86 -3.80 7.42
CA GLY A 49 -6.53 -3.00 6.26
C GLY A 49 -5.06 -2.58 6.24
N TYR A 50 -4.75 -1.61 5.40
CA TYR A 50 -3.38 -1.13 5.29
C TYR A 50 -3.35 0.33 4.86
N ILE A 51 -2.57 1.14 5.57
CA ILE A 51 -2.45 2.56 5.26
C ILE A 51 -1.39 2.81 4.18
N ILE A 52 -1.76 3.56 3.16
CA ILE A 52 -0.85 3.87 2.07
C ILE A 52 -0.40 5.32 2.12
N GLY A 53 0.82 5.54 2.60
CA GLY A 53 1.35 6.89 2.71
C GLY A 53 2.29 7.23 1.56
N TYR A 54 1.74 7.85 0.52
CA TYR A 54 2.53 8.23 -0.65
C TYR A 54 2.63 9.75 -0.76
N GLY A 55 3.62 10.21 -1.52
CA GLY A 55 3.81 11.63 -1.71
C GLY A 55 5.18 11.97 -2.28
N VAL A 56 5.20 12.93 -3.21
CA VAL A 56 6.45 13.33 -3.85
C VAL A 56 7.42 13.92 -2.83
N GLY A 57 8.60 13.33 -2.71
CA GLY A 57 9.60 13.81 -1.78
C GLY A 57 9.37 13.29 -0.38
N SER A 58 8.11 13.02 -0.05
CA SER A 58 7.75 12.51 1.28
C SER A 58 6.45 11.73 1.23
N PRO A 59 6.46 10.53 1.84
CA PRO A 59 5.28 9.65 1.88
C PRO A 59 4.18 10.21 2.77
N TYR A 60 4.28 11.49 3.11
CA TYR A 60 3.29 12.14 3.96
C TYR A 60 2.50 13.19 3.18
N ALA A 61 2.55 13.09 1.85
CA ALA A 61 1.84 14.02 0.99
C ALA A 61 0.40 13.57 0.76
N GLU A 62 0.20 12.25 0.74
CA GLU A 62 -1.13 11.69 0.52
C GLU A 62 -1.27 10.35 1.23
N THR A 63 -2.22 10.28 2.17
CA THR A 63 -2.46 9.06 2.93
C THR A 63 -3.76 8.39 2.50
N VAL A 64 -3.69 7.09 2.26
CA VAL A 64 -4.87 6.33 1.84
C VAL A 64 -4.80 4.89 2.35
N ARG A 65 -5.70 4.56 3.27
CA ARG A 65 -5.74 3.21 3.84
C ARG A 65 -6.88 2.40 3.22
N VAL A 66 -6.55 1.20 2.74
CA VAL A 66 -7.55 0.33 2.12
C VAL A 66 -8.06 -0.71 3.12
N ASP A 67 -8.89 -1.63 2.64
CA ASP A 67 -9.44 -2.68 3.49
C ASP A 67 -8.47 -3.84 3.62
N SER A 68 -8.84 -4.82 4.44
CA SER A 68 -8.00 -5.99 4.65
C SER A 68 -8.19 -7.00 3.53
N LYS A 69 -8.65 -6.53 2.38
CA LYS A 69 -8.87 -7.39 1.23
C LYS A 69 -8.08 -6.91 0.02
N GLN A 70 -7.93 -5.59 -0.10
CA GLN A 70 -7.20 -5.00 -1.21
C GLN A 70 -5.74 -5.45 -1.19
N ARG A 71 -5.28 -6.04 -2.29
CA ARG A 71 -3.91 -6.51 -2.40
C ARG A 71 -3.06 -5.55 -3.21
N TYR A 72 -3.67 -4.45 -3.65
CA TYR A 72 -2.98 -3.44 -4.44
C TYR A 72 -3.83 -2.18 -4.59
N TYR A 73 -3.17 -1.03 -4.67
CA TYR A 73 -3.86 0.24 -4.81
C TYR A 73 -3.26 1.06 -5.95
N SER A 74 -4.13 1.53 -6.85
CA SER A 74 -3.68 2.32 -7.99
C SER A 74 -3.77 3.82 -7.67
N ILE A 75 -2.64 4.40 -7.31
CA ILE A 75 -2.58 5.82 -6.98
C ILE A 75 -2.64 6.67 -8.25
N GLU A 76 -3.76 7.36 -8.44
CA GLU A 76 -3.94 8.22 -9.61
C GLU A 76 -3.95 9.68 -9.20
N ARG A 77 -4.10 10.56 -10.20
CA ARG A 77 -4.12 12.00 -9.95
C ARG A 77 -2.76 12.49 -9.46
N LEU A 78 -1.70 11.95 -10.04
CA LEU A 78 -0.34 12.34 -9.67
C LEU A 78 0.34 13.10 -10.80
N GLU A 79 1.57 13.53 -10.56
CA GLU A 79 2.34 14.26 -11.57
C GLU A 79 3.26 13.32 -12.34
N SER A 80 4.05 13.90 -13.24
CA SER A 80 4.97 13.11 -14.06
C SER A 80 6.39 13.65 -13.95
N SER A 81 7.36 12.75 -13.89
CA SER A 81 8.76 13.13 -13.77
C SER A 81 9.07 13.66 -12.37
N SER A 82 8.64 12.90 -11.37
CA SER A 82 8.87 13.28 -9.97
C SER A 82 8.92 12.04 -9.09
N HIS A 83 9.88 12.04 -8.15
CA HIS A 83 10.04 10.92 -7.24
C HIS A 83 8.92 10.89 -6.21
N TYR A 84 8.30 9.73 -6.04
CA TYR A 84 7.21 9.57 -5.09
C TYR A 84 7.51 8.46 -4.09
N VAL A 85 7.57 8.84 -2.81
CA VAL A 85 7.85 7.88 -1.75
C VAL A 85 6.57 7.20 -1.26
N ILE A 86 6.50 5.89 -1.44
CA ILE A 86 5.33 5.13 -1.02
C ILE A 86 5.63 4.33 0.25
N SER A 87 4.81 4.54 1.28
CA SER A 87 4.98 3.86 2.55
C SER A 87 3.68 3.15 2.96
N LEU A 88 3.64 1.84 2.75
CA LEU A 88 2.46 1.05 3.10
C LEU A 88 2.66 0.34 4.44
N LYS A 89 1.67 0.47 5.32
CA LYS A 89 1.74 -0.16 6.62
C LYS A 89 0.39 -0.80 6.99
N ALA A 90 0.45 -1.95 7.66
CA ALA A 90 -0.76 -2.65 8.07
C ALA A 90 -1.35 -2.04 9.33
N PHE A 91 -2.67 -2.09 9.46
CA PHE A 91 -3.36 -1.55 10.62
C PHE A 91 -4.47 -2.48 11.08
N ASN A 92 -4.94 -2.26 12.31
CA ASN A 92 -6.00 -3.09 12.87
C ASN A 92 -6.51 -2.49 14.18
N ASN A 93 -7.41 -3.22 14.84
CA ASN A 93 -7.98 -2.76 16.11
C ASN A 93 -6.88 -2.34 17.08
N ALA A 94 -5.70 -2.93 16.91
CA ALA A 94 -4.56 -2.61 17.77
C ALA A 94 -3.89 -1.31 17.35
N GLY A 95 -4.03 -0.97 16.07
CA GLY A 95 -3.43 0.26 15.57
C GLY A 95 -2.64 0.03 14.29
N GLU A 96 -1.40 0.52 14.27
CA GLU A 96 -0.54 0.38 13.11
C GLU A 96 0.71 -0.42 13.46
N GLY A 97 1.22 -1.18 12.49
CA GLY A 97 2.41 -1.98 12.70
C GLY A 97 3.58 -1.52 11.86
N VAL A 98 4.73 -2.14 12.07
CA VAL A 98 5.94 -1.79 11.32
C VAL A 98 5.60 -1.39 9.90
N PRO A 99 5.62 -0.08 9.63
CA PRO A 99 5.32 0.48 8.30
C PRO A 99 6.41 0.15 7.29
N LEU A 100 6.00 -0.12 6.06
CA LEU A 100 6.93 -0.45 4.98
C LEU A 100 7.08 0.72 4.02
N TYR A 101 8.31 1.17 3.82
CA TYR A 101 8.58 2.28 2.91
C TYR A 101 8.99 1.77 1.54
N GLU A 102 8.92 2.66 0.54
CA GLU A 102 9.28 2.30 -0.82
C GLU A 102 9.55 3.54 -1.66
N SER A 103 9.99 3.33 -2.91
CA SER A 103 10.27 4.44 -3.81
C SER A 103 9.69 4.18 -5.19
N ALA A 104 9.29 5.24 -5.87
CA ALA A 104 8.72 5.13 -7.21
C ALA A 104 8.65 6.49 -7.90
N THR A 105 9.45 6.66 -8.95
CA THR A 105 9.48 7.91 -9.68
C THR A 105 8.58 7.85 -10.92
N THR A 106 7.48 8.59 -10.88
CA THR A 106 6.54 8.61 -11.99
C THR A 106 7.26 8.76 -13.32
N ARG A 107 6.52 8.61 -14.41
CA ARG A 107 7.09 8.73 -15.75
C ARG A 107 6.94 10.15 -16.29
N SER A 108 7.60 10.42 -17.41
CA SER A 108 7.54 11.74 -18.03
C SER A 108 6.49 11.78 -19.12
N ILE A 109 5.66 12.82 -19.09
CA ILE A 109 4.60 12.99 -20.08
C ILE A 109 5.08 12.60 -21.48
N THR A 110 4.56 11.50 -22.01
CA THR A 110 4.95 11.03 -23.33
C THR A 110 3.86 11.34 -24.35
N SER A 111 4.21 11.22 -25.63
CA SER A 111 3.26 11.48 -26.71
C SER A 111 2.59 10.19 -27.17
N GLY A 112 1.34 9.99 -26.77
CA GLY A 112 0.62 8.80 -27.15
C GLY A 112 0.58 7.75 -26.05
N PRO A 113 -0.40 6.84 -26.12
CA PRO A 113 -0.55 5.77 -25.13
C PRO A 113 0.56 4.74 -25.21
N SER A 114 1.51 4.96 -26.11
CA SER A 114 2.63 4.03 -26.29
C SER A 114 2.15 2.72 -26.91
N SER A 115 1.29 2.84 -27.93
CA SER A 115 0.76 1.66 -28.61
C SER A 115 1.79 1.07 -29.56
N GLY A 116 1.85 -0.26 -29.61
CA GLY A 116 2.80 -0.93 -30.48
C GLY A 116 4.16 -1.09 -29.85
N GLY A 1 -13.95 -20.15 -6.93
CA GLY A 1 -13.88 -18.73 -6.65
C GLY A 1 -13.58 -18.44 -5.19
N SER A 2 -12.71 -17.46 -4.96
CA SER A 2 -12.34 -17.09 -3.59
C SER A 2 -13.57 -16.84 -2.74
N SER A 3 -13.80 -17.73 -1.76
CA SER A 3 -14.95 -17.60 -0.88
C SER A 3 -14.49 -17.42 0.57
N GLY A 4 -13.79 -18.41 1.09
CA GLY A 4 -13.30 -18.35 2.46
C GLY A 4 -14.28 -17.64 3.38
N SER A 5 -15.49 -18.20 3.49
CA SER A 5 -16.52 -17.62 4.34
C SER A 5 -16.63 -18.38 5.66
N SER A 6 -15.48 -18.73 6.23
CA SER A 6 -15.44 -19.47 7.49
C SER A 6 -15.51 -18.52 8.67
N GLY A 7 -14.64 -17.52 8.67
CA GLY A 7 -14.61 -16.55 9.75
C GLY A 7 -13.25 -15.88 9.90
N PRO A 8 -13.23 -14.55 9.78
CA PRO A 8 -12.00 -13.76 9.90
C PRO A 8 -11.46 -13.74 11.32
N GLU A 9 -12.12 -14.48 12.21
CA GLU A 9 -11.70 -14.55 13.60
C GLU A 9 -11.52 -15.99 14.05
N ASN A 10 -10.47 -16.63 13.55
CA ASN A 10 -10.19 -18.02 13.90
C ASN A 10 -8.70 -18.23 14.15
N ASP A 11 -8.35 -18.46 15.42
CA ASP A 11 -6.96 -18.67 15.79
C ASP A 11 -6.08 -17.53 15.30
N LEU A 12 -6.55 -16.31 15.49
CA LEU A 12 -5.81 -15.13 15.06
C LEU A 12 -5.52 -14.20 16.25
N ASP A 13 -4.77 -13.15 15.99
CA ASP A 13 -4.42 -12.19 17.03
C ASP A 13 -4.79 -10.77 16.61
N GLU A 14 -5.50 -10.06 17.48
CA GLU A 14 -5.92 -8.69 17.19
C GLU A 14 -5.37 -7.72 18.25
N SER A 15 -4.89 -8.27 19.36
CA SER A 15 -4.34 -7.46 20.44
C SER A 15 -3.04 -6.79 20.01
N GLN A 16 -2.42 -7.35 18.97
CA GLN A 16 -1.17 -6.81 18.46
C GLN A 16 -1.34 -6.25 17.04
N VAL A 17 -0.50 -5.30 16.68
CA VAL A 17 -0.56 -4.68 15.36
C VAL A 17 0.00 -5.61 14.30
N PRO A 18 -0.58 -5.53 13.09
CA PRO A 18 -0.16 -6.35 11.94
C PRO A 18 1.22 -5.96 11.43
N ASP A 19 2.07 -6.96 11.21
CA ASP A 19 3.41 -6.73 10.70
C ASP A 19 3.38 -6.24 9.25
N GLN A 20 4.51 -5.74 8.78
CA GLN A 20 4.60 -5.24 7.41
C GLN A 20 4.40 -6.37 6.40
N PRO A 21 4.00 -6.00 5.18
CA PRO A 21 3.78 -6.97 4.10
C PRO A 21 5.07 -7.60 3.60
N SER A 22 5.12 -8.93 3.60
CA SER A 22 6.31 -9.65 3.15
C SER A 22 7.02 -8.89 2.04
N SER A 23 6.23 -8.24 1.18
CA SER A 23 6.80 -7.46 0.07
C SER A 23 5.77 -6.46 -0.46
N LEU A 24 6.27 -5.34 -0.98
CA LEU A 24 5.40 -4.30 -1.52
C LEU A 24 5.88 -3.86 -2.89
N HIS A 25 5.19 -4.32 -3.94
CA HIS A 25 5.55 -3.97 -5.30
C HIS A 25 4.93 -2.63 -5.70
N VAL A 26 5.71 -1.79 -6.36
CA VAL A 26 5.23 -0.48 -6.80
C VAL A 26 5.78 -0.13 -8.17
N ARG A 27 4.89 0.33 -9.05
CA ARG A 27 5.28 0.70 -10.41
C ARG A 27 4.86 2.14 -10.72
N PRO A 28 5.84 3.05 -10.74
CA PRO A 28 5.60 4.47 -11.02
C PRO A 28 5.21 4.71 -12.48
N GLN A 29 3.95 5.05 -12.71
CA GLN A 29 3.47 5.31 -14.06
C GLN A 29 3.57 6.79 -14.40
N THR A 30 3.06 7.17 -15.57
CA THR A 30 3.10 8.55 -16.03
C THR A 30 2.51 9.49 -14.97
N ASN A 31 1.21 9.34 -14.74
CA ASN A 31 0.51 10.17 -13.77
C ASN A 31 -0.08 9.32 -12.65
N CYS A 32 0.09 8.02 -12.75
CA CYS A 32 -0.43 7.09 -11.75
C CYS A 32 0.68 6.20 -11.20
N ILE A 33 0.35 5.40 -10.19
CA ILE A 33 1.33 4.50 -9.59
C ILE A 33 0.62 3.32 -8.91
N ILE A 34 0.70 2.16 -9.56
CA ILE A 34 0.09 0.95 -9.02
C ILE A 34 1.03 0.23 -8.05
N MET A 35 0.49 -0.15 -6.90
CA MET A 35 1.29 -0.84 -5.89
C MET A 35 0.56 -2.09 -5.39
N SER A 36 1.27 -3.21 -5.36
CA SER A 36 0.69 -4.48 -4.91
C SER A 36 1.52 -5.09 -3.78
N TRP A 37 0.90 -5.23 -2.62
CA TRP A 37 1.59 -5.80 -1.47
C TRP A 37 1.00 -7.16 -1.10
N THR A 38 1.47 -7.73 0.01
CA THR A 38 0.99 -9.03 0.46
C THR A 38 0.75 -9.03 1.96
N PRO A 39 0.01 -10.05 2.44
CA PRO A 39 -0.31 -10.18 3.86
C PRO A 39 0.91 -10.55 4.70
N PRO A 40 0.76 -10.47 6.03
CA PRO A 40 1.85 -10.80 6.97
C PRO A 40 2.16 -12.29 7.00
N LEU A 41 3.45 -12.61 7.04
CA LEU A 41 3.88 -14.00 7.08
C LEU A 41 3.20 -14.76 8.20
N ASN A 42 2.59 -14.02 9.12
CA ASN A 42 1.89 -14.62 10.25
C ASN A 42 0.38 -14.61 10.03
N PRO A 43 -0.15 -15.75 9.56
CA PRO A 43 -1.59 -15.90 9.29
C PRO A 43 -2.42 -15.94 10.57
N ASN A 44 -1.74 -15.84 11.70
CA ASN A 44 -2.41 -15.86 13.00
C ASN A 44 -2.70 -14.45 13.49
N ILE A 45 -2.51 -13.47 12.61
CA ILE A 45 -2.75 -12.07 12.95
C ILE A 45 -3.93 -11.50 12.17
N VAL A 46 -4.68 -10.62 12.80
CA VAL A 46 -5.85 -10.00 12.18
C VAL A 46 -5.44 -8.75 11.41
N VAL A 47 -6.10 -8.52 10.27
CA VAL A 47 -5.81 -7.36 9.43
C VAL A 47 -7.09 -6.64 9.04
N ARG A 48 -7.17 -5.36 9.36
CA ARG A 48 -8.35 -4.56 9.03
C ARG A 48 -8.12 -3.75 7.76
N GLY A 49 -6.86 -3.67 7.34
CA GLY A 49 -6.52 -2.92 6.14
C GLY A 49 -5.06 -2.54 6.08
N TYR A 50 -4.74 -1.51 5.31
CA TYR A 50 -3.37 -1.05 5.17
C TYR A 50 -3.32 0.43 4.78
N ILE A 51 -2.55 1.20 5.52
CA ILE A 51 -2.41 2.63 5.25
C ILE A 51 -1.34 2.89 4.20
N ILE A 52 -1.73 3.62 3.14
CA ILE A 52 -0.81 3.94 2.06
C ILE A 52 -0.37 5.39 2.14
N GLY A 53 0.87 5.60 2.60
CA GLY A 53 1.40 6.95 2.71
C GLY A 53 2.31 7.31 1.56
N TYR A 54 1.75 7.90 0.52
CA TYR A 54 2.52 8.30 -0.65
C TYR A 54 2.60 9.81 -0.78
N GLY A 55 3.58 10.29 -1.53
CA GLY A 55 3.75 11.72 -1.71
C GLY A 55 5.05 12.07 -2.41
N VAL A 56 5.05 13.18 -3.13
CA VAL A 56 6.24 13.62 -3.86
C VAL A 56 7.38 13.93 -2.90
N GLY A 57 8.42 13.09 -2.92
CA GLY A 57 9.56 13.29 -2.05
C GLY A 57 9.30 12.79 -0.63
N SER A 58 8.08 13.01 -0.15
CA SER A 58 7.71 12.58 1.20
C SER A 58 6.43 11.76 1.17
N PRO A 59 6.48 10.56 1.78
CA PRO A 59 5.32 9.66 1.85
C PRO A 59 4.22 10.20 2.75
N TYR A 60 4.33 11.45 3.13
CA TYR A 60 3.34 12.08 3.99
C TYR A 60 2.54 13.14 3.24
N ALA A 61 2.66 13.13 1.92
CA ALA A 61 1.94 14.07 1.07
C ALA A 61 0.52 13.61 0.82
N GLU A 62 0.32 12.30 0.81
CA GLU A 62 -1.01 11.73 0.57
C GLU A 62 -1.15 10.39 1.29
N THR A 63 -2.14 10.30 2.17
CA THR A 63 -2.39 9.09 2.93
C THR A 63 -3.70 8.43 2.50
N VAL A 64 -3.64 7.13 2.24
CA VAL A 64 -4.83 6.39 1.83
C VAL A 64 -4.80 4.96 2.35
N ARG A 65 -5.69 4.66 3.28
CA ARG A 65 -5.77 3.32 3.87
C ARG A 65 -6.91 2.52 3.26
N VAL A 66 -6.60 1.30 2.84
CA VAL A 66 -7.60 0.42 2.23
C VAL A 66 -8.04 -0.66 3.21
N ASP A 67 -8.89 -1.57 2.72
CA ASP A 67 -9.39 -2.66 3.55
C ASP A 67 -8.39 -3.81 3.61
N SER A 68 -8.69 -4.81 4.42
CA SER A 68 -7.81 -5.96 4.57
C SER A 68 -8.00 -6.94 3.42
N LYS A 69 -8.65 -6.47 2.36
CA LYS A 69 -8.89 -7.29 1.18
C LYS A 69 -8.08 -6.80 -0.01
N GLN A 70 -7.97 -5.48 -0.14
CA GLN A 70 -7.21 -4.88 -1.23
C GLN A 70 -5.76 -5.31 -1.19
N ARG A 71 -5.33 -6.00 -2.25
CA ARG A 71 -3.95 -6.48 -2.34
C ARG A 71 -3.09 -5.52 -3.17
N TYR A 72 -3.70 -4.43 -3.61
CA TYR A 72 -3.00 -3.44 -4.42
C TYR A 72 -3.83 -2.18 -4.57
N TYR A 73 -3.15 -1.04 -4.69
CA TYR A 73 -3.82 0.25 -4.84
C TYR A 73 -3.21 1.05 -5.98
N SER A 74 -4.06 1.58 -6.86
CA SER A 74 -3.60 2.36 -7.99
C SER A 74 -3.71 3.85 -7.70
N ILE A 75 -2.58 4.47 -7.38
CA ILE A 75 -2.54 5.90 -7.08
C ILE A 75 -2.62 6.73 -8.35
N GLU A 76 -3.59 7.64 -8.40
CA GLU A 76 -3.78 8.50 -9.55
C GLU A 76 -3.77 9.97 -9.14
N ARG A 77 -3.91 10.86 -10.13
CA ARG A 77 -3.91 12.29 -9.87
C ARG A 77 -2.53 12.76 -9.42
N LEU A 78 -1.49 12.29 -10.11
CA LEU A 78 -0.12 12.66 -9.77
C LEU A 78 0.55 13.36 -10.95
N GLU A 79 1.79 13.80 -10.75
CA GLU A 79 2.54 14.49 -11.79
C GLU A 79 3.47 13.52 -12.52
N SER A 80 4.20 14.04 -13.49
CA SER A 80 5.13 13.22 -14.27
C SER A 80 6.56 13.71 -14.11
N SER A 81 7.50 12.76 -14.01
CA SER A 81 8.90 13.11 -13.84
C SER A 81 9.18 13.61 -12.43
N SER A 82 8.76 12.83 -11.43
CA SER A 82 8.95 13.21 -10.04
C SER A 82 9.01 11.97 -9.14
N HIS A 83 9.78 12.07 -8.06
CA HIS A 83 9.92 10.95 -7.13
C HIS A 83 8.72 10.89 -6.18
N TYR A 84 8.16 9.70 -6.02
CA TYR A 84 7.02 9.49 -5.15
C TYR A 84 7.30 8.42 -4.11
N VAL A 85 7.57 8.84 -2.88
CA VAL A 85 7.85 7.91 -1.79
C VAL A 85 6.59 7.23 -1.30
N ILE A 86 6.51 5.91 -1.47
CA ILE A 86 5.35 5.15 -1.04
C ILE A 86 5.66 4.35 0.22
N SER A 87 4.82 4.51 1.23
CA SER A 87 5.00 3.81 2.49
C SER A 87 3.71 3.11 2.91
N LEU A 88 3.69 1.79 2.76
CA LEU A 88 2.51 1.00 3.13
C LEU A 88 2.71 0.32 4.47
N LYS A 89 1.69 0.35 5.30
CA LYS A 89 1.75 -0.27 6.63
C LYS A 89 0.41 -0.90 6.98
N ALA A 90 0.47 -2.04 7.68
CA ALA A 90 -0.74 -2.74 8.09
C ALA A 90 -1.34 -2.11 9.35
N PHE A 91 -2.66 -2.19 9.47
CA PHE A 91 -3.36 -1.64 10.62
C PHE A 91 -4.51 -2.53 11.05
N ASN A 92 -4.95 -2.37 12.30
CA ASN A 92 -6.04 -3.18 12.84
C ASN A 92 -6.58 -2.56 14.13
N ASN A 93 -7.51 -3.26 14.76
CA ASN A 93 -8.11 -2.79 16.01
C ASN A 93 -7.03 -2.44 17.02
N ALA A 94 -5.83 -2.96 16.81
CA ALA A 94 -4.71 -2.70 17.71
C ALA A 94 -3.99 -1.40 17.33
N GLY A 95 -4.08 -1.04 16.05
CA GLY A 95 -3.43 0.16 15.58
C GLY A 95 -2.65 -0.05 14.30
N GLU A 96 -1.38 0.37 14.30
CA GLU A 96 -0.52 0.21 13.13
C GLU A 96 0.74 -0.57 13.47
N GLY A 97 1.26 -1.30 12.49
CA GLY A 97 2.46 -2.08 12.71
C GLY A 97 3.64 -1.60 11.88
N VAL A 98 4.80 -2.20 12.09
CA VAL A 98 6.00 -1.82 11.35
C VAL A 98 5.66 -1.37 9.94
N PRO A 99 5.73 -0.05 9.70
CA PRO A 99 5.43 0.54 8.39
C PRO A 99 6.49 0.20 7.35
N LEU A 100 6.05 -0.06 6.13
CA LEU A 100 6.95 -0.40 5.04
C LEU A 100 7.08 0.75 4.06
N TYR A 101 8.32 1.20 3.84
CA TYR A 101 8.58 2.31 2.92
C TYR A 101 8.96 1.79 1.54
N GLU A 102 8.90 2.67 0.55
CA GLU A 102 9.25 2.31 -0.82
C GLU A 102 9.54 3.55 -1.66
N SER A 103 9.94 3.32 -2.91
CA SER A 103 10.25 4.43 -3.82
C SER A 103 9.63 4.18 -5.20
N ALA A 104 9.26 5.27 -5.86
CA ALA A 104 8.66 5.17 -7.18
C ALA A 104 8.63 6.54 -7.88
N THR A 105 9.42 6.67 -8.94
CA THR A 105 9.49 7.92 -9.68
C THR A 105 8.62 7.86 -10.94
N THR A 106 7.58 8.68 -10.96
CA THR A 106 6.66 8.73 -12.10
C THR A 106 7.44 8.74 -13.42
N ARG A 107 6.71 8.59 -14.51
CA ARG A 107 7.33 8.59 -15.84
C ARG A 107 7.28 9.98 -16.46
N SER A 108 7.87 10.12 -17.64
CA SER A 108 7.89 11.40 -18.34
C SER A 108 6.89 11.41 -19.49
N ILE A 109 6.00 12.39 -19.48
CA ILE A 109 4.99 12.51 -20.52
C ILE A 109 5.54 12.12 -21.88
N THR A 110 4.78 11.33 -22.62
CA THR A 110 5.20 10.88 -23.95
C THR A 110 4.48 11.67 -25.04
N SER A 111 4.89 11.43 -26.30
CA SER A 111 4.28 12.12 -27.43
C SER A 111 3.26 11.23 -28.12
N GLY A 112 1.99 11.57 -27.98
CA GLY A 112 0.93 10.79 -28.60
C GLY A 112 -0.45 11.34 -28.29
N PRO A 113 -1.40 11.13 -29.23
CA PRO A 113 -2.78 11.59 -29.08
C PRO A 113 -3.53 10.84 -28.00
N SER A 114 -3.38 11.28 -26.76
CA SER A 114 -4.05 10.64 -25.63
C SER A 114 -3.83 9.12 -25.65
N SER A 115 -2.60 8.72 -25.95
CA SER A 115 -2.26 7.31 -26.02
C SER A 115 -0.75 7.12 -26.10
N GLY A 116 -0.30 5.88 -25.88
CA GLY A 116 1.12 5.59 -25.92
C GLY A 116 1.54 4.58 -24.88
N GLY A 1 -13.26 -17.14 -1.72
CA GLY A 1 -12.73 -18.45 -1.37
C GLY A 1 -13.81 -19.42 -0.94
N SER A 2 -13.80 -20.62 -1.51
CA SER A 2 -14.79 -21.63 -1.18
C SER A 2 -15.02 -21.70 0.32
N SER A 3 -13.93 -21.77 1.09
CA SER A 3 -14.01 -21.85 2.53
C SER A 3 -14.45 -20.51 3.12
N GLY A 4 -15.76 -20.31 3.22
CA GLY A 4 -16.29 -19.08 3.76
C GLY A 4 -16.28 -19.05 5.27
N SER A 5 -15.39 -18.25 5.85
CA SER A 5 -15.27 -18.14 7.30
C SER A 5 -16.46 -17.38 7.89
N SER A 6 -16.52 -17.32 9.21
CA SER A 6 -17.61 -16.63 9.89
C SER A 6 -17.18 -15.22 10.28
N GLY A 7 -16.08 -15.11 11.02
CA GLY A 7 -15.59 -13.81 11.45
C GLY A 7 -14.16 -13.57 11.03
N PRO A 8 -13.77 -12.28 10.93
CA PRO A 8 -12.41 -11.89 10.54
C PRO A 8 -11.39 -12.22 11.61
N GLU A 9 -11.85 -12.81 12.71
CA GLU A 9 -10.97 -13.17 13.81
C GLU A 9 -11.05 -14.66 14.11
N ASN A 10 -10.58 -15.48 13.16
CA ASN A 10 -10.59 -16.93 13.32
C ASN A 10 -9.28 -17.43 13.92
N ASP A 11 -9.23 -17.49 15.24
CA ASP A 11 -8.04 -17.96 15.95
C ASP A 11 -6.83 -17.11 15.56
N LEU A 12 -7.02 -15.81 15.50
CA LEU A 12 -5.94 -14.88 15.15
C LEU A 12 -5.50 -14.08 16.36
N ASP A 13 -4.49 -13.24 16.16
CA ASP A 13 -3.96 -12.41 17.24
C ASP A 13 -4.06 -10.93 16.88
N GLU A 14 -5.15 -10.29 17.28
CA GLU A 14 -5.37 -8.87 17.00
C GLU A 14 -4.64 -8.01 18.02
N SER A 15 -4.61 -8.47 19.27
CA SER A 15 -3.97 -7.73 20.34
C SER A 15 -2.67 -7.09 19.86
N GLN A 16 -2.08 -7.68 18.81
CA GLN A 16 -0.84 -7.17 18.24
C GLN A 16 -1.05 -6.65 16.83
N VAL A 17 -0.43 -5.51 16.53
CA VAL A 17 -0.56 -4.92 15.20
C VAL A 17 -0.02 -5.84 14.12
N PRO A 18 -0.59 -5.75 12.91
CA PRO A 18 -0.17 -6.57 11.78
C PRO A 18 1.21 -6.20 11.25
N ASP A 19 2.07 -7.19 11.09
CA ASP A 19 3.42 -6.95 10.60
C ASP A 19 3.40 -6.43 9.17
N GLN A 20 4.55 -5.96 8.70
CA GLN A 20 4.65 -5.42 7.35
C GLN A 20 4.49 -6.53 6.31
N PRO A 21 4.11 -6.14 5.09
CA PRO A 21 3.90 -7.08 3.98
C PRO A 21 5.21 -7.70 3.49
N SER A 22 5.28 -9.02 3.50
CA SER A 22 6.47 -9.73 3.05
C SER A 22 7.17 -8.97 1.93
N SER A 23 6.37 -8.32 1.08
CA SER A 23 6.91 -7.56 -0.04
C SER A 23 5.90 -6.54 -0.54
N LEU A 24 6.40 -5.43 -1.07
CA LEU A 24 5.54 -4.37 -1.59
C LEU A 24 5.99 -3.94 -2.99
N HIS A 25 5.25 -4.39 -4.00
CA HIS A 25 5.57 -4.05 -5.38
C HIS A 25 4.99 -2.68 -5.75
N VAL A 26 5.81 -1.86 -6.40
CA VAL A 26 5.39 -0.52 -6.81
C VAL A 26 5.94 -0.18 -8.19
N ARG A 27 5.08 0.39 -9.04
CA ARG A 27 5.48 0.78 -10.38
C ARG A 27 5.03 2.20 -10.70
N PRO A 28 5.97 3.14 -10.70
CA PRO A 28 5.70 4.55 -10.98
C PRO A 28 5.33 4.79 -12.45
N GLN A 29 4.06 5.09 -12.69
CA GLN A 29 3.58 5.34 -14.05
C GLN A 29 3.74 6.80 -14.42
N THR A 30 3.25 7.17 -15.60
CA THR A 30 3.33 8.54 -16.07
C THR A 30 2.68 9.50 -15.09
N ASN A 31 1.39 9.29 -14.82
CA ASN A 31 0.65 10.14 -13.90
C ASN A 31 0.02 9.31 -12.78
N CYS A 32 0.30 8.02 -12.79
CA CYS A 32 -0.23 7.12 -11.77
C CYS A 32 0.87 6.24 -11.19
N ILE A 33 0.52 5.46 -10.16
CA ILE A 33 1.48 4.58 -9.52
C ILE A 33 0.78 3.42 -8.83
N ILE A 34 0.86 2.23 -9.44
CA ILE A 34 0.23 1.04 -8.88
C ILE A 34 1.15 0.36 -7.87
N MET A 35 0.59 -0.02 -6.73
CA MET A 35 1.36 -0.69 -5.69
C MET A 35 0.63 -1.92 -5.16
N SER A 36 1.28 -3.07 -5.24
CA SER A 36 0.69 -4.32 -4.78
C SER A 36 1.55 -4.97 -3.71
N TRP A 37 0.97 -5.19 -2.53
CA TRP A 37 1.69 -5.80 -1.42
C TRP A 37 1.10 -7.16 -1.08
N THR A 38 1.61 -7.78 -0.02
CA THR A 38 1.14 -9.09 0.41
C THR A 38 0.85 -9.11 1.90
N PRO A 39 0.11 -10.14 2.35
CA PRO A 39 -0.25 -10.30 3.76
C PRO A 39 0.95 -10.67 4.63
N PRO A 40 0.77 -10.61 5.95
CA PRO A 40 1.84 -10.94 6.91
C PRO A 40 2.17 -12.43 6.93
N LEU A 41 3.45 -12.75 6.89
CA LEU A 41 3.90 -14.13 6.90
C LEU A 41 3.14 -14.94 7.94
N ASN A 42 2.60 -14.26 8.94
CA ASN A 42 1.83 -14.92 10.00
C ASN A 42 0.34 -14.74 9.78
N PRO A 43 -0.31 -15.76 9.19
CA PRO A 43 -1.74 -15.74 8.92
C PRO A 43 -2.58 -15.82 10.19
N ASN A 44 -1.90 -15.89 11.33
CA ASN A 44 -2.58 -15.98 12.62
C ASN A 44 -2.80 -14.59 13.21
N ILE A 45 -2.51 -13.56 12.41
CA ILE A 45 -2.68 -12.18 12.85
C ILE A 45 -3.88 -11.53 12.18
N VAL A 46 -4.53 -10.60 12.88
CA VAL A 46 -5.69 -9.91 12.35
C VAL A 46 -5.27 -8.69 11.53
N VAL A 47 -6.02 -8.42 10.45
CA VAL A 47 -5.73 -7.29 9.59
C VAL A 47 -7.00 -6.57 9.18
N ARG A 48 -7.09 -5.28 9.51
CA ARG A 48 -8.26 -4.48 9.19
C ARG A 48 -8.02 -3.66 7.92
N GLY A 49 -6.77 -3.65 7.46
CA GLY A 49 -6.44 -2.91 6.26
C GLY A 49 -5.00 -2.42 6.26
N TYR A 50 -4.71 -1.43 5.42
CA TYR A 50 -3.37 -0.87 5.32
C TYR A 50 -3.41 0.61 5.02
N ILE A 51 -2.40 1.34 5.49
CA ILE A 51 -2.32 2.78 5.26
C ILE A 51 -1.34 3.11 4.15
N ILE A 52 -1.86 3.57 3.03
CA ILE A 52 -1.03 3.93 1.88
C ILE A 52 -0.62 5.40 1.94
N GLY A 53 0.60 5.66 2.39
CA GLY A 53 1.09 7.01 2.48
C GLY A 53 2.07 7.35 1.37
N TYR A 54 1.59 7.98 0.31
CA TYR A 54 2.43 8.35 -0.82
C TYR A 54 2.60 9.87 -0.89
N GLY A 55 3.65 10.31 -1.58
CA GLY A 55 3.92 11.72 -1.71
C GLY A 55 5.28 12.01 -2.32
N VAL A 56 5.40 13.14 -3.00
CA VAL A 56 6.65 13.53 -3.63
C VAL A 56 7.68 13.96 -2.59
N GLY A 57 8.77 13.19 -2.50
CA GLY A 57 9.81 13.49 -1.53
C GLY A 57 9.48 13.01 -0.14
N SER A 58 8.19 12.90 0.15
CA SER A 58 7.75 12.45 1.47
C SER A 58 6.44 11.68 1.36
N PRO A 59 6.43 10.44 1.91
CA PRO A 59 5.25 9.58 1.90
C PRO A 59 4.13 10.10 2.79
N TYR A 60 4.21 11.38 3.15
CA TYR A 60 3.20 11.99 4.01
C TYR A 60 2.40 13.03 3.24
N ALA A 61 2.44 12.94 1.91
CA ALA A 61 1.71 13.87 1.06
C ALA A 61 0.27 13.41 0.85
N GLU A 62 0.06 12.10 0.80
CA GLU A 62 -1.26 11.54 0.61
C GLU A 62 -1.39 10.20 1.33
N THR A 63 -2.46 10.05 2.11
CA THR A 63 -2.70 8.82 2.85
C THR A 63 -4.03 8.20 2.44
N VAL A 64 -4.03 6.87 2.27
CA VAL A 64 -5.22 6.15 1.88
C VAL A 64 -5.37 4.86 2.68
N ARG A 65 -6.38 4.81 3.54
CA ARG A 65 -6.63 3.63 4.36
C ARG A 65 -7.63 2.69 3.69
N VAL A 66 -7.12 1.57 3.20
CA VAL A 66 -7.96 0.58 2.53
C VAL A 66 -8.32 -0.57 3.46
N ASP A 67 -9.09 -1.52 2.96
CA ASP A 67 -9.50 -2.68 3.75
C ASP A 67 -8.41 -3.74 3.76
N SER A 68 -8.59 -4.75 4.60
CA SER A 68 -7.62 -5.83 4.72
C SER A 68 -7.77 -6.82 3.57
N LYS A 69 -8.40 -6.37 2.49
CA LYS A 69 -8.62 -7.21 1.31
C LYS A 69 -7.87 -6.66 0.10
N GLN A 70 -7.69 -5.35 0.07
CA GLN A 70 -6.99 -4.70 -1.04
C GLN A 70 -5.52 -5.16 -1.08
N ARG A 71 -5.19 -5.97 -2.08
CA ARG A 71 -3.84 -6.47 -2.25
C ARG A 71 -3.03 -5.55 -3.14
N TYR A 72 -3.62 -4.43 -3.55
CA TYR A 72 -2.96 -3.46 -4.41
C TYR A 72 -3.80 -2.20 -4.57
N TYR A 73 -3.13 -1.08 -4.82
CA TYR A 73 -3.81 0.19 -4.99
C TYR A 73 -3.19 0.99 -6.13
N SER A 74 -4.04 1.59 -6.97
CA SER A 74 -3.58 2.37 -8.10
C SER A 74 -3.74 3.87 -7.83
N ILE A 75 -2.64 4.52 -7.49
CA ILE A 75 -2.65 5.95 -7.21
C ILE A 75 -2.64 6.77 -8.49
N GLU A 76 -3.66 7.60 -8.66
CA GLU A 76 -3.76 8.44 -9.86
C GLU A 76 -3.72 9.92 -9.48
N ARG A 77 -3.90 10.79 -10.47
CA ARG A 77 -3.88 12.22 -10.25
C ARG A 77 -2.51 12.68 -9.75
N LEU A 78 -1.46 12.21 -10.42
CA LEU A 78 -0.10 12.57 -10.04
C LEU A 78 0.62 13.26 -11.19
N GLU A 79 1.78 13.84 -10.90
CA GLU A 79 2.57 14.53 -11.91
C GLU A 79 3.53 13.58 -12.60
N SER A 80 4.38 14.12 -13.47
CA SER A 80 5.35 13.31 -14.20
C SER A 80 6.76 13.85 -13.99
N SER A 81 7.73 12.94 -13.86
CA SER A 81 9.12 13.33 -13.67
C SER A 81 9.35 13.82 -12.24
N SER A 82 8.98 12.99 -11.27
CA SER A 82 9.14 13.34 -9.86
C SER A 82 9.20 12.09 -8.99
N HIS A 83 10.10 12.08 -8.01
CA HIS A 83 10.26 10.95 -7.11
C HIS A 83 9.09 10.88 -6.12
N TYR A 84 8.29 9.83 -6.25
CA TYR A 84 7.14 9.64 -5.38
C TYR A 84 7.39 8.52 -4.37
N VAL A 85 7.48 8.89 -3.10
CA VAL A 85 7.72 7.92 -2.04
C VAL A 85 6.43 7.23 -1.62
N ILE A 86 6.48 5.90 -1.50
CA ILE A 86 5.32 5.12 -1.11
C ILE A 86 5.63 4.23 0.10
N SER A 87 4.88 4.44 1.17
CA SER A 87 5.07 3.67 2.40
C SER A 87 3.76 3.01 2.84
N LEU A 88 3.70 1.70 2.71
CA LEU A 88 2.50 0.95 3.09
C LEU A 88 2.70 0.24 4.43
N LYS A 89 1.66 0.22 5.25
CA LYS A 89 1.72 -0.43 6.55
C LYS A 89 0.36 -1.02 6.94
N ALA A 90 0.39 -2.18 7.58
CA ALA A 90 -0.84 -2.85 8.00
C ALA A 90 -1.36 -2.25 9.30
N PHE A 91 -2.68 -2.19 9.42
CA PHE A 91 -3.32 -1.64 10.61
C PHE A 91 -4.48 -2.52 11.06
N ASN A 92 -4.86 -2.38 12.33
CA ASN A 92 -5.95 -3.16 12.89
C ASN A 92 -6.45 -2.56 14.20
N ASN A 93 -7.40 -3.22 14.84
CA ASN A 93 -7.96 -2.75 16.09
C ASN A 93 -6.85 -2.43 17.10
N ALA A 94 -5.67 -2.97 16.85
CA ALA A 94 -4.52 -2.74 17.72
C ALA A 94 -3.79 -1.46 17.35
N GLY A 95 -3.86 -1.10 16.07
CA GLY A 95 -3.19 0.10 15.60
C GLY A 95 -2.42 -0.13 14.31
N GLU A 96 -1.19 0.37 14.27
CA GLU A 96 -0.35 0.21 13.08
C GLU A 96 0.90 -0.60 13.41
N GLY A 97 1.38 -1.35 12.43
CA GLY A 97 2.57 -2.16 12.63
C GLY A 97 3.74 -1.70 11.80
N VAL A 98 4.88 -2.36 11.97
CA VAL A 98 6.10 -1.99 11.22
C VAL A 98 5.74 -1.52 9.82
N PRO A 99 5.80 -0.21 9.61
CA PRO A 99 5.49 0.41 8.31
C PRO A 99 6.56 0.11 7.27
N LEU A 100 6.13 -0.16 6.04
CA LEU A 100 7.04 -0.46 4.95
C LEU A 100 7.13 0.70 3.97
N TYR A 101 8.35 1.19 3.76
CA TYR A 101 8.57 2.30 2.84
C TYR A 101 9.02 1.81 1.47
N GLU A 102 8.89 2.66 0.47
CA GLU A 102 9.29 2.32 -0.89
C GLU A 102 9.54 3.57 -1.73
N SER A 103 10.00 3.37 -2.96
CA SER A 103 10.28 4.48 -3.85
C SER A 103 9.73 4.21 -5.25
N ALA A 104 9.17 5.24 -5.87
CA ALA A 104 8.61 5.12 -7.21
C ALA A 104 8.64 6.46 -7.94
N THR A 105 9.55 6.57 -8.90
CA THR A 105 9.68 7.80 -9.67
C THR A 105 8.82 7.76 -10.93
N THR A 106 7.78 8.58 -10.97
CA THR A 106 6.89 8.64 -12.12
C THR A 106 7.67 8.67 -13.43
N ARG A 107 6.95 8.57 -14.54
CA ARG A 107 7.57 8.60 -15.86
C ARG A 107 7.56 10.00 -16.45
N SER A 108 8.02 10.13 -17.69
CA SER A 108 8.06 11.42 -18.36
C SER A 108 7.27 11.38 -19.66
N ILE A 109 6.37 12.36 -19.82
CA ILE A 109 5.55 12.45 -21.02
C ILE A 109 6.38 12.82 -22.24
N THR A 110 6.19 12.09 -23.33
CA THR A 110 6.92 12.36 -24.57
C THR A 110 6.15 13.30 -25.48
N SER A 111 4.91 12.94 -25.78
CA SER A 111 4.05 13.75 -26.64
C SER A 111 3.98 15.18 -26.13
N GLY A 112 3.83 16.12 -27.06
CA GLY A 112 3.74 17.53 -26.69
C GLY A 112 2.74 18.29 -27.53
N PRO A 113 3.24 19.09 -28.48
CA PRO A 113 2.40 19.90 -29.37
C PRO A 113 1.63 19.04 -30.37
N SER A 114 0.66 19.65 -31.03
CA SER A 114 -0.16 18.94 -32.02
C SER A 114 -0.91 17.79 -31.36
N SER A 115 -1.51 18.05 -30.21
CA SER A 115 -2.25 17.03 -29.48
C SER A 115 -3.71 17.46 -29.30
N GLY A 116 -4.60 16.47 -29.22
CA GLY A 116 -6.01 16.77 -29.04
C GLY A 116 -6.59 17.52 -30.21
N GLY A 1 -1.99 -21.55 -2.16
CA GLY A 1 -2.19 -20.12 -1.99
C GLY A 1 -1.81 -19.65 -0.61
N SER A 2 -2.75 -18.99 0.08
CA SER A 2 -2.50 -18.48 1.42
C SER A 2 -3.80 -18.39 2.21
N SER A 3 -3.69 -18.41 3.54
CA SER A 3 -4.85 -18.33 4.41
C SER A 3 -5.66 -17.07 4.13
N GLY A 4 -6.97 -17.22 4.02
CA GLY A 4 -7.83 -16.08 3.76
C GLY A 4 -7.72 -15.01 4.83
N SER A 5 -7.89 -15.43 6.09
CA SER A 5 -7.82 -14.49 7.21
C SER A 5 -8.77 -13.31 7.01
N SER A 6 -9.99 -13.63 6.58
CA SER A 6 -11.01 -12.59 6.34
C SER A 6 -12.31 -12.94 7.03
N GLY A 7 -13.05 -11.91 7.44
CA GLY A 7 -14.31 -12.14 8.12
C GLY A 7 -14.15 -12.38 9.60
N PRO A 8 -14.53 -13.57 10.06
CA PRO A 8 -14.43 -13.96 11.47
C PRO A 8 -12.97 -14.13 11.92
N GLU A 9 -12.80 -14.56 13.17
CA GLU A 9 -11.46 -14.77 13.72
C GLU A 9 -11.11 -16.25 13.74
N ASN A 10 -9.92 -16.58 13.24
CA ASN A 10 -9.45 -17.96 13.20
C ASN A 10 -8.13 -18.12 13.94
N ASP A 11 -8.20 -18.09 15.27
CA ASP A 11 -7.01 -18.23 16.10
C ASP A 11 -5.93 -17.24 15.67
N LEU A 12 -6.31 -15.96 15.56
CA LEU A 12 -5.37 -14.93 15.15
C LEU A 12 -4.98 -14.05 16.34
N ASP A 13 -4.07 -13.12 16.11
CA ASP A 13 -3.61 -12.22 17.16
C ASP A 13 -3.98 -10.78 16.83
N GLU A 14 -5.14 -10.34 17.29
CA GLU A 14 -5.61 -8.98 17.04
C GLU A 14 -5.01 -8.01 18.04
N SER A 15 -4.69 -8.51 19.24
CA SER A 15 -4.11 -7.69 20.29
C SER A 15 -2.81 -7.03 19.81
N GLN A 16 -2.19 -7.63 18.80
CA GLN A 16 -0.95 -7.10 18.26
C GLN A 16 -1.15 -6.57 16.83
N VAL A 17 -0.47 -5.49 16.51
CA VAL A 17 -0.57 -4.88 15.18
C VAL A 17 -0.01 -5.82 14.11
N PRO A 18 -0.57 -5.72 12.90
CA PRO A 18 -0.14 -6.55 11.76
C PRO A 18 1.25 -6.16 11.26
N ASP A 19 2.07 -7.17 10.99
CA ASP A 19 3.43 -6.93 10.50
C ASP A 19 3.41 -6.42 9.07
N GLN A 20 4.53 -5.86 8.62
CA GLN A 20 4.63 -5.34 7.27
C GLN A 20 4.43 -6.44 6.23
N PRO A 21 4.06 -6.04 5.01
CA PRO A 21 3.82 -6.99 3.91
C PRO A 21 5.11 -7.64 3.42
N SER A 22 5.16 -8.97 3.49
CA SER A 22 6.33 -9.71 3.05
C SER A 22 7.02 -9.02 1.88
N SER A 23 6.22 -8.38 1.03
CA SER A 23 6.74 -7.67 -0.13
C SER A 23 5.75 -6.64 -0.63
N LEU A 24 6.27 -5.54 -1.17
CA LEU A 24 5.43 -4.46 -1.68
C LEU A 24 5.93 -3.98 -3.04
N HIS A 25 5.24 -4.41 -4.09
CA HIS A 25 5.62 -4.03 -5.45
C HIS A 25 5.02 -2.66 -5.81
N VAL A 26 5.82 -1.84 -6.49
CA VAL A 26 5.37 -0.52 -6.89
C VAL A 26 5.90 -0.15 -8.27
N ARG A 27 5.02 0.37 -9.12
CA ARG A 27 5.41 0.76 -10.47
C ARG A 27 4.99 2.20 -10.76
N PRO A 28 5.98 3.10 -10.78
CA PRO A 28 5.75 4.53 -11.05
C PRO A 28 5.35 4.79 -12.49
N GLN A 29 4.07 5.06 -12.71
CA GLN A 29 3.56 5.34 -14.04
C GLN A 29 3.65 6.83 -14.37
N THR A 30 3.35 7.17 -15.62
CA THR A 30 3.40 8.57 -16.06
C THR A 30 2.66 9.48 -15.08
N ASN A 31 1.35 9.34 -15.03
CA ASN A 31 0.53 10.15 -14.14
C ASN A 31 -0.15 9.28 -13.08
N CYS A 32 0.43 8.11 -12.83
CA CYS A 32 -0.11 7.19 -11.84
C CYS A 32 0.99 6.30 -11.27
N ILE A 33 0.63 5.51 -10.26
CA ILE A 33 1.59 4.61 -9.62
C ILE A 33 0.87 3.43 -8.95
N ILE A 34 0.94 2.26 -9.58
CA ILE A 34 0.31 1.07 -9.05
C ILE A 34 1.22 0.38 -8.03
N MET A 35 0.62 -0.07 -6.92
CA MET A 35 1.37 -0.75 -5.88
C MET A 35 0.64 -2.00 -5.40
N SER A 36 1.33 -3.13 -5.42
CA SER A 36 0.74 -4.40 -4.99
C SER A 36 1.56 -5.03 -3.87
N TRP A 37 0.97 -5.11 -2.69
CA TRP A 37 1.64 -5.70 -1.53
C TRP A 37 1.03 -7.06 -1.18
N THR A 38 1.59 -7.69 -0.15
CA THR A 38 1.11 -9.00 0.28
C THR A 38 0.86 -9.02 1.79
N PRO A 39 0.13 -10.04 2.25
CA PRO A 39 -0.19 -10.20 3.68
C PRO A 39 1.03 -10.57 4.51
N PRO A 40 0.89 -10.52 5.84
CA PRO A 40 1.97 -10.84 6.77
C PRO A 40 2.31 -12.33 6.77
N LEU A 41 3.59 -12.64 6.66
CA LEU A 41 4.05 -14.02 6.65
C LEU A 41 3.40 -14.82 7.78
N ASN A 42 2.88 -14.10 8.78
CA ASN A 42 2.23 -14.74 9.92
C ASN A 42 0.71 -14.66 9.79
N PRO A 43 0.11 -15.76 9.31
CA PRO A 43 -1.34 -15.85 9.13
C PRO A 43 -2.09 -15.90 10.46
N ASN A 44 -1.34 -15.87 11.55
CA ASN A 44 -1.94 -15.91 12.88
C ASN A 44 -2.24 -14.50 13.38
N ILE A 45 -2.09 -13.51 12.50
CA ILE A 45 -2.36 -12.13 12.86
C ILE A 45 -3.59 -11.60 12.14
N VAL A 46 -4.27 -10.64 12.76
CA VAL A 46 -5.46 -10.04 12.18
C VAL A 46 -5.13 -8.78 11.40
N VAL A 47 -5.82 -8.56 10.28
CA VAL A 47 -5.60 -7.40 9.45
C VAL A 47 -6.91 -6.73 9.08
N ARG A 48 -7.07 -5.47 9.49
CA ARG A 48 -8.28 -4.72 9.19
C ARG A 48 -8.08 -3.79 8.00
N GLY A 49 -6.83 -3.65 7.57
CA GLY A 49 -6.52 -2.80 6.44
C GLY A 49 -5.09 -2.30 6.46
N TYR A 50 -4.78 -1.36 5.59
CA TYR A 50 -3.44 -0.79 5.51
C TYR A 50 -3.48 0.70 5.17
N ILE A 51 -2.44 1.42 5.56
CA ILE A 51 -2.37 2.85 5.30
C ILE A 51 -1.35 3.16 4.20
N ILE A 52 -1.85 3.65 3.06
CA ILE A 52 -1.00 3.98 1.93
C ILE A 52 -0.56 5.44 1.99
N GLY A 53 0.67 5.67 2.42
CA GLY A 53 1.20 7.03 2.51
C GLY A 53 2.14 7.36 1.37
N TYR A 54 1.60 7.96 0.32
CA TYR A 54 2.40 8.33 -0.84
C TYR A 54 2.51 9.85 -0.95
N GLY A 55 3.59 10.30 -1.58
CA GLY A 55 3.81 11.72 -1.75
C GLY A 55 5.13 12.04 -2.42
N VAL A 56 5.21 13.21 -3.04
CA VAL A 56 6.43 13.63 -3.73
C VAL A 56 7.52 14.00 -2.74
N GLY A 57 8.57 13.19 -2.67
CA GLY A 57 9.66 13.46 -1.76
C GLY A 57 9.38 12.96 -0.36
N SER A 58 8.10 12.89 0.00
CA SER A 58 7.70 12.43 1.33
C SER A 58 6.40 11.65 1.26
N PRO A 59 6.41 10.44 1.83
CA PRO A 59 5.25 9.56 1.86
C PRO A 59 4.13 10.09 2.76
N TYR A 60 4.23 11.36 3.12
CA TYR A 60 3.24 11.99 3.99
C TYR A 60 2.46 13.06 3.24
N ALA A 61 2.46 12.96 1.92
CA ALA A 61 1.75 13.92 1.08
C ALA A 61 0.31 13.48 0.83
N GLU A 62 0.09 12.16 0.86
CA GLU A 62 -1.24 11.61 0.64
C GLU A 62 -1.40 10.27 1.35
N THR A 63 -2.45 10.15 2.15
CA THR A 63 -2.71 8.92 2.89
C THR A 63 -4.07 8.32 2.50
N VAL A 64 -4.11 6.99 2.42
CA VAL A 64 -5.35 6.30 2.06
C VAL A 64 -5.45 4.96 2.78
N ARG A 65 -6.42 4.85 3.69
CA ARG A 65 -6.62 3.63 4.44
C ARG A 65 -7.55 2.67 3.69
N VAL A 66 -7.01 1.52 3.30
CA VAL A 66 -7.78 0.52 2.57
C VAL A 66 -8.14 -0.66 3.47
N ASP A 67 -8.89 -1.60 2.92
CA ASP A 67 -9.31 -2.78 3.68
C ASP A 67 -8.24 -3.86 3.62
N SER A 68 -8.34 -4.83 4.52
CA SER A 68 -7.38 -5.93 4.57
C SER A 68 -7.54 -6.86 3.37
N LYS A 69 -8.47 -6.50 2.49
CA LYS A 69 -8.73 -7.31 1.29
C LYS A 69 -7.97 -6.75 0.09
N GLN A 70 -7.68 -5.46 0.13
CA GLN A 70 -6.96 -4.80 -0.96
C GLN A 70 -5.52 -5.28 -1.01
N ARG A 71 -5.14 -5.92 -2.11
CA ARG A 71 -3.78 -6.43 -2.28
C ARG A 71 -2.96 -5.47 -3.15
N TYR A 72 -3.58 -4.40 -3.60
CA TYR A 72 -2.90 -3.42 -4.44
C TYR A 72 -3.75 -2.15 -4.60
N TYR A 73 -3.08 -1.03 -4.83
CA TYR A 73 -3.77 0.24 -4.99
C TYR A 73 -3.15 1.05 -6.12
N SER A 74 -3.99 1.52 -7.05
CA SER A 74 -3.51 2.31 -8.18
C SER A 74 -3.67 3.80 -7.90
N ILE A 75 -2.56 4.46 -7.60
CA ILE A 75 -2.57 5.89 -7.32
C ILE A 75 -2.54 6.70 -8.61
N GLU A 76 -3.61 7.46 -8.84
CA GLU A 76 -3.71 8.28 -10.03
C GLU A 76 -3.72 9.76 -9.68
N ARG A 77 -3.84 10.61 -10.69
CA ARG A 77 -3.85 12.06 -10.48
C ARG A 77 -2.49 12.55 -10.02
N LEU A 78 -1.43 11.93 -10.53
CA LEU A 78 -0.07 12.31 -10.18
C LEU A 78 0.64 12.98 -11.35
N GLU A 79 1.80 13.58 -11.07
CA GLU A 79 2.57 14.25 -12.11
C GLU A 79 3.57 13.30 -12.74
N SER A 80 4.41 13.83 -13.63
CA SER A 80 5.42 13.02 -14.32
C SER A 80 6.82 13.57 -14.04
N SER A 81 7.82 12.69 -14.14
CA SER A 81 9.20 13.09 -13.90
C SER A 81 9.38 13.63 -12.49
N SER A 82 8.96 12.85 -11.51
CA SER A 82 9.07 13.25 -10.11
C SER A 82 9.08 12.04 -9.19
N HIS A 83 9.92 12.08 -8.15
CA HIS A 83 10.01 11.00 -7.20
C HIS A 83 8.77 10.94 -6.31
N TYR A 84 8.29 9.72 -6.06
CA TYR A 84 7.11 9.53 -5.23
C TYR A 84 7.34 8.43 -4.20
N VAL A 85 7.57 8.84 -2.95
CA VAL A 85 7.80 7.89 -1.87
C VAL A 85 6.50 7.20 -1.45
N ILE A 86 6.53 5.87 -1.43
CA ILE A 86 5.36 5.09 -1.04
C ILE A 86 5.63 4.27 0.21
N SER A 87 4.79 4.45 1.22
CA SER A 87 4.95 3.73 2.48
C SER A 87 3.64 3.03 2.87
N LEU A 88 3.63 1.71 2.78
CA LEU A 88 2.44 0.93 3.13
C LEU A 88 2.64 0.22 4.46
N LYS A 89 1.66 0.34 5.35
CA LYS A 89 1.71 -0.30 6.65
C LYS A 89 0.36 -0.91 7.02
N ALA A 90 0.40 -2.07 7.66
CA ALA A 90 -0.82 -2.76 8.07
C ALA A 90 -1.37 -2.18 9.37
N PHE A 91 -2.69 -2.14 9.49
CA PHE A 91 -3.33 -1.61 10.68
C PHE A 91 -4.48 -2.51 11.14
N ASN A 92 -4.90 -2.35 12.38
CA ASN A 92 -5.98 -3.15 12.93
C ASN A 92 -6.49 -2.55 14.23
N ASN A 93 -7.43 -3.25 14.88
CA ASN A 93 -8.00 -2.78 16.14
C ASN A 93 -6.91 -2.48 17.15
N ALA A 94 -5.75 -3.08 16.95
CA ALA A 94 -4.61 -2.87 17.85
C ALA A 94 -3.85 -1.60 17.48
N GLY A 95 -3.89 -1.24 16.20
CA GLY A 95 -3.19 -0.05 15.74
C GLY A 95 -2.44 -0.29 14.44
N GLU A 96 -1.24 0.29 14.35
CA GLU A 96 -0.42 0.15 13.15
C GLU A 96 0.85 -0.66 13.46
N GLY A 97 1.32 -1.40 12.47
CA GLY A 97 2.52 -2.20 12.65
C GLY A 97 3.69 -1.69 11.83
N VAL A 98 4.85 -2.33 11.98
CA VAL A 98 6.04 -1.94 11.25
C VAL A 98 5.70 -1.50 9.83
N PRO A 99 5.72 -0.18 9.60
CA PRO A 99 5.42 0.41 8.30
C PRO A 99 6.50 0.11 7.26
N LEU A 100 6.07 -0.20 6.04
CA LEU A 100 7.00 -0.50 4.96
C LEU A 100 7.09 0.65 3.97
N TYR A 101 8.30 1.15 3.76
CA TYR A 101 8.52 2.26 2.84
C TYR A 101 9.02 1.76 1.48
N GLU A 102 8.92 2.62 0.47
CA GLU A 102 9.36 2.26 -0.87
C GLU A 102 9.60 3.51 -1.71
N SER A 103 10.08 3.30 -2.94
CA SER A 103 10.36 4.41 -3.84
C SER A 103 9.80 4.13 -5.23
N ALA A 104 9.32 5.17 -5.89
CA ALA A 104 8.77 5.04 -7.23
C ALA A 104 8.75 6.39 -7.95
N THR A 105 9.63 6.54 -8.94
CA THR A 105 9.71 7.78 -9.70
C THR A 105 8.88 7.69 -10.98
N THR A 106 7.81 8.49 -11.03
CA THR A 106 6.93 8.50 -12.19
C THR A 106 7.73 8.55 -13.48
N ARG A 107 7.04 8.38 -14.60
CA ARG A 107 7.69 8.41 -15.91
C ARG A 107 7.79 9.83 -16.45
N SER A 108 8.46 9.99 -17.59
CA SER A 108 8.63 11.30 -18.19
C SER A 108 7.76 11.44 -19.44
N ILE A 109 6.93 12.48 -19.47
CA ILE A 109 6.05 12.72 -20.60
C ILE A 109 6.85 13.07 -21.85
N THR A 110 6.75 12.21 -22.87
CA THR A 110 7.47 12.42 -24.12
C THR A 110 6.50 12.73 -25.25
N SER A 111 5.50 13.55 -24.96
CA SER A 111 4.50 13.92 -25.96
C SER A 111 5.15 14.16 -27.32
N GLY A 112 4.72 13.38 -28.31
CA GLY A 112 5.26 13.51 -29.65
C GLY A 112 6.58 12.77 -29.81
N PRO A 113 7.30 13.08 -30.89
CA PRO A 113 8.60 12.45 -31.18
C PRO A 113 9.69 12.89 -30.20
N SER A 114 10.40 11.92 -29.66
CA SER A 114 11.47 12.19 -28.70
C SER A 114 12.83 12.23 -29.41
N SER A 115 13.10 11.20 -30.21
CA SER A 115 14.37 11.12 -30.93
C SER A 115 14.18 11.51 -32.39
N GLY A 116 15.24 12.05 -32.99
CA GLY A 116 15.18 12.46 -34.38
C GLY A 116 16.47 13.09 -34.86
N GLY A 1 -16.56 -11.31 4.00
CA GLY A 1 -17.38 -10.40 4.77
C GLY A 1 -17.76 -10.96 6.13
N SER A 2 -18.45 -10.17 6.94
CA SER A 2 -18.87 -10.60 8.27
C SER A 2 -20.38 -10.43 8.44
N SER A 3 -21.09 -11.54 8.36
CA SER A 3 -22.55 -11.53 8.51
C SER A 3 -22.96 -10.64 9.67
N GLY A 4 -22.26 -10.77 10.78
CA GLY A 4 -22.58 -9.98 11.95
C GLY A 4 -22.15 -10.63 13.25
N SER A 5 -22.75 -11.78 13.56
CA SER A 5 -22.43 -12.52 14.76
C SER A 5 -21.00 -13.07 14.72
N SER A 6 -20.65 -13.65 13.57
CA SER A 6 -19.31 -14.21 13.39
C SER A 6 -18.36 -13.17 12.82
N GLY A 7 -17.39 -12.76 13.66
CA GLY A 7 -16.42 -11.77 13.23
C GLY A 7 -15.37 -12.35 12.29
N PRO A 8 -14.70 -11.48 11.53
CA PRO A 8 -13.65 -11.90 10.60
C PRO A 8 -12.40 -12.38 11.30
N GLU A 9 -12.44 -12.41 12.63
CA GLU A 9 -11.30 -12.85 13.42
C GLU A 9 -11.43 -14.34 13.76
N ASN A 10 -10.63 -15.16 13.10
CA ASN A 10 -10.66 -16.61 13.33
C ASN A 10 -9.34 -17.09 13.92
N ASP A 11 -9.29 -17.21 15.23
CA ASP A 11 -8.08 -17.66 15.92
C ASP A 11 -6.88 -16.81 15.52
N LEU A 12 -7.07 -15.49 15.51
CA LEU A 12 -6.01 -14.56 15.15
C LEU A 12 -5.61 -13.70 16.35
N ASP A 13 -4.58 -12.88 16.16
CA ASP A 13 -4.10 -12.00 17.22
C ASP A 13 -4.39 -10.54 16.88
N GLU A 14 -5.47 -10.01 17.45
CA GLU A 14 -5.85 -8.62 17.20
C GLU A 14 -5.13 -7.68 18.15
N SER A 15 -4.89 -8.14 19.37
CA SER A 15 -4.21 -7.34 20.38
C SER A 15 -2.92 -6.76 19.82
N GLN A 16 -2.27 -7.50 18.92
CA GLN A 16 -1.03 -7.05 18.31
C GLN A 16 -1.27 -6.53 16.90
N VAL A 17 -0.55 -5.47 16.53
CA VAL A 17 -0.67 -4.87 15.21
C VAL A 17 -0.13 -5.80 14.13
N PRO A 18 -0.71 -5.71 12.93
CA PRO A 18 -0.29 -6.53 11.79
C PRO A 18 1.09 -6.14 11.26
N ASP A 19 1.96 -7.13 11.10
CA ASP A 19 3.31 -6.90 10.61
C ASP A 19 3.29 -6.37 9.18
N GLN A 20 4.44 -5.90 8.70
CA GLN A 20 4.54 -5.38 7.34
C GLN A 20 4.37 -6.49 6.31
N PRO A 21 3.99 -6.10 5.09
CA PRO A 21 3.78 -7.04 3.99
C PRO A 21 5.09 -7.67 3.50
N SER A 22 5.14 -8.99 3.49
CA SER A 22 6.33 -9.71 3.05
C SER A 22 7.03 -8.95 1.92
N SER A 23 6.25 -8.27 1.09
CA SER A 23 6.80 -7.51 -0.01
C SER A 23 5.77 -6.49 -0.54
N LEU A 24 6.26 -5.34 -1.00
CA LEU A 24 5.40 -4.30 -1.52
C LEU A 24 5.90 -3.79 -2.87
N HIS A 25 5.27 -4.26 -3.94
CA HIS A 25 5.65 -3.86 -5.29
C HIS A 25 5.01 -2.53 -5.66
N VAL A 26 5.77 -1.67 -6.32
CA VAL A 26 5.28 -0.36 -6.73
C VAL A 26 5.80 0.02 -8.11
N ARG A 27 4.89 0.31 -9.03
CA ARG A 27 5.25 0.69 -10.38
C ARG A 27 4.83 2.13 -10.69
N PRO A 28 5.80 3.04 -10.71
CA PRO A 28 5.54 4.46 -10.99
C PRO A 28 5.15 4.70 -12.44
N GLN A 29 3.85 4.76 -12.70
CA GLN A 29 3.34 4.99 -14.04
C GLN A 29 3.52 6.44 -14.45
N THR A 30 2.98 6.80 -15.62
CA THR A 30 3.08 8.16 -16.12
C THR A 30 2.50 9.16 -15.14
N ASN A 31 1.18 9.14 -14.99
CA ASN A 31 0.49 10.05 -14.08
C ASN A 31 -0.15 9.27 -12.92
N CYS A 32 0.31 8.04 -12.72
CA CYS A 32 -0.21 7.20 -11.66
C CYS A 32 0.86 6.27 -11.11
N ILE A 33 0.53 5.52 -10.07
CA ILE A 33 1.46 4.58 -9.47
C ILE A 33 0.75 3.41 -8.81
N ILE A 34 0.79 2.26 -9.47
CA ILE A 34 0.14 1.06 -8.94
C ILE A 34 1.06 0.30 -8.01
N MET A 35 0.54 -0.09 -6.85
CA MET A 35 1.31 -0.83 -5.87
C MET A 35 0.58 -2.11 -5.43
N SER A 36 1.32 -3.19 -5.32
CA SER A 36 0.74 -4.48 -4.93
C SER A 36 1.55 -5.11 -3.79
N TRP A 37 0.93 -5.21 -2.62
CA TRP A 37 1.60 -5.80 -1.46
C TRP A 37 1.00 -7.15 -1.12
N THR A 38 1.48 -7.75 -0.03
CA THR A 38 0.98 -9.06 0.39
C THR A 38 0.72 -9.07 1.89
N PRO A 39 -0.04 -10.08 2.35
CA PRO A 39 -0.39 -10.23 3.77
C PRO A 39 0.82 -10.62 4.61
N PRO A 40 0.65 -10.57 5.94
CA PRO A 40 1.72 -10.92 6.90
C PRO A 40 2.01 -12.42 6.89
N LEU A 41 3.31 -12.75 6.89
CA LEU A 41 3.73 -14.14 6.89
C LEU A 41 2.99 -14.94 7.96
N ASN A 42 2.47 -14.23 8.97
CA ASN A 42 1.73 -14.87 10.04
C ASN A 42 0.23 -14.68 9.88
N PRO A 43 -0.44 -15.71 9.34
CA PRO A 43 -1.89 -15.68 9.11
C PRO A 43 -2.68 -15.70 10.41
N ASN A 44 -1.97 -15.76 11.54
CA ASN A 44 -2.61 -15.80 12.84
C ASN A 44 -2.82 -14.39 13.38
N ILE A 45 -2.57 -13.40 12.55
CA ILE A 45 -2.73 -12.00 12.94
C ILE A 45 -3.91 -11.36 12.22
N VAL A 46 -4.66 -10.54 12.96
CA VAL A 46 -5.83 -9.86 12.40
C VAL A 46 -5.41 -8.67 11.55
N VAL A 47 -6.13 -8.44 10.45
CA VAL A 47 -5.84 -7.32 9.56
C VAL A 47 -7.12 -6.61 9.14
N ARG A 48 -7.21 -5.33 9.47
CA ARG A 48 -8.37 -4.53 9.13
C ARG A 48 -8.14 -3.74 7.83
N GLY A 49 -6.87 -3.64 7.43
CA GLY A 49 -6.54 -2.92 6.21
C GLY A 49 -5.07 -2.54 6.15
N TYR A 50 -4.76 -1.56 5.33
CA TYR A 50 -3.37 -1.10 5.17
C TYR A 50 -3.34 0.38 4.78
N ILE A 51 -2.54 1.16 5.51
CA ILE A 51 -2.41 2.58 5.24
C ILE A 51 -1.36 2.83 4.16
N ILE A 52 -1.75 3.59 3.14
CA ILE A 52 -0.83 3.92 2.05
C ILE A 52 -0.40 5.38 2.11
N GLY A 53 0.83 5.60 2.58
CA GLY A 53 1.35 6.96 2.68
C GLY A 53 2.28 7.30 1.54
N TYR A 54 1.75 7.95 0.52
CA TYR A 54 2.56 8.33 -0.64
C TYR A 54 2.69 9.85 -0.74
N GLY A 55 3.61 10.30 -1.58
CA GLY A 55 3.81 11.73 -1.74
C GLY A 55 5.11 12.05 -2.47
N VAL A 56 5.11 13.15 -3.21
CA VAL A 56 6.30 13.57 -3.95
C VAL A 56 7.48 13.79 -3.03
N GLY A 57 8.47 12.90 -3.10
CA GLY A 57 9.65 13.03 -2.26
C GLY A 57 9.40 12.53 -0.85
N SER A 58 8.23 12.82 -0.32
CA SER A 58 7.87 12.39 1.03
C SER A 58 6.55 11.64 1.04
N PRO A 59 6.55 10.45 1.64
CA PRO A 59 5.35 9.60 1.74
C PRO A 59 4.30 10.19 2.68
N TYR A 60 4.50 11.44 3.07
CA TYR A 60 3.57 12.12 3.98
C TYR A 60 2.75 13.16 3.23
N ALA A 61 2.87 13.16 1.91
CA ALA A 61 2.13 14.10 1.08
C ALA A 61 0.70 13.63 0.85
N GLU A 62 0.49 12.32 0.92
CA GLU A 62 -0.82 11.75 0.72
C GLU A 62 -0.98 10.44 1.50
N THR A 63 -2.13 10.27 2.14
CA THR A 63 -2.39 9.07 2.92
C THR A 63 -3.71 8.42 2.50
N VAL A 64 -3.66 7.11 2.26
CA VAL A 64 -4.84 6.36 1.85
C VAL A 64 -4.81 4.94 2.38
N ARG A 65 -5.70 4.63 3.31
CA ARG A 65 -5.76 3.29 3.90
C ARG A 65 -6.92 2.50 3.30
N VAL A 66 -6.62 1.28 2.86
CA VAL A 66 -7.62 0.41 2.25
C VAL A 66 -8.07 -0.66 3.23
N ASP A 67 -8.92 -1.56 2.76
CA ASP A 67 -9.43 -2.65 3.60
C ASP A 67 -8.43 -3.80 3.66
N SER A 68 -8.76 -4.81 4.46
CA SER A 68 -7.89 -5.96 4.62
C SER A 68 -8.07 -6.96 3.47
N LYS A 69 -8.57 -6.46 2.35
CA LYS A 69 -8.81 -7.30 1.18
C LYS A 69 -8.02 -6.79 -0.02
N GLN A 70 -7.91 -5.48 -0.14
CA GLN A 70 -7.18 -4.86 -1.25
C GLN A 70 -5.72 -5.29 -1.23
N ARG A 71 -5.29 -5.98 -2.28
CA ARG A 71 -3.91 -6.45 -2.37
C ARG A 71 -3.08 -5.49 -3.22
N TYR A 72 -3.71 -4.43 -3.69
CA TYR A 72 -3.02 -3.44 -4.51
C TYR A 72 -3.85 -2.16 -4.62
N TYR A 73 -3.17 -1.02 -4.73
CA TYR A 73 -3.83 0.27 -4.83
C TYR A 73 -3.22 1.10 -5.96
N SER A 74 -4.07 1.52 -6.89
CA SER A 74 -3.62 2.33 -8.03
C SER A 74 -3.70 3.82 -7.71
N ILE A 75 -2.56 4.45 -7.48
CA ILE A 75 -2.51 5.86 -7.17
C ILE A 75 -2.58 6.70 -8.43
N GLU A 76 -3.71 7.38 -8.62
CA GLU A 76 -3.91 8.23 -9.79
C GLU A 76 -3.86 9.70 -9.42
N ARG A 77 -3.95 10.57 -10.42
CA ARG A 77 -3.91 12.01 -10.19
C ARG A 77 -2.54 12.45 -9.72
N LEU A 78 -1.50 12.00 -10.41
CA LEU A 78 -0.12 12.34 -10.06
C LEU A 78 0.59 13.00 -11.24
N GLU A 79 1.71 13.66 -10.95
CA GLU A 79 2.49 14.33 -11.98
C GLU A 79 3.41 13.33 -12.69
N SER A 80 4.20 13.84 -13.64
CA SER A 80 5.12 12.99 -14.40
C SER A 80 6.55 13.51 -14.28
N SER A 81 7.50 12.59 -14.14
CA SER A 81 8.90 12.95 -14.02
C SER A 81 9.20 13.51 -12.62
N SER A 82 8.85 12.74 -11.60
CA SER A 82 9.08 13.16 -10.22
C SER A 82 9.12 11.95 -9.29
N HIS A 83 9.92 12.06 -8.23
CA HIS A 83 10.06 10.98 -7.26
C HIS A 83 8.83 10.91 -6.36
N TYR A 84 8.23 9.73 -6.28
CA TYR A 84 7.04 9.53 -5.45
C TYR A 84 7.26 8.40 -4.45
N VAL A 85 7.52 8.77 -3.19
CA VAL A 85 7.75 7.79 -2.15
C VAL A 85 6.44 7.13 -1.71
N ILE A 86 6.49 5.83 -1.47
CA ILE A 86 5.32 5.08 -1.04
C ILE A 86 5.59 4.29 0.23
N SER A 87 4.80 4.54 1.27
CA SER A 87 4.96 3.85 2.54
C SER A 87 3.67 3.14 2.95
N LEU A 88 3.64 1.82 2.78
CA LEU A 88 2.46 1.03 3.13
C LEU A 88 2.66 0.32 4.46
N LYS A 89 1.64 0.35 5.31
CA LYS A 89 1.70 -0.30 6.60
C LYS A 89 0.36 -0.93 6.96
N ALA A 90 0.41 -2.06 7.67
CA ALA A 90 -0.80 -2.76 8.08
C ALA A 90 -1.39 -2.15 9.35
N PHE A 91 -2.71 -2.20 9.48
CA PHE A 91 -3.39 -1.66 10.65
C PHE A 91 -4.52 -2.58 11.09
N ASN A 92 -4.97 -2.40 12.33
CA ASN A 92 -6.04 -3.21 12.88
C ASN A 92 -6.58 -2.60 14.17
N ASN A 93 -7.55 -3.27 14.78
CA ASN A 93 -8.17 -2.79 16.02
C ASN A 93 -7.09 -2.45 17.05
N ALA A 94 -5.91 -3.04 16.89
CA ALA A 94 -4.80 -2.81 17.80
C ALA A 94 -4.04 -1.53 17.42
N GLY A 95 -4.07 -1.20 16.14
CA GLY A 95 -3.38 -0.01 15.67
C GLY A 95 -2.59 -0.25 14.40
N GLU A 96 -1.39 0.32 14.33
CA GLU A 96 -0.55 0.16 13.15
C GLU A 96 0.70 -0.66 13.49
N GLY A 97 1.22 -1.37 12.49
CA GLY A 97 2.41 -2.18 12.70
C GLY A 97 3.58 -1.71 11.87
N VAL A 98 4.73 -2.36 12.05
CA VAL A 98 5.93 -2.00 11.31
C VAL A 98 5.61 -1.53 9.91
N PRO A 99 5.65 -0.21 9.71
CA PRO A 99 5.35 0.41 8.42
C PRO A 99 6.43 0.12 7.37
N LEU A 100 6.00 -0.13 6.14
CA LEU A 100 6.93 -0.42 5.05
C LEU A 100 7.05 0.77 4.10
N TYR A 101 8.28 1.24 3.91
CA TYR A 101 8.53 2.37 3.03
C TYR A 101 8.95 1.90 1.65
N GLU A 102 8.82 2.78 0.66
CA GLU A 102 9.18 2.45 -0.71
C GLU A 102 9.34 3.71 -1.56
N SER A 103 9.82 3.55 -2.79
CA SER A 103 10.01 4.68 -3.69
C SER A 103 9.57 4.33 -5.10
N ALA A 104 9.07 5.33 -5.82
CA ALA A 104 8.61 5.12 -7.19
C ALA A 104 8.61 6.44 -7.97
N THR A 105 9.50 6.54 -8.94
CA THR A 105 9.61 7.74 -9.76
C THR A 105 8.72 7.65 -11.00
N THR A 106 7.67 8.46 -11.02
CA THR A 106 6.74 8.48 -12.15
C THR A 106 7.48 8.55 -13.48
N ARG A 107 6.77 8.28 -14.57
CA ARG A 107 7.36 8.34 -15.90
C ARG A 107 7.29 9.74 -16.48
N SER A 108 7.80 9.90 -17.70
CA SER A 108 7.79 11.19 -18.37
C SER A 108 6.84 11.18 -19.57
N ILE A 109 5.78 11.97 -19.50
CA ILE A 109 4.80 12.06 -20.57
C ILE A 109 5.48 11.96 -21.93
N THR A 110 5.19 10.89 -22.66
CA THR A 110 5.77 10.68 -23.98
C THR A 110 4.68 10.69 -25.06
N SER A 111 3.49 10.21 -24.70
CA SER A 111 2.38 10.15 -25.63
C SER A 111 2.86 9.81 -27.03
N GLY A 112 3.75 8.82 -27.13
CA GLY A 112 4.28 8.41 -28.41
C GLY A 112 3.69 7.09 -28.88
N PRO A 113 3.38 7.03 -30.19
CA PRO A 113 2.80 5.82 -30.80
C PRO A 113 3.80 4.67 -30.87
N SER A 114 3.32 3.45 -30.58
CA SER A 114 4.17 2.27 -30.60
C SER A 114 3.54 1.16 -31.44
N SER A 115 4.22 0.76 -32.49
CA SER A 115 3.73 -0.30 -33.37
C SER A 115 2.36 0.07 -33.94
N GLY A 116 2.22 1.32 -34.36
CA GLY A 116 0.96 1.79 -34.91
C GLY A 116 -0.23 1.37 -34.09
N GLY A 1 -19.71 -19.30 -3.59
CA GLY A 1 -18.62 -20.02 -2.94
C GLY A 1 -17.34 -19.97 -3.75
N SER A 2 -16.44 -20.92 -3.50
CA SER A 2 -15.17 -20.98 -4.20
C SER A 2 -14.30 -19.77 -3.86
N SER A 3 -14.26 -19.42 -2.58
CA SER A 3 -13.48 -18.28 -2.13
C SER A 3 -13.24 -18.35 -0.61
N GLY A 4 -12.13 -17.78 -0.16
CA GLY A 4 -11.82 -17.79 1.25
C GLY A 4 -11.48 -16.41 1.78
N SER A 5 -12.41 -15.47 1.62
CA SER A 5 -12.23 -14.11 2.08
C SER A 5 -12.65 -13.95 3.53
N SER A 6 -13.86 -14.39 3.85
CA SER A 6 -14.38 -14.30 5.20
C SER A 6 -13.43 -14.95 6.20
N GLY A 7 -13.24 -14.29 7.34
CA GLY A 7 -12.34 -14.83 8.35
C GLY A 7 -12.48 -14.09 9.67
N PRO A 8 -13.38 -14.59 10.54
CA PRO A 8 -13.62 -13.98 11.85
C PRO A 8 -12.45 -14.20 12.81
N GLU A 9 -12.59 -13.68 14.03
CA GLU A 9 -11.54 -13.81 15.03
C GLU A 9 -11.69 -15.12 15.80
N ASN A 10 -11.05 -16.16 15.32
CA ASN A 10 -11.11 -17.48 15.96
C ASN A 10 -9.85 -17.74 16.77
N ASP A 11 -8.70 -17.74 16.11
CA ASP A 11 -7.43 -17.98 16.77
C ASP A 11 -6.37 -16.98 16.29
N LEU A 12 -6.80 -15.75 16.05
CA LEU A 12 -5.90 -14.70 15.60
C LEU A 12 -5.50 -13.79 16.74
N ASP A 13 -4.54 -12.91 16.50
CA ASP A 13 -4.06 -11.98 17.51
C ASP A 13 -4.35 -10.53 17.10
N GLU A 14 -5.30 -9.90 17.77
CA GLU A 14 -5.66 -8.51 17.47
C GLU A 14 -4.93 -7.56 18.40
N SER A 15 -4.72 -7.99 19.64
CA SER A 15 -4.04 -7.16 20.63
C SER A 15 -2.78 -6.54 20.04
N GLN A 16 -2.15 -7.25 19.11
CA GLN A 16 -0.93 -6.77 18.48
C GLN A 16 -1.21 -6.30 17.05
N VAL A 17 -0.51 -5.24 16.64
CA VAL A 17 -0.68 -4.68 15.30
C VAL A 17 -0.17 -5.64 14.24
N PRO A 18 -0.76 -5.56 13.03
CA PRO A 18 -0.36 -6.41 11.91
C PRO A 18 1.01 -6.06 11.36
N ASP A 19 1.90 -7.06 11.33
CA ASP A 19 3.26 -6.85 10.83
C ASP A 19 3.24 -6.29 9.40
N GLN A 20 4.41 -5.91 8.91
CA GLN A 20 4.52 -5.36 7.57
C GLN A 20 4.39 -6.45 6.52
N PRO A 21 4.04 -6.06 5.28
CA PRO A 21 3.87 -6.99 4.17
C PRO A 21 5.20 -7.59 3.71
N SER A 22 5.25 -8.91 3.66
CA SER A 22 6.47 -9.61 3.23
C SER A 22 7.17 -8.85 2.11
N SER A 23 6.39 -8.11 1.33
CA SER A 23 6.93 -7.35 0.22
C SER A 23 5.88 -6.40 -0.36
N LEU A 24 6.34 -5.28 -0.90
CA LEU A 24 5.43 -4.29 -1.48
C LEU A 24 5.92 -3.85 -2.86
N HIS A 25 5.21 -4.29 -3.89
CA HIS A 25 5.56 -3.94 -5.26
C HIS A 25 4.94 -2.60 -5.67
N VAL A 26 5.73 -1.77 -6.34
CA VAL A 26 5.27 -0.47 -6.79
C VAL A 26 5.81 -0.12 -8.17
N ARG A 27 4.93 0.32 -9.06
CA ARG A 27 5.31 0.67 -10.41
C ARG A 27 4.91 2.11 -10.73
N PRO A 28 5.91 3.01 -10.73
CA PRO A 28 5.68 4.43 -11.03
C PRO A 28 5.32 4.68 -12.49
N GLN A 29 4.06 5.01 -12.73
CA GLN A 29 3.59 5.27 -14.08
C GLN A 29 3.67 6.76 -14.41
N THR A 30 3.16 7.13 -15.59
CA THR A 30 3.18 8.53 -16.02
C THR A 30 2.54 9.43 -14.98
N ASN A 31 1.22 9.34 -14.86
CA ASN A 31 0.48 10.15 -13.89
C ASN A 31 -0.13 9.28 -12.80
N CYS A 32 0.10 7.97 -12.89
CA CYS A 32 -0.43 7.04 -11.91
C CYS A 32 0.69 6.16 -11.34
N ILE A 33 0.35 5.35 -10.35
CA ILE A 33 1.33 4.47 -9.73
C ILE A 33 0.64 3.28 -9.04
N ILE A 34 0.73 2.12 -9.67
CA ILE A 34 0.13 0.91 -9.13
C ILE A 34 1.06 0.22 -8.14
N MET A 35 0.51 -0.18 -7.00
CA MET A 35 1.30 -0.85 -5.97
C MET A 35 0.59 -2.12 -5.48
N SER A 36 1.31 -3.23 -5.43
CA SER A 36 0.75 -4.49 -4.99
C SER A 36 1.58 -5.09 -3.86
N TRP A 37 0.97 -5.20 -2.68
CA TRP A 37 1.65 -5.76 -1.51
C TRP A 37 1.09 -7.12 -1.15
N THR A 38 1.56 -7.68 -0.04
CA THR A 38 1.11 -8.99 0.41
C THR A 38 0.80 -8.99 1.90
N PRO A 39 0.05 -9.99 2.36
CA PRO A 39 -0.33 -10.12 3.77
C PRO A 39 0.86 -10.48 4.65
N PRO A 40 0.66 -10.37 5.99
CA PRO A 40 1.70 -10.67 6.97
C PRO A 40 2.02 -12.16 7.03
N LEU A 41 3.31 -12.48 7.05
CA LEU A 41 3.75 -13.87 7.11
C LEU A 41 3.04 -14.61 8.24
N ASN A 42 2.45 -13.86 9.16
CA ASN A 42 1.74 -14.45 10.29
C ASN A 42 0.23 -14.40 10.06
N PRO A 43 -0.33 -15.51 9.57
CA PRO A 43 -1.77 -15.62 9.30
C PRO A 43 -2.59 -15.65 10.58
N ASN A 44 -1.92 -15.67 11.72
CA ASN A 44 -2.59 -15.70 13.02
C ASN A 44 -2.82 -14.29 13.55
N ILE A 45 -2.62 -13.30 12.68
CA ILE A 45 -2.82 -11.90 13.06
C ILE A 45 -4.01 -11.30 12.34
N VAL A 46 -4.74 -10.43 13.03
CA VAL A 46 -5.90 -9.77 12.45
C VAL A 46 -5.50 -8.55 11.63
N VAL A 47 -6.08 -8.42 10.44
CA VAL A 47 -5.77 -7.30 9.55
C VAL A 47 -7.05 -6.59 9.12
N ARG A 48 -7.16 -5.31 9.49
CA ARG A 48 -8.33 -4.52 9.14
C ARG A 48 -8.11 -3.78 7.82
N GLY A 49 -6.85 -3.68 7.41
CA GLY A 49 -6.54 -3.00 6.17
C GLY A 49 -5.06 -2.64 6.06
N TYR A 50 -4.76 -1.60 5.29
CA TYR A 50 -3.39 -1.16 5.11
C TYR A 50 -3.33 0.33 4.74
N ILE A 51 -2.52 1.08 5.47
CA ILE A 51 -2.37 2.51 5.23
C ILE A 51 -1.33 2.78 4.15
N ILE A 52 -1.72 3.56 3.14
CA ILE A 52 -0.82 3.89 2.05
C ILE A 52 -0.39 5.36 2.11
N GLY A 53 0.83 5.60 2.55
CA GLY A 53 1.33 6.95 2.64
C GLY A 53 2.27 7.31 1.51
N TYR A 54 1.73 7.94 0.47
CA TYR A 54 2.53 8.34 -0.68
C TYR A 54 2.62 9.85 -0.80
N GLY A 55 3.63 10.33 -1.52
CA GLY A 55 3.81 11.76 -1.69
C GLY A 55 5.12 12.09 -2.37
N VAL A 56 5.15 13.25 -3.04
CA VAL A 56 6.36 13.69 -3.74
C VAL A 56 7.48 14.00 -2.75
N GLY A 57 8.56 13.22 -2.84
CA GLY A 57 9.69 13.42 -1.95
C GLY A 57 9.45 12.85 -0.57
N SER A 58 8.24 13.01 -0.07
CA SER A 58 7.89 12.49 1.25
C SER A 58 6.56 11.75 1.21
N PRO A 59 6.54 10.54 1.80
CA PRO A 59 5.34 9.70 1.85
C PRO A 59 4.27 10.26 2.77
N TYR A 60 4.41 11.54 3.12
CA TYR A 60 3.47 12.20 4.01
C TYR A 60 2.66 13.25 3.25
N ALA A 61 2.66 13.14 1.93
CA ALA A 61 1.93 14.09 1.09
C ALA A 61 0.49 13.64 0.88
N GLU A 62 0.28 12.33 0.83
CA GLU A 62 -1.05 11.77 0.63
C GLU A 62 -1.18 10.42 1.33
N THR A 63 -2.16 10.31 2.23
CA THR A 63 -2.39 9.08 2.96
C THR A 63 -3.70 8.43 2.55
N VAL A 64 -3.65 7.12 2.31
CA VAL A 64 -4.83 6.38 1.90
C VAL A 64 -4.79 4.94 2.42
N ARG A 65 -5.67 4.63 3.37
CA ARG A 65 -5.72 3.29 3.95
C ARG A 65 -6.91 2.50 3.40
N VAL A 66 -6.64 1.31 2.89
CA VAL A 66 -7.68 0.46 2.33
C VAL A 66 -8.11 -0.62 3.33
N ASP A 67 -8.97 -1.52 2.88
CA ASP A 67 -9.46 -2.60 3.72
C ASP A 67 -8.48 -3.77 3.73
N SER A 68 -8.80 -4.80 4.50
CA SER A 68 -7.94 -5.99 4.59
C SER A 68 -8.20 -6.93 3.41
N LYS A 69 -8.58 -6.36 2.28
CA LYS A 69 -8.85 -7.14 1.08
C LYS A 69 -8.05 -6.63 -0.11
N GLN A 70 -7.95 -5.31 -0.22
CA GLN A 70 -7.21 -4.70 -1.32
C GLN A 70 -5.73 -5.11 -1.27
N ARG A 71 -5.33 -5.91 -2.25
CA ARG A 71 -3.94 -6.38 -2.32
C ARG A 71 -3.09 -5.44 -3.17
N TYR A 72 -3.71 -4.36 -3.64
CA TYR A 72 -3.01 -3.39 -4.47
C TYR A 72 -3.82 -2.10 -4.59
N TYR A 73 -3.12 -0.97 -4.72
CA TYR A 73 -3.77 0.33 -4.84
C TYR A 73 -3.16 1.13 -5.98
N SER A 74 -4.00 1.57 -6.90
CA SER A 74 -3.54 2.36 -8.05
C SER A 74 -3.62 3.85 -7.74
N ILE A 75 -2.47 4.45 -7.43
CA ILE A 75 -2.40 5.87 -7.13
C ILE A 75 -2.50 6.72 -8.39
N GLU A 76 -3.51 7.57 -8.45
CA GLU A 76 -3.72 8.43 -9.61
C GLU A 76 -3.65 9.90 -9.21
N ARG A 77 -3.77 10.79 -10.20
CA ARG A 77 -3.73 12.22 -9.95
C ARG A 77 -2.33 12.65 -9.51
N LEU A 78 -1.32 12.18 -10.24
CA LEU A 78 0.07 12.52 -9.91
C LEU A 78 0.75 13.21 -11.09
N GLU A 79 1.88 13.84 -10.82
CA GLU A 79 2.62 14.54 -11.86
C GLU A 79 3.60 13.61 -12.56
N SER A 80 4.33 14.14 -13.54
CA SER A 80 5.30 13.35 -14.29
C SER A 80 6.72 13.80 -13.99
N SER A 81 7.66 12.86 -14.03
CA SER A 81 9.06 13.16 -13.76
C SER A 81 9.24 13.66 -12.33
N SER A 82 8.76 12.87 -11.37
CA SER A 82 8.88 13.24 -9.96
C SER A 82 8.95 11.99 -9.09
N HIS A 83 9.70 12.09 -7.99
CA HIS A 83 9.85 10.97 -7.07
C HIS A 83 8.66 10.89 -6.11
N TYR A 84 8.07 9.70 -6.01
CA TYR A 84 6.93 9.50 -5.13
C TYR A 84 7.22 8.41 -4.10
N VAL A 85 7.51 8.83 -2.87
CA VAL A 85 7.81 7.89 -1.80
C VAL A 85 6.55 7.23 -1.28
N ILE A 86 6.44 5.92 -1.49
CA ILE A 86 5.28 5.16 -1.05
C ILE A 86 5.59 4.37 0.21
N SER A 87 4.73 4.51 1.23
CA SER A 87 4.91 3.81 2.49
C SER A 87 3.65 3.08 2.90
N LEU A 88 3.64 1.76 2.71
CA LEU A 88 2.48 0.94 3.06
C LEU A 88 2.69 0.26 4.41
N LYS A 89 1.65 0.27 5.23
CA LYS A 89 1.71 -0.36 6.55
C LYS A 89 0.36 -0.97 6.92
N ALA A 90 0.40 -2.06 7.68
CA ALA A 90 -0.80 -2.75 8.11
C ALA A 90 -1.38 -2.10 9.36
N PHE A 91 -2.71 -2.16 9.51
CA PHE A 91 -3.38 -1.58 10.66
C PHE A 91 -4.51 -2.48 11.13
N ASN A 92 -4.96 -2.27 12.37
CA ASN A 92 -6.04 -3.07 12.94
C ASN A 92 -6.57 -2.42 14.22
N ASN A 93 -7.49 -3.11 14.88
CA ASN A 93 -8.08 -2.61 16.13
C ASN A 93 -6.98 -2.22 17.12
N ALA A 94 -5.81 -2.83 16.98
CA ALA A 94 -4.69 -2.57 17.87
C ALA A 94 -3.96 -1.30 17.45
N GLY A 95 -4.00 -0.99 16.15
CA GLY A 95 -3.33 0.19 15.65
C GLY A 95 -2.56 -0.09 14.37
N GLU A 96 -1.36 0.47 14.29
CA GLU A 96 -0.51 0.29 13.11
C GLU A 96 0.73 -0.52 13.46
N GLY A 97 1.25 -1.27 12.49
CA GLY A 97 2.43 -2.08 12.71
C GLY A 97 3.61 -1.61 11.88
N VAL A 98 4.74 -2.30 12.04
CA VAL A 98 5.95 -1.95 11.30
C VAL A 98 5.61 -1.47 9.89
N PRO A 99 5.71 -0.15 9.69
CA PRO A 99 5.41 0.48 8.39
C PRO A 99 6.46 0.14 7.34
N LEU A 100 6.01 -0.09 6.11
CA LEU A 100 6.92 -0.42 5.01
C LEU A 100 7.04 0.75 4.04
N TYR A 101 8.27 1.18 3.80
CA TYR A 101 8.53 2.29 2.89
C TYR A 101 8.92 1.78 1.50
N GLU A 102 8.86 2.66 0.52
CA GLU A 102 9.20 2.30 -0.85
C GLU A 102 9.49 3.54 -1.69
N SER A 103 9.91 3.33 -2.93
CA SER A 103 10.22 4.43 -3.83
C SER A 103 9.62 4.19 -5.21
N ALA A 104 9.22 5.27 -5.88
CA ALA A 104 8.63 5.17 -7.21
C ALA A 104 8.62 6.52 -7.90
N THR A 105 9.40 6.65 -8.97
CA THR A 105 9.48 7.90 -9.72
C THR A 105 8.63 7.83 -10.99
N THR A 106 7.55 8.60 -11.00
CA THR A 106 6.66 8.63 -12.16
C THR A 106 7.44 8.70 -13.46
N ARG A 107 6.75 8.52 -14.58
CA ARG A 107 7.38 8.57 -15.89
C ARG A 107 7.32 9.98 -16.47
N SER A 108 7.92 10.16 -17.64
CA SER A 108 7.95 11.46 -18.30
C SER A 108 7.29 11.39 -19.68
N ILE A 109 6.20 12.11 -19.85
CA ILE A 109 5.48 12.13 -21.13
C ILE A 109 6.40 12.54 -22.26
N THR A 110 6.54 11.65 -23.25
CA THR A 110 7.39 11.92 -24.41
C THR A 110 6.59 11.88 -25.70
N SER A 111 6.10 13.05 -26.13
CA SER A 111 5.32 13.14 -27.36
C SER A 111 6.09 13.89 -28.44
N GLY A 112 6.97 13.18 -29.13
CA GLY A 112 7.76 13.77 -30.18
C GLY A 112 8.65 14.89 -29.67
N PRO A 113 9.83 14.52 -29.14
CA PRO A 113 10.80 15.48 -28.61
C PRO A 113 11.44 16.32 -29.70
N SER A 114 11.70 15.70 -30.84
CA SER A 114 12.31 16.40 -31.97
C SER A 114 11.25 17.06 -32.85
N SER A 115 10.17 16.34 -33.11
CA SER A 115 9.09 16.86 -33.94
C SER A 115 7.93 17.33 -33.08
N GLY A 116 6.93 17.95 -33.72
CA GLY A 116 5.77 18.43 -32.99
C GLY A 116 4.59 18.68 -33.90
N GLY A 1 -7.35 -11.01 -1.24
CA GLY A 1 -8.02 -11.16 0.03
C GLY A 1 -8.27 -12.61 0.40
N SER A 2 -8.02 -12.97 1.65
CA SER A 2 -8.22 -14.33 2.12
C SER A 2 -9.71 -14.64 2.28
N SER A 3 -10.25 -15.40 1.35
CA SER A 3 -11.66 -15.76 1.39
C SER A 3 -11.84 -17.28 1.25
N GLY A 4 -12.43 -17.89 2.27
CA GLY A 4 -12.65 -19.33 2.25
C GLY A 4 -13.03 -19.88 3.61
N SER A 5 -12.44 -21.01 3.97
CA SER A 5 -12.73 -21.64 5.25
C SER A 5 -12.71 -20.62 6.38
N SER A 6 -11.60 -19.90 6.50
CA SER A 6 -11.45 -18.89 7.55
C SER A 6 -11.73 -17.49 6.99
N GLY A 7 -12.09 -16.57 7.88
CA GLY A 7 -12.38 -15.21 7.46
C GLY A 7 -12.35 -14.23 8.61
N PRO A 8 -13.31 -14.37 9.54
CA PRO A 8 -13.41 -13.50 10.71
C PRO A 8 -12.28 -13.73 11.71
N GLU A 9 -12.44 -13.19 12.91
CA GLU A 9 -11.44 -13.34 13.96
C GLU A 9 -11.83 -14.44 14.94
N ASN A 10 -11.18 -15.61 14.81
CA ASN A 10 -11.47 -16.74 15.68
C ASN A 10 -10.24 -17.12 16.50
N ASP A 11 -9.14 -17.42 15.81
CA ASP A 11 -7.90 -17.79 16.47
C ASP A 11 -6.75 -16.91 16.01
N LEU A 12 -7.04 -15.63 15.77
CA LEU A 12 -6.02 -14.69 15.32
C LEU A 12 -5.56 -13.80 16.47
N ASP A 13 -4.53 -13.01 16.22
CA ASP A 13 -3.99 -12.11 17.24
C ASP A 13 -4.24 -10.65 16.86
N GLU A 14 -5.28 -10.07 17.46
CA GLU A 14 -5.63 -8.69 17.18
C GLU A 14 -4.91 -7.74 18.14
N SER A 15 -4.67 -8.20 19.36
CA SER A 15 -3.99 -7.40 20.36
C SER A 15 -2.69 -6.82 19.81
N GLN A 16 -2.07 -7.56 18.89
CA GLN A 16 -0.83 -7.12 18.28
C GLN A 16 -1.06 -6.59 16.87
N VAL A 17 -0.36 -5.52 16.52
CA VAL A 17 -0.50 -4.91 15.20
C VAL A 17 0.02 -5.85 14.10
N PRO A 18 -0.58 -5.73 12.91
CA PRO A 18 -0.20 -6.56 11.76
C PRO A 18 1.19 -6.21 11.23
N ASP A 19 2.04 -7.22 11.09
CA ASP A 19 3.39 -7.02 10.58
C ASP A 19 3.36 -6.48 9.15
N GLN A 20 4.52 -6.07 8.65
CA GLN A 20 4.63 -5.54 7.30
C GLN A 20 4.44 -6.63 6.26
N PRO A 21 4.06 -6.24 5.04
CA PRO A 21 3.84 -7.17 3.93
C PRO A 21 5.14 -7.79 3.44
N SER A 22 5.19 -9.12 3.41
CA SER A 22 6.38 -9.84 2.96
C SER A 22 7.08 -9.06 1.86
N SER A 23 6.31 -8.38 1.02
CA SER A 23 6.86 -7.60 -0.08
C SER A 23 5.85 -6.58 -0.59
N LEU A 24 6.35 -5.47 -1.11
CA LEU A 24 5.48 -4.41 -1.64
C LEU A 24 5.95 -3.97 -3.02
N HIS A 25 5.23 -4.42 -4.05
CA HIS A 25 5.56 -4.07 -5.42
C HIS A 25 5.00 -2.70 -5.79
N VAL A 26 5.80 -1.89 -6.47
CA VAL A 26 5.39 -0.56 -6.87
C VAL A 26 5.93 -0.21 -8.25
N ARG A 27 5.06 0.30 -9.11
CA ARG A 27 5.44 0.67 -10.47
C ARG A 27 5.06 2.12 -10.76
N PRO A 28 6.07 3.00 -10.75
CA PRO A 28 5.86 4.43 -11.01
C PRO A 28 5.51 4.71 -12.48
N GLN A 29 4.25 5.08 -12.72
CA GLN A 29 3.79 5.36 -14.06
C GLN A 29 3.97 6.84 -14.40
N THR A 30 3.47 7.24 -15.56
CA THR A 30 3.57 8.64 -15.99
C THR A 30 2.95 9.58 -14.97
N ASN A 31 1.66 9.41 -14.72
CA ASN A 31 0.94 10.25 -13.77
C ASN A 31 0.33 9.40 -12.66
N CYS A 32 0.44 8.09 -12.80
CA CYS A 32 -0.11 7.16 -11.80
C CYS A 32 0.98 6.27 -11.25
N ILE A 33 0.63 5.46 -10.24
CA ILE A 33 1.58 4.55 -9.62
C ILE A 33 0.86 3.39 -8.95
N ILE A 34 0.93 2.22 -9.59
CA ILE A 34 0.29 1.02 -9.05
C ILE A 34 1.19 0.31 -8.04
N MET A 35 0.61 -0.12 -6.94
CA MET A 35 1.36 -0.81 -5.90
C MET A 35 0.61 -2.05 -5.42
N SER A 36 1.32 -3.18 -5.36
CA SER A 36 0.71 -4.43 -4.92
C SER A 36 1.55 -5.09 -3.84
N TRP A 37 0.95 -5.27 -2.66
CA TRP A 37 1.65 -5.88 -1.53
C TRP A 37 1.04 -7.24 -1.20
N THR A 38 1.52 -7.85 -0.12
CA THR A 38 1.04 -9.15 0.32
C THR A 38 0.76 -9.16 1.82
N PRO A 39 -0.01 -10.16 2.26
CA PRO A 39 -0.36 -10.32 3.68
C PRO A 39 0.84 -10.71 4.54
N PRO A 40 0.66 -10.64 5.86
CA PRO A 40 1.73 -10.99 6.82
C PRO A 40 2.02 -12.49 6.84
N LEU A 41 3.31 -12.83 6.80
CA LEU A 41 3.72 -14.23 6.81
C LEU A 41 2.97 -15.03 7.87
N ASN A 42 2.44 -14.31 8.86
CA ASN A 42 1.68 -14.94 9.94
C ASN A 42 0.18 -14.73 9.76
N PRO A 43 -0.50 -15.73 9.19
CA PRO A 43 -1.94 -15.68 8.96
C PRO A 43 -2.74 -15.73 10.26
N ASN A 44 -2.04 -15.82 11.38
CA ASN A 44 -2.69 -15.88 12.68
C ASN A 44 -2.88 -14.48 13.26
N ILE A 45 -2.60 -13.47 12.45
CA ILE A 45 -2.73 -12.08 12.88
C ILE A 45 -3.91 -11.41 12.18
N VAL A 46 -4.64 -10.58 12.93
CA VAL A 46 -5.79 -9.86 12.39
C VAL A 46 -5.35 -8.65 11.57
N VAL A 47 -6.03 -8.42 10.45
CA VAL A 47 -5.71 -7.29 9.59
C VAL A 47 -6.98 -6.54 9.17
N ARG A 48 -7.07 -5.29 9.60
CA ARG A 48 -8.23 -4.46 9.27
C ARG A 48 -8.01 -3.69 7.98
N GLY A 49 -6.74 -3.58 7.57
CA GLY A 49 -6.42 -2.87 6.35
C GLY A 49 -4.99 -2.37 6.33
N TYR A 50 -4.70 -1.42 5.45
CA TYR A 50 -3.37 -0.86 5.34
C TYR A 50 -3.43 0.65 5.06
N ILE A 51 -2.39 1.35 5.48
CA ILE A 51 -2.32 2.80 5.28
C ILE A 51 -1.35 3.15 4.15
N ILE A 52 -1.88 3.62 3.04
CA ILE A 52 -1.06 3.99 1.90
C ILE A 52 -0.64 5.46 1.98
N GLY A 53 0.59 5.69 2.42
CA GLY A 53 1.10 7.04 2.54
C GLY A 53 2.05 7.41 1.42
N TYR A 54 1.51 7.92 0.32
CA TYR A 54 2.32 8.31 -0.82
C TYR A 54 2.41 9.82 -0.94
N GLY A 55 3.51 10.30 -1.52
CA GLY A 55 3.70 11.73 -1.68
C GLY A 55 5.02 12.06 -2.35
N VAL A 56 5.09 13.26 -2.94
CA VAL A 56 6.31 13.69 -3.62
C VAL A 56 7.39 14.07 -2.61
N GLY A 57 8.46 13.28 -2.58
CA GLY A 57 9.55 13.56 -1.66
C GLY A 57 9.28 13.02 -0.27
N SER A 58 8.00 12.96 0.10
CA SER A 58 7.61 12.48 1.41
C SER A 58 6.30 11.69 1.33
N PRO A 59 6.30 10.48 1.91
CA PRO A 59 5.13 9.60 1.91
C PRO A 59 4.03 10.12 2.82
N TYR A 60 4.12 11.40 3.18
CA TYR A 60 3.12 12.02 4.04
C TYR A 60 2.32 13.07 3.28
N ALA A 61 2.35 12.99 1.96
CA ALA A 61 1.62 13.93 1.11
C ALA A 61 0.19 13.46 0.88
N GLU A 62 0.01 12.15 0.76
CA GLU A 62 -1.32 11.58 0.53
C GLU A 62 -1.46 10.25 1.27
N THR A 63 -2.50 10.16 2.11
CA THR A 63 -2.75 8.94 2.87
C THR A 63 -4.11 8.35 2.51
N VAL A 64 -4.14 7.03 2.36
CA VAL A 64 -5.38 6.34 2.01
C VAL A 64 -5.47 5.00 2.74
N ARG A 65 -6.43 4.90 3.66
CA ARG A 65 -6.62 3.68 4.43
C ARG A 65 -7.60 2.75 3.73
N VAL A 66 -7.09 1.64 3.20
CA VAL A 66 -7.92 0.67 2.49
C VAL A 66 -8.32 -0.48 3.42
N ASP A 67 -9.11 -1.41 2.90
CA ASP A 67 -9.56 -2.55 3.67
C ASP A 67 -8.51 -3.66 3.68
N SER A 68 -8.73 -4.66 4.53
CA SER A 68 -7.79 -5.78 4.64
C SER A 68 -7.99 -6.77 3.49
N LYS A 69 -8.61 -6.30 2.41
CA LYS A 69 -8.85 -7.13 1.24
C LYS A 69 -8.09 -6.62 0.03
N GLN A 70 -7.80 -5.32 0.02
CA GLN A 70 -7.07 -4.70 -1.08
C GLN A 70 -5.62 -5.20 -1.11
N ARG A 71 -5.25 -5.86 -2.19
CA ARG A 71 -3.90 -6.39 -2.35
C ARG A 71 -3.05 -5.45 -3.20
N TYR A 72 -3.64 -4.34 -3.62
CA TYR A 72 -2.93 -3.37 -4.44
C TYR A 72 -3.76 -2.10 -4.62
N TYR A 73 -3.08 -0.98 -4.83
CA TYR A 73 -3.76 0.31 -5.00
C TYR A 73 -3.12 1.10 -6.13
N SER A 74 -3.95 1.58 -7.05
CA SER A 74 -3.47 2.36 -8.19
C SER A 74 -3.62 3.86 -7.92
N ILE A 75 -2.51 4.51 -7.59
CA ILE A 75 -2.51 5.93 -7.31
C ILE A 75 -2.53 6.75 -8.60
N GLU A 76 -3.37 7.77 -8.64
CA GLU A 76 -3.49 8.62 -9.82
C GLU A 76 -3.49 10.09 -9.42
N ARG A 77 -3.59 10.97 -10.42
CA ARG A 77 -3.60 12.41 -10.18
C ARG A 77 -2.24 12.90 -9.71
N LEU A 78 -1.19 12.38 -10.33
CA LEU A 78 0.18 12.75 -9.98
C LEU A 78 0.89 13.40 -11.16
N GLU A 79 2.11 13.87 -10.93
CA GLU A 79 2.89 14.50 -11.98
C GLU A 79 3.88 13.52 -12.60
N SER A 80 4.70 14.01 -13.52
CA SER A 80 5.69 13.17 -14.19
C SER A 80 7.11 13.58 -13.79
N SER A 81 8.05 12.67 -13.98
CA SER A 81 9.45 12.92 -13.63
C SER A 81 9.56 13.43 -12.20
N SER A 82 9.02 12.65 -11.26
CA SER A 82 9.07 13.02 -9.85
C SER A 82 9.20 11.78 -8.98
N HIS A 83 10.01 11.89 -7.92
CA HIS A 83 10.23 10.78 -7.00
C HIS A 83 9.08 10.68 -5.98
N TYR A 84 8.18 9.74 -6.23
CA TYR A 84 7.04 9.55 -5.34
C TYR A 84 7.32 8.46 -4.31
N VAL A 85 7.40 8.84 -3.05
CA VAL A 85 7.67 7.89 -1.97
C VAL A 85 6.39 7.18 -1.54
N ILE A 86 6.45 5.85 -1.47
CA ILE A 86 5.30 5.06 -1.07
C ILE A 86 5.63 4.21 0.16
N SER A 87 4.85 4.39 1.22
CA SER A 87 5.05 3.65 2.46
C SER A 87 3.76 2.99 2.91
N LEU A 88 3.68 1.68 2.71
CA LEU A 88 2.49 0.91 3.10
C LEU A 88 2.69 0.23 4.44
N LYS A 89 1.65 0.19 5.25
CA LYS A 89 1.72 -0.45 6.56
C LYS A 89 0.35 -1.01 6.96
N ALA A 90 0.37 -2.18 7.61
CA ALA A 90 -0.85 -2.82 8.06
C ALA A 90 -1.36 -2.20 9.35
N PHE A 91 -2.68 -2.18 9.51
CA PHE A 91 -3.30 -1.62 10.72
C PHE A 91 -4.44 -2.50 11.20
N ASN A 92 -4.81 -2.33 12.47
CA ASN A 92 -5.89 -3.11 13.06
C ASN A 92 -6.36 -2.49 14.37
N ASN A 93 -7.30 -3.15 15.04
CA ASN A 93 -7.83 -2.66 16.30
C ASN A 93 -6.71 -2.36 17.28
N ALA A 94 -5.55 -2.96 17.04
CA ALA A 94 -4.39 -2.76 17.91
C ALA A 94 -3.61 -1.50 17.50
N GLY A 95 -3.72 -1.14 16.23
CA GLY A 95 -3.03 0.03 15.74
C GLY A 95 -2.30 -0.23 14.44
N GLU A 96 -1.08 0.30 14.32
CA GLU A 96 -0.28 0.11 13.12
C GLU A 96 0.96 -0.73 13.41
N GLY A 97 1.42 -1.48 12.41
CA GLY A 97 2.59 -2.31 12.57
C GLY A 97 3.77 -1.84 11.76
N VAL A 98 4.90 -2.52 11.90
CA VAL A 98 6.11 -2.16 11.16
C VAL A 98 5.77 -1.65 9.77
N PRO A 99 5.83 -0.33 9.59
CA PRO A 99 5.53 0.32 8.31
C PRO A 99 6.60 0.03 7.26
N LEU A 100 6.16 -0.24 6.03
CA LEU A 100 7.09 -0.53 4.94
C LEU A 100 7.16 0.65 3.97
N TYR A 101 8.37 1.16 3.75
CA TYR A 101 8.58 2.27 2.85
C TYR A 101 9.07 1.79 1.49
N GLU A 102 8.95 2.66 0.49
CA GLU A 102 9.37 2.32 -0.87
C GLU A 102 9.61 3.59 -1.69
N SER A 103 10.08 3.40 -2.93
CA SER A 103 10.36 4.53 -3.81
C SER A 103 9.82 4.25 -5.21
N ALA A 104 9.26 5.28 -5.84
CA ALA A 104 8.70 5.15 -7.18
C ALA A 104 8.70 6.49 -7.90
N THR A 105 9.62 6.65 -8.85
CA THR A 105 9.72 7.89 -9.61
C THR A 105 8.88 7.83 -10.89
N THR A 106 7.83 8.62 -10.94
CA THR A 106 6.94 8.66 -12.11
C THR A 106 7.74 8.67 -13.39
N ARG A 107 7.07 8.40 -14.52
CA ARG A 107 7.72 8.39 -15.82
C ARG A 107 7.77 9.79 -16.41
N SER A 108 8.25 9.88 -17.65
CA SER A 108 8.35 11.17 -18.34
C SER A 108 7.31 11.27 -19.45
N ILE A 109 6.46 12.28 -19.35
CA ILE A 109 5.40 12.50 -20.35
C ILE A 109 5.90 12.14 -21.74
N THR A 110 6.82 12.94 -22.26
CA THR A 110 7.37 12.70 -23.59
C THR A 110 8.12 11.38 -23.65
N SER A 111 7.38 10.29 -23.65
CA SER A 111 7.97 8.95 -23.70
C SER A 111 8.47 8.63 -25.11
N GLY A 112 7.65 8.93 -26.11
CA GLY A 112 8.01 8.66 -27.48
C GLY A 112 6.81 8.56 -28.40
N PRO A 113 7.03 8.06 -29.62
CA PRO A 113 5.97 7.89 -30.62
C PRO A 113 4.97 6.80 -30.24
N SER A 114 5.26 6.10 -29.14
CA SER A 114 4.40 5.03 -28.67
C SER A 114 4.20 5.11 -27.16
N SER A 115 2.94 5.07 -26.73
CA SER A 115 2.62 5.14 -25.31
C SER A 115 1.12 4.88 -25.08
N GLY A 116 0.83 3.77 -24.42
CA GLY A 116 -0.55 3.42 -24.14
C GLY A 116 -1.36 4.60 -23.62
N GLY A 1 -22.67 -4.64 10.62
CA GLY A 1 -21.90 -5.72 11.23
C GLY A 1 -22.69 -6.44 12.31
N SER A 2 -23.48 -7.42 11.90
CA SER A 2 -24.29 -8.19 12.84
C SER A 2 -23.95 -9.68 12.76
N SER A 3 -24.02 -10.23 11.56
CA SER A 3 -23.72 -11.63 11.34
C SER A 3 -22.42 -12.03 12.04
N GLY A 4 -22.50 -13.08 12.86
CA GLY A 4 -21.32 -13.53 13.58
C GLY A 4 -20.48 -14.51 12.76
N SER A 5 -19.27 -14.08 12.41
CA SER A 5 -18.37 -14.91 11.63
C SER A 5 -17.35 -15.62 12.52
N SER A 6 -17.37 -16.95 12.49
CA SER A 6 -16.46 -17.74 13.30
C SER A 6 -16.23 -17.09 14.66
N GLY A 7 -17.30 -16.54 15.24
CA GLY A 7 -17.19 -15.89 16.53
C GLY A 7 -15.96 -15.00 16.63
N PRO A 8 -15.10 -15.30 17.61
CA PRO A 8 -13.86 -14.54 17.83
C PRO A 8 -12.84 -14.74 16.73
N GLU A 9 -11.61 -14.28 16.96
CA GLU A 9 -10.54 -14.42 15.99
C GLU A 9 -10.12 -15.88 15.83
N ASN A 10 -10.22 -16.40 14.62
CA ASN A 10 -9.86 -17.78 14.34
C ASN A 10 -8.39 -18.04 14.67
N ASP A 11 -8.12 -18.25 15.95
CA ASP A 11 -6.76 -18.51 16.41
C ASP A 11 -5.79 -17.46 15.86
N LEU A 12 -6.10 -16.20 16.11
CA LEU A 12 -5.26 -15.10 15.64
C LEU A 12 -4.83 -14.21 16.80
N ASP A 13 -4.05 -13.18 16.49
CA ASP A 13 -3.57 -12.25 17.51
C ASP A 13 -3.82 -10.81 17.09
N GLU A 14 -4.78 -10.15 17.75
CA GLU A 14 -5.11 -8.77 17.43
C GLU A 14 -4.45 -7.82 18.42
N SER A 15 -4.24 -8.29 19.65
CA SER A 15 -3.61 -7.47 20.68
C SER A 15 -2.33 -6.83 20.17
N GLN A 16 -1.79 -7.38 19.08
CA GLN A 16 -0.56 -6.86 18.49
C GLN A 16 -0.81 -6.37 17.07
N VAL A 17 -0.26 -5.20 16.75
CA VAL A 17 -0.42 -4.63 15.41
C VAL A 17 0.12 -5.56 14.34
N PRO A 18 -0.47 -5.49 13.14
CA PRO A 18 -0.07 -6.32 12.00
C PRO A 18 1.31 -5.93 11.47
N ASP A 19 2.15 -6.93 11.23
CA ASP A 19 3.49 -6.70 10.70
C ASP A 19 3.44 -6.22 9.26
N GLN A 20 4.55 -5.65 8.79
CA GLN A 20 4.62 -5.15 7.42
C GLN A 20 4.38 -6.27 6.42
N PRO A 21 3.99 -5.89 5.19
CA PRO A 21 3.71 -6.86 4.12
C PRO A 21 4.98 -7.53 3.61
N SER A 22 5.01 -8.86 3.68
CA SER A 22 6.16 -9.63 3.23
C SER A 22 6.88 -8.91 2.09
N SER A 23 6.11 -8.29 1.20
CA SER A 23 6.67 -7.57 0.06
C SER A 23 5.69 -6.54 -0.45
N LEU A 24 6.21 -5.48 -1.06
CA LEU A 24 5.39 -4.41 -1.61
C LEU A 24 5.94 -3.92 -2.94
N HIS A 25 5.28 -4.31 -4.03
CA HIS A 25 5.69 -3.90 -5.37
C HIS A 25 5.04 -2.58 -5.77
N VAL A 26 5.83 -1.71 -6.40
CA VAL A 26 5.32 -0.41 -6.84
C VAL A 26 5.87 -0.05 -8.21
N ARG A 27 5.00 0.40 -9.09
CA ARG A 27 5.40 0.79 -10.45
C ARG A 27 5.00 2.24 -10.74
N PRO A 28 6.00 3.13 -10.73
CA PRO A 28 5.78 4.56 -10.99
C PRO A 28 5.40 4.83 -12.45
N GLN A 29 4.15 5.19 -12.67
CA GLN A 29 3.67 5.49 -14.02
C GLN A 29 3.74 6.98 -14.31
N THR A 30 3.34 7.36 -15.53
CA THR A 30 3.36 8.75 -15.93
C THR A 30 2.56 9.62 -14.96
N ASN A 31 1.25 9.44 -14.95
CA ASN A 31 0.39 10.22 -14.06
C ASN A 31 -0.29 9.31 -13.03
N CYS A 32 0.33 8.16 -12.77
CA CYS A 32 -0.21 7.20 -11.81
C CYS A 32 0.90 6.33 -11.24
N ILE A 33 0.54 5.50 -10.25
CA ILE A 33 1.51 4.61 -9.63
C ILE A 33 0.81 3.44 -8.95
N ILE A 34 0.90 2.26 -9.57
CA ILE A 34 0.29 1.06 -9.04
C ILE A 34 1.19 0.40 -8.00
N MET A 35 0.58 -0.06 -6.91
CA MET A 35 1.32 -0.72 -5.84
C MET A 35 0.60 -1.97 -5.37
N SER A 36 1.30 -3.10 -5.36
CA SER A 36 0.73 -4.37 -4.93
C SER A 36 1.54 -4.98 -3.80
N TRP A 37 0.92 -5.12 -2.64
CA TRP A 37 1.58 -5.69 -1.47
C TRP A 37 0.95 -7.03 -1.09
N THR A 38 1.45 -7.62 -0.01
CA THR A 38 0.94 -8.90 0.46
C THR A 38 0.73 -8.89 1.97
N PRO A 39 -0.01 -9.89 2.48
CA PRO A 39 -0.30 -10.02 3.91
C PRO A 39 0.93 -10.39 4.72
N PRO A 40 0.81 -10.31 6.06
CA PRO A 40 1.91 -10.64 6.97
C PRO A 40 2.24 -12.13 6.99
N LEU A 41 3.52 -12.43 6.89
CA LEU A 41 3.98 -13.83 6.89
C LEU A 41 3.30 -14.62 8.01
N ASN A 42 2.75 -13.90 8.98
CA ASN A 42 2.07 -14.54 10.11
C ASN A 42 0.56 -14.48 9.94
N PRO A 43 -0.03 -15.57 9.43
CA PRO A 43 -1.47 -15.66 9.22
C PRO A 43 -2.25 -15.73 10.52
N ASN A 44 -1.53 -15.70 11.64
CA ASN A 44 -2.17 -15.76 12.95
C ASN A 44 -2.41 -14.35 13.50
N ILE A 45 -2.24 -13.35 12.64
CA ILE A 45 -2.45 -11.96 13.04
C ILE A 45 -3.67 -11.37 12.36
N VAL A 46 -4.44 -10.58 13.09
CA VAL A 46 -5.63 -9.94 12.55
C VAL A 46 -5.28 -8.70 11.75
N VAL A 47 -5.92 -8.55 10.59
CA VAL A 47 -5.67 -7.41 9.72
C VAL A 47 -6.98 -6.73 9.31
N ARG A 48 -7.11 -5.45 9.63
CA ARG A 48 -8.32 -4.70 9.30
C ARG A 48 -8.09 -3.84 8.06
N GLY A 49 -6.83 -3.73 7.64
CA GLY A 49 -6.50 -2.93 6.47
C GLY A 49 -5.08 -2.41 6.52
N TYR A 50 -4.75 -1.54 5.56
CA TYR A 50 -3.41 -0.96 5.49
C TYR A 50 -3.49 0.54 5.22
N ILE A 51 -2.39 1.24 5.50
CA ILE A 51 -2.33 2.68 5.29
C ILE A 51 -1.34 3.02 4.18
N ILE A 52 -1.87 3.50 3.05
CA ILE A 52 -1.04 3.86 1.90
C ILE A 52 -0.60 5.32 2.01
N GLY A 53 0.66 5.53 2.41
CA GLY A 53 1.18 6.88 2.53
C GLY A 53 2.15 7.22 1.43
N TYR A 54 1.67 7.88 0.38
CA TYR A 54 2.51 8.26 -0.74
C TYR A 54 2.65 9.78 -0.83
N GLY A 55 3.64 10.23 -1.59
CA GLY A 55 3.86 11.66 -1.75
C GLY A 55 5.22 11.97 -2.34
N VAL A 56 5.25 12.92 -3.27
CA VAL A 56 6.50 13.32 -3.92
C VAL A 56 7.48 13.90 -2.91
N GLY A 57 8.62 13.23 -2.75
CA GLY A 57 9.63 13.70 -1.81
C GLY A 57 9.37 13.22 -0.39
N SER A 58 8.11 12.96 -0.09
CA SER A 58 7.74 12.49 1.25
C SER A 58 6.45 11.67 1.20
N PRO A 59 6.48 10.46 1.77
CA PRO A 59 5.33 9.56 1.82
C PRO A 59 4.23 10.07 2.74
N TYR A 60 4.32 11.34 3.12
CA TYR A 60 3.33 11.96 4.00
C TYR A 60 2.53 13.03 3.26
N ALA A 61 2.51 12.93 1.93
CA ALA A 61 1.78 13.88 1.11
C ALA A 61 0.32 13.47 0.95
N GLU A 62 0.08 12.15 0.92
CA GLU A 62 -1.26 11.63 0.76
C GLU A 62 -1.40 10.27 1.43
N THR A 63 -2.43 10.13 2.27
CA THR A 63 -2.68 8.88 2.98
C THR A 63 -4.03 8.29 2.61
N VAL A 64 -4.06 6.98 2.38
CA VAL A 64 -5.30 6.30 2.03
C VAL A 64 -5.40 4.95 2.73
N ARG A 65 -6.36 4.84 3.64
CA ARG A 65 -6.57 3.61 4.39
C ARG A 65 -7.50 2.66 3.63
N VAL A 66 -6.95 1.55 3.17
CA VAL A 66 -7.74 0.56 2.42
C VAL A 66 -8.12 -0.61 3.31
N ASP A 67 -8.97 -1.49 2.79
CA ASP A 67 -9.42 -2.66 3.54
C ASP A 67 -8.35 -3.74 3.56
N SER A 68 -8.50 -4.71 4.46
CA SER A 68 -7.54 -5.80 4.58
C SER A 68 -7.64 -6.76 3.40
N LYS A 69 -8.52 -6.43 2.46
CA LYS A 69 -8.72 -7.26 1.28
C LYS A 69 -7.94 -6.70 0.09
N GLN A 70 -7.78 -5.39 0.06
CA GLN A 70 -7.05 -4.74 -1.03
C GLN A 70 -5.60 -5.20 -1.07
N ARG A 71 -5.24 -5.90 -2.14
CA ARG A 71 -3.89 -6.41 -2.30
C ARG A 71 -3.07 -5.48 -3.21
N TYR A 72 -3.70 -4.41 -3.68
CA TYR A 72 -3.03 -3.47 -4.55
C TYR A 72 -3.87 -2.20 -4.72
N TYR A 73 -3.19 -1.07 -4.93
CA TYR A 73 -3.87 0.21 -5.10
C TYR A 73 -3.23 1.02 -6.22
N SER A 74 -4.05 1.49 -7.16
CA SER A 74 -3.56 2.28 -8.27
C SER A 74 -3.72 3.77 -8.00
N ILE A 75 -2.63 4.42 -7.63
CA ILE A 75 -2.64 5.84 -7.35
C ILE A 75 -2.65 6.67 -8.62
N GLU A 76 -3.70 7.46 -8.81
CA GLU A 76 -3.83 8.30 -10.00
C GLU A 76 -3.84 9.78 -9.62
N ARG A 77 -3.93 10.64 -10.63
CA ARG A 77 -3.96 12.08 -10.41
C ARG A 77 -2.63 12.56 -9.85
N LEU A 78 -1.54 12.00 -10.35
CA LEU A 78 -0.20 12.36 -9.90
C LEU A 78 0.56 13.10 -11.00
N GLU A 79 1.69 13.72 -10.63
CA GLU A 79 2.50 14.45 -11.59
C GLU A 79 3.46 13.51 -12.32
N SER A 80 4.27 14.08 -13.20
CA SER A 80 5.23 13.29 -13.97
C SER A 80 6.66 13.77 -13.70
N SER A 81 7.62 12.88 -13.92
CA SER A 81 9.02 13.20 -13.70
C SER A 81 9.25 13.71 -12.27
N SER A 82 8.82 12.92 -11.30
CA SER A 82 8.98 13.28 -9.89
C SER A 82 9.05 12.04 -9.02
N HIS A 83 9.98 12.04 -8.08
CA HIS A 83 10.16 10.91 -7.17
C HIS A 83 9.02 10.85 -6.15
N TYR A 84 8.33 9.72 -6.13
CA TYR A 84 7.21 9.54 -5.21
C TYR A 84 7.51 8.44 -4.20
N VAL A 85 7.56 8.81 -2.92
CA VAL A 85 7.85 7.85 -1.86
C VAL A 85 6.57 7.19 -1.37
N ILE A 86 6.50 5.86 -1.51
CA ILE A 86 5.34 5.10 -1.08
C ILE A 86 5.63 4.33 0.20
N SER A 87 4.79 4.56 1.22
CA SER A 87 4.95 3.89 2.51
C SER A 87 3.67 3.18 2.91
N LEU A 88 3.65 1.85 2.71
CA LEU A 88 2.49 1.05 3.06
C LEU A 88 2.72 0.28 4.36
N LYS A 89 1.69 0.19 5.19
CA LYS A 89 1.77 -0.52 6.45
C LYS A 89 0.42 -1.11 6.85
N ALA A 90 0.46 -2.19 7.62
CA ALA A 90 -0.77 -2.85 8.06
C ALA A 90 -1.31 -2.18 9.33
N PHE A 91 -2.63 -2.23 9.50
CA PHE A 91 -3.27 -1.64 10.66
C PHE A 91 -4.45 -2.50 11.13
N ASN A 92 -4.83 -2.33 12.39
CA ASN A 92 -5.95 -3.09 12.96
C ASN A 92 -6.45 -2.43 14.24
N ASN A 93 -7.40 -3.08 14.89
CA ASN A 93 -7.97 -2.56 16.13
C ASN A 93 -6.88 -2.24 17.15
N ALA A 94 -5.71 -2.87 16.97
CA ALA A 94 -4.58 -2.64 17.85
C ALA A 94 -3.80 -1.40 17.46
N GLY A 95 -3.88 -1.04 16.17
CA GLY A 95 -3.17 0.13 15.69
C GLY A 95 -2.40 -0.15 14.42
N GLU A 96 -1.20 0.43 14.31
CA GLU A 96 -0.36 0.24 13.14
C GLU A 96 0.92 -0.49 13.51
N GLY A 97 1.44 -1.27 12.56
CA GLY A 97 2.66 -2.02 12.80
C GLY A 97 3.82 -1.53 11.95
N VAL A 98 4.99 -2.14 12.14
CA VAL A 98 6.17 -1.77 11.39
C VAL A 98 5.81 -1.30 9.99
N PRO A 99 5.89 0.02 9.76
CA PRO A 99 5.58 0.62 8.46
C PRO A 99 6.60 0.28 7.39
N LEU A 100 6.12 -0.02 6.18
CA LEU A 100 7.01 -0.36 5.07
C LEU A 100 7.11 0.79 4.08
N TYR A 101 8.35 1.23 3.84
CA TYR A 101 8.59 2.32 2.91
C TYR A 101 8.96 1.80 1.53
N GLU A 102 8.90 2.67 0.53
CA GLU A 102 9.22 2.30 -0.84
C GLU A 102 9.53 3.53 -1.69
N SER A 103 9.93 3.30 -2.93
CA SER A 103 10.26 4.39 -3.84
C SER A 103 9.66 4.15 -5.23
N ALA A 104 9.26 5.23 -5.89
CA ALA A 104 8.67 5.14 -7.22
C ALA A 104 8.68 6.48 -7.93
N THR A 105 9.57 6.63 -8.90
CA THR A 105 9.69 7.87 -9.66
C THR A 105 8.84 7.82 -10.92
N THR A 106 7.77 8.62 -10.94
CA THR A 106 6.88 8.67 -12.09
C THR A 106 7.67 8.68 -13.40
N ARG A 107 6.99 8.36 -14.49
CA ARG A 107 7.62 8.32 -15.81
C ARG A 107 7.76 9.73 -16.38
N SER A 108 8.29 9.83 -17.60
CA SER A 108 8.47 11.11 -18.25
C SER A 108 7.55 11.24 -19.46
N ILE A 109 6.80 12.34 -19.51
CA ILE A 109 5.87 12.58 -20.62
C ILE A 109 6.63 12.86 -21.91
N THR A 110 6.36 12.03 -22.92
CA THR A 110 7.02 12.18 -24.21
C THR A 110 6.04 12.71 -25.27
N SER A 111 6.53 13.59 -26.13
CA SER A 111 5.71 14.18 -27.18
C SER A 111 6.29 13.88 -28.56
N GLY A 112 5.85 12.78 -29.15
CA GLY A 112 6.33 12.40 -30.46
C GLY A 112 5.45 11.37 -31.14
N PRO A 113 5.69 10.09 -30.84
CA PRO A 113 4.92 8.98 -31.42
C PRO A 113 3.49 8.93 -30.88
N SER A 114 3.19 9.84 -29.95
CA SER A 114 1.86 9.90 -29.36
C SER A 114 0.84 10.42 -30.37
N SER A 115 0.15 9.51 -31.05
CA SER A 115 -0.85 9.88 -32.03
C SER A 115 -2.04 8.93 -31.99
N GLY A 116 -3.24 9.48 -31.96
CA GLY A 116 -4.44 8.67 -31.93
C GLY A 116 -5.42 9.03 -33.03
N GLY A 1 -13.31 -11.86 -5.45
CA GLY A 1 -13.12 -13.13 -4.76
C GLY A 1 -14.40 -13.60 -4.08
N SER A 2 -14.62 -14.92 -4.08
CA SER A 2 -15.81 -15.48 -3.46
C SER A 2 -15.42 -16.39 -2.29
N SER A 3 -14.46 -15.94 -1.49
CA SER A 3 -13.98 -16.70 -0.35
C SER A 3 -14.27 -15.95 0.95
N GLY A 4 -14.16 -16.66 2.08
CA GLY A 4 -14.40 -16.04 3.36
C GLY A 4 -15.52 -16.72 4.13
N SER A 5 -15.47 -16.63 5.45
CA SER A 5 -16.49 -17.24 6.31
C SER A 5 -16.94 -16.28 7.39
N SER A 6 -18.06 -15.58 7.13
CA SER A 6 -18.59 -14.62 8.09
C SER A 6 -17.48 -13.85 8.78
N GLY A 7 -16.43 -13.55 8.03
CA GLY A 7 -15.30 -12.82 8.59
C GLY A 7 -14.06 -13.67 8.73
N PRO A 8 -12.93 -13.20 8.17
CA PRO A 8 -11.67 -13.92 8.22
C PRO A 8 -11.07 -13.94 9.63
N GLU A 9 -11.75 -13.28 10.57
CA GLU A 9 -11.29 -13.24 11.95
C GLU A 9 -11.64 -14.52 12.68
N ASN A 10 -10.61 -15.31 12.99
CA ASN A 10 -10.81 -16.58 13.70
C ASN A 10 -9.48 -17.16 14.16
N ASP A 11 -9.23 -17.09 15.46
CA ASP A 11 -7.99 -17.61 16.03
C ASP A 11 -6.79 -16.75 15.61
N LEU A 12 -6.94 -15.43 15.72
CA LEU A 12 -5.88 -14.52 15.35
C LEU A 12 -5.44 -13.67 16.55
N ASP A 13 -4.47 -12.79 16.32
CA ASP A 13 -3.97 -11.93 17.38
C ASP A 13 -4.21 -10.46 17.05
N GLU A 14 -5.19 -9.86 17.71
CA GLU A 14 -5.53 -8.46 17.48
C GLU A 14 -4.78 -7.56 18.47
N SER A 15 -4.56 -8.06 19.68
CA SER A 15 -3.86 -7.29 20.71
C SER A 15 -2.56 -6.71 20.15
N GLN A 16 -2.01 -7.37 19.14
CA GLN A 16 -0.77 -6.91 18.52
C GLN A 16 -1.01 -6.40 17.11
N VAL A 17 -0.31 -5.34 16.73
CA VAL A 17 -0.45 -4.75 15.40
C VAL A 17 0.09 -5.70 14.33
N PRO A 18 -0.48 -5.59 13.12
CA PRO A 18 -0.09 -6.42 11.98
C PRO A 18 1.30 -6.07 11.46
N ASP A 19 2.06 -7.09 11.08
CA ASP A 19 3.41 -6.89 10.57
C ASP A 19 3.37 -6.38 9.13
N GLN A 20 4.51 -5.90 8.65
CA GLN A 20 4.62 -5.37 7.29
C GLN A 20 4.40 -6.49 6.26
N PRO A 21 4.00 -6.10 5.05
CA PRO A 21 3.75 -7.03 3.95
C PRO A 21 5.03 -7.69 3.44
N SER A 22 5.04 -9.02 3.42
CA SER A 22 6.20 -9.75 2.95
C SER A 22 6.94 -8.99 1.86
N SER A 23 6.18 -8.37 0.97
CA SER A 23 6.76 -7.60 -0.14
C SER A 23 5.77 -6.58 -0.67
N LEU A 24 6.28 -5.44 -1.12
CA LEU A 24 5.43 -4.38 -1.66
C LEU A 24 5.99 -3.86 -2.97
N HIS A 25 5.41 -4.31 -4.08
CA HIS A 25 5.84 -3.88 -5.40
C HIS A 25 5.19 -2.56 -5.79
N VAL A 26 6.00 -1.64 -6.28
CA VAL A 26 5.49 -0.33 -6.69
C VAL A 26 6.07 0.09 -8.04
N ARG A 27 5.18 0.34 -9.00
CA ARG A 27 5.60 0.74 -10.34
C ARG A 27 5.13 2.15 -10.66
N PRO A 28 6.06 3.11 -10.63
CA PRO A 28 5.76 4.52 -10.91
C PRO A 28 5.43 4.76 -12.39
N GLN A 29 4.13 4.70 -12.70
CA GLN A 29 3.69 4.92 -14.07
C GLN A 29 3.87 6.37 -14.49
N THR A 30 3.39 6.70 -15.69
CA THR A 30 3.49 8.06 -16.21
C THR A 30 2.81 9.06 -15.28
N ASN A 31 1.48 9.01 -15.25
CA ASN A 31 0.70 9.90 -14.41
C ASN A 31 0.02 9.14 -13.28
N CYS A 32 0.53 7.96 -12.98
CA CYS A 32 -0.04 7.12 -11.93
C CYS A 32 1.03 6.23 -11.31
N ILE A 33 0.66 5.49 -10.26
CA ILE A 33 1.59 4.61 -9.58
C ILE A 33 0.85 3.44 -8.93
N ILE A 34 0.96 2.26 -9.53
CA ILE A 34 0.31 1.07 -9.02
C ILE A 34 1.21 0.35 -8.01
N MET A 35 0.62 -0.12 -6.91
CA MET A 35 1.36 -0.83 -5.88
C MET A 35 0.64 -2.11 -5.49
N SER A 36 1.40 -3.20 -5.38
CA SER A 36 0.83 -4.48 -5.00
C SER A 36 1.60 -5.10 -3.84
N TRP A 37 0.94 -5.22 -2.70
CA TRP A 37 1.57 -5.79 -1.51
C TRP A 37 0.91 -7.11 -1.12
N THR A 38 1.47 -7.79 -0.13
CA THR A 38 0.94 -9.06 0.33
C THR A 38 0.68 -9.04 1.84
N PRO A 39 -0.11 -10.00 2.32
CA PRO A 39 -0.44 -10.12 3.75
C PRO A 39 0.75 -10.55 4.58
N PRO A 40 0.61 -10.48 5.91
CA PRO A 40 1.66 -10.87 6.85
C PRO A 40 1.91 -12.37 6.87
N LEU A 41 3.18 -12.75 6.86
CA LEU A 41 3.55 -14.17 6.87
C LEU A 41 2.86 -14.90 8.01
N ASN A 42 2.32 -14.14 8.96
CA ASN A 42 1.63 -14.72 10.10
C ASN A 42 0.11 -14.59 9.95
N PRO A 43 -0.52 -15.66 9.47
CA PRO A 43 -1.98 -15.68 9.26
C PRO A 43 -2.75 -15.70 10.57
N ASN A 44 -2.02 -15.68 11.69
CA ASN A 44 -2.64 -15.68 13.01
C ASN A 44 -2.80 -14.27 13.53
N ILE A 45 -2.57 -13.29 12.66
CA ILE A 45 -2.69 -11.89 13.04
C ILE A 45 -3.89 -11.24 12.37
N VAL A 46 -4.57 -10.36 13.11
CA VAL A 46 -5.75 -9.67 12.58
C VAL A 46 -5.34 -8.50 11.69
N VAL A 47 -6.05 -8.34 10.57
CA VAL A 47 -5.76 -7.26 9.64
C VAL A 47 -7.04 -6.55 9.20
N ARG A 48 -7.21 -5.32 9.67
CA ARG A 48 -8.39 -4.53 9.33
C ARG A 48 -8.16 -3.69 8.08
N GLY A 49 -6.90 -3.62 7.66
CA GLY A 49 -6.56 -2.86 6.47
C GLY A 49 -5.14 -2.34 6.50
N TYR A 50 -4.78 -1.53 5.51
CA TYR A 50 -3.44 -0.97 5.42
C TYR A 50 -3.49 0.54 5.17
N ILE A 51 -2.37 1.21 5.42
CA ILE A 51 -2.28 2.65 5.20
C ILE A 51 -1.33 2.98 4.07
N ILE A 52 -1.87 3.59 3.01
CA ILE A 52 -1.06 3.95 1.86
C ILE A 52 -0.62 5.42 1.94
N GLY A 53 0.63 5.62 2.34
CA GLY A 53 1.15 6.97 2.46
C GLY A 53 2.10 7.33 1.33
N TYR A 54 1.56 7.99 0.30
CA TYR A 54 2.37 8.38 -0.85
C TYR A 54 2.47 9.91 -0.95
N GLY A 55 3.54 10.38 -1.58
CA GLY A 55 3.73 11.82 -1.72
C GLY A 55 5.02 12.14 -2.45
N VAL A 56 5.03 13.25 -3.18
CA VAL A 56 6.21 13.68 -3.92
C VAL A 56 7.32 14.12 -2.98
N GLY A 57 8.31 13.25 -2.79
CA GLY A 57 9.42 13.56 -1.91
C GLY A 57 9.23 13.00 -0.52
N SER A 58 7.98 12.95 -0.07
CA SER A 58 7.66 12.45 1.26
C SER A 58 6.37 11.64 1.24
N PRO A 59 6.42 10.43 1.81
CA PRO A 59 5.25 9.53 1.87
C PRO A 59 4.18 10.04 2.83
N TYR A 60 4.28 11.32 3.19
CA TYR A 60 3.31 11.92 4.10
C TYR A 60 2.52 13.03 3.40
N ALA A 61 2.47 12.96 2.06
CA ALA A 61 1.75 13.94 1.27
C ALA A 61 0.30 13.52 1.08
N GLU A 62 0.06 12.22 0.99
CA GLU A 62 -1.28 11.68 0.79
C GLU A 62 -1.41 10.30 1.41
N THR A 63 -2.35 10.17 2.36
CA THR A 63 -2.57 8.90 3.03
C THR A 63 -3.93 8.31 2.67
N VAL A 64 -3.99 6.99 2.53
CA VAL A 64 -5.23 6.31 2.19
C VAL A 64 -5.32 4.95 2.88
N ARG A 65 -6.27 4.83 3.80
CA ARG A 65 -6.47 3.59 4.53
C ARG A 65 -7.42 2.66 3.78
N VAL A 66 -6.87 1.57 3.24
CA VAL A 66 -7.66 0.61 2.50
C VAL A 66 -8.04 -0.58 3.38
N ASP A 67 -8.93 -1.42 2.88
CA ASP A 67 -9.38 -2.60 3.61
C ASP A 67 -8.33 -3.70 3.57
N SER A 68 -8.46 -4.68 4.46
CA SER A 68 -7.51 -5.79 4.53
C SER A 68 -7.67 -6.71 3.32
N LYS A 69 -8.56 -6.34 2.41
CA LYS A 69 -8.80 -7.13 1.20
C LYS A 69 -8.02 -6.57 0.02
N GLN A 70 -7.86 -5.25 -0.02
CA GLN A 70 -7.12 -4.61 -1.09
C GLN A 70 -5.68 -5.08 -1.13
N ARG A 71 -5.32 -5.79 -2.20
CA ARG A 71 -3.97 -6.31 -2.35
C ARG A 71 -3.13 -5.39 -3.23
N TYR A 72 -3.75 -4.32 -3.70
CA TYR A 72 -3.06 -3.36 -4.56
C TYR A 72 -3.87 -2.08 -4.72
N TYR A 73 -3.18 -0.96 -4.92
CA TYR A 73 -3.85 0.32 -5.08
C TYR A 73 -3.19 1.14 -6.19
N SER A 74 -3.99 1.57 -7.16
CA SER A 74 -3.49 2.35 -8.28
C SER A 74 -3.63 3.85 -8.00
N ILE A 75 -2.50 4.50 -7.73
CA ILE A 75 -2.51 5.93 -7.46
C ILE A 75 -2.45 6.75 -8.74
N GLU A 76 -3.57 7.37 -9.08
CA GLU A 76 -3.64 8.19 -10.30
C GLU A 76 -3.67 9.67 -9.95
N ARG A 77 -3.75 10.50 -10.98
CA ARG A 77 -3.77 11.96 -10.78
C ARG A 77 -2.46 12.45 -10.21
N LEU A 78 -1.35 11.94 -10.75
CA LEU A 78 -0.02 12.33 -10.29
C LEU A 78 0.78 12.99 -11.41
N GLU A 79 1.93 13.54 -11.07
CA GLU A 79 2.79 14.20 -12.04
C GLU A 79 3.75 13.21 -12.69
N SER A 80 4.50 13.68 -13.68
CA SER A 80 5.46 12.83 -14.38
C SER A 80 6.89 13.34 -14.18
N SER A 81 7.82 12.40 -14.04
CA SER A 81 9.22 12.76 -13.84
C SER A 81 9.45 13.30 -12.43
N SER A 82 8.94 12.58 -11.44
CA SER A 82 9.08 13.00 -10.05
C SER A 82 9.14 11.79 -9.12
N HIS A 83 9.87 11.93 -8.02
CA HIS A 83 10.01 10.85 -7.05
C HIS A 83 8.79 10.79 -6.13
N TYR A 84 8.18 9.62 -6.05
CA TYR A 84 7.00 9.42 -5.21
C TYR A 84 7.24 8.34 -4.17
N VAL A 85 7.51 8.76 -2.94
CA VAL A 85 7.75 7.83 -1.85
C VAL A 85 6.47 7.16 -1.38
N ILE A 86 6.43 5.85 -1.49
CA ILE A 86 5.25 5.08 -1.07
C ILE A 86 5.52 4.30 0.20
N SER A 87 4.72 4.54 1.23
CA SER A 87 4.87 3.85 2.51
C SER A 87 3.60 3.09 2.88
N LEU A 88 3.63 1.79 2.70
CA LEU A 88 2.48 0.94 3.02
C LEU A 88 2.71 0.16 4.31
N LYS A 89 1.67 0.08 5.13
CA LYS A 89 1.76 -0.64 6.40
C LYS A 89 0.40 -1.21 6.80
N ALA A 90 0.42 -2.26 7.61
CA ALA A 90 -0.81 -2.90 8.07
C ALA A 90 -1.33 -2.23 9.34
N PHE A 91 -2.65 -2.19 9.48
CA PHE A 91 -3.28 -1.58 10.64
C PHE A 91 -4.47 -2.41 11.13
N ASN A 92 -4.84 -2.23 12.38
CA ASN A 92 -5.95 -2.96 12.97
C ASN A 92 -6.43 -2.30 14.27
N ASN A 93 -7.38 -2.94 14.93
CA ASN A 93 -7.92 -2.41 16.18
C ASN A 93 -6.79 -2.09 17.16
N ALA A 94 -5.66 -2.77 17.00
CA ALA A 94 -4.52 -2.56 17.87
C ALA A 94 -3.71 -1.33 17.44
N GLY A 95 -3.81 -0.98 16.16
CA GLY A 95 -3.10 0.17 15.65
C GLY A 95 -2.33 -0.14 14.39
N GLU A 96 -1.13 0.44 14.27
CA GLU A 96 -0.30 0.22 13.10
C GLU A 96 0.97 -0.55 13.47
N GLY A 97 1.47 -1.35 12.53
CA GLY A 97 2.67 -2.13 12.78
C GLY A 97 3.83 -1.70 11.91
N VAL A 98 4.97 -2.35 12.09
CA VAL A 98 6.17 -2.02 11.31
C VAL A 98 5.80 -1.53 9.92
N PRO A 99 5.88 -0.22 9.71
CA PRO A 99 5.57 0.41 8.42
C PRO A 99 6.60 0.07 7.35
N LEU A 100 6.11 -0.21 6.14
CA LEU A 100 6.99 -0.53 5.03
C LEU A 100 7.09 0.63 4.05
N TYR A 101 8.32 1.07 3.79
CA TYR A 101 8.55 2.18 2.87
C TYR A 101 8.91 1.66 1.48
N GLU A 102 8.84 2.55 0.48
CA GLU A 102 9.15 2.18 -0.89
C GLU A 102 9.46 3.42 -1.72
N SER A 103 9.91 3.21 -2.96
CA SER A 103 10.24 4.30 -3.86
C SER A 103 9.65 4.07 -5.24
N ALA A 104 9.15 5.14 -5.85
CA ALA A 104 8.56 5.06 -7.18
C ALA A 104 8.63 6.40 -7.90
N THR A 105 9.53 6.51 -8.87
CA THR A 105 9.69 7.73 -9.63
C THR A 105 8.87 7.70 -10.91
N THR A 106 7.77 8.46 -10.93
CA THR A 106 6.90 8.52 -12.09
C THR A 106 7.71 8.60 -13.38
N ARG A 107 7.12 8.15 -14.48
CA ARG A 107 7.78 8.17 -15.78
C ARG A 107 7.74 9.56 -16.39
N SER A 108 8.47 9.74 -17.48
CA SER A 108 8.53 11.03 -18.16
C SER A 108 7.59 11.06 -19.35
N ILE A 109 6.83 12.15 -19.48
CA ILE A 109 5.89 12.30 -20.58
C ILE A 109 6.56 12.03 -21.92
N THR A 110 7.78 12.56 -22.08
CA THR A 110 8.53 12.38 -23.31
C THR A 110 9.14 10.98 -23.39
N SER A 111 8.29 9.99 -23.64
CA SER A 111 8.75 8.61 -23.73
C SER A 111 9.56 8.38 -25.00
N GLY A 112 10.88 8.50 -24.88
CA GLY A 112 11.75 8.31 -26.02
C GLY A 112 11.24 7.24 -26.96
N PRO A 113 11.40 7.48 -28.28
CA PRO A 113 10.96 6.54 -29.31
C PRO A 113 11.81 5.27 -29.35
N SER A 114 13.00 5.35 -28.76
CA SER A 114 13.91 4.22 -28.73
C SER A 114 14.02 3.56 -30.10
N SER A 115 14.02 4.38 -31.15
CA SER A 115 14.10 3.88 -32.51
C SER A 115 15.56 3.70 -32.93
N GLY A 116 15.78 2.91 -33.98
CA GLY A 116 17.12 2.67 -34.47
C GLY A 116 17.57 1.24 -34.27
N GLY A 1 -24.20 -0.57 3.18
CA GLY A 1 -24.01 -2.00 2.97
C GLY A 1 -22.86 -2.55 3.80
N SER A 2 -22.90 -3.86 4.04
CA SER A 2 -21.87 -4.52 4.82
C SER A 2 -21.66 -5.96 4.34
N SER A 3 -20.39 -6.37 4.28
CA SER A 3 -20.05 -7.72 3.84
C SER A 3 -20.20 -8.72 4.98
N GLY A 4 -20.41 -9.99 4.63
CA GLY A 4 -20.57 -11.02 5.63
C GLY A 4 -19.47 -10.98 6.67
N SER A 5 -19.86 -10.70 7.92
CA SER A 5 -18.89 -10.64 9.01
C SER A 5 -18.40 -12.02 9.39
N SER A 6 -19.32 -12.88 9.80
CA SER A 6 -18.98 -14.25 10.20
C SER A 6 -17.72 -14.26 11.06
N GLY A 7 -17.61 -13.27 11.95
CA GLY A 7 -16.46 -13.19 12.83
C GLY A 7 -15.18 -13.66 12.16
N PRO A 8 -14.51 -12.75 11.44
CA PRO A 8 -13.26 -13.05 10.73
C PRO A 8 -12.10 -13.31 11.69
N GLU A 9 -12.37 -13.17 12.99
CA GLU A 9 -11.35 -13.37 14.00
C GLU A 9 -11.36 -14.82 14.49
N ASN A 10 -10.49 -15.65 13.92
CA ASN A 10 -10.40 -17.05 14.29
C ASN A 10 -8.98 -17.42 14.68
N ASP A 11 -8.76 -17.68 15.98
CA ASP A 11 -7.45 -18.04 16.48
C ASP A 11 -6.39 -17.06 15.98
N LEU A 12 -6.67 -15.77 16.11
CA LEU A 12 -5.74 -14.74 15.68
C LEU A 12 -5.33 -13.84 16.85
N ASP A 13 -4.43 -12.91 16.58
CA ASP A 13 -3.96 -11.99 17.61
C ASP A 13 -4.18 -10.53 17.18
N GLU A 14 -5.27 -9.95 17.65
CA GLU A 14 -5.59 -8.57 17.31
C GLU A 14 -4.91 -7.59 18.28
N SER A 15 -4.82 -8.01 19.54
CA SER A 15 -4.19 -7.18 20.57
C SER A 15 -2.89 -6.58 20.07
N GLN A 16 -2.29 -7.24 19.07
CA GLN A 16 -1.03 -6.77 18.50
C GLN A 16 -1.23 -6.23 17.09
N VAL A 17 -0.47 -5.20 16.72
CA VAL A 17 -0.57 -4.60 15.40
C VAL A 17 -0.01 -5.53 14.33
N PRO A 18 -0.60 -5.47 13.13
CA PRO A 18 -0.17 -6.29 12.00
C PRO A 18 1.20 -5.89 11.46
N ASP A 19 2.05 -6.88 11.24
CA ASP A 19 3.39 -6.63 10.73
C ASP A 19 3.35 -6.17 9.28
N GLN A 20 4.45 -5.62 8.80
CA GLN A 20 4.53 -5.13 7.42
C GLN A 20 4.31 -6.27 6.43
N PRO A 21 3.91 -5.92 5.20
CA PRO A 21 3.65 -6.89 4.14
C PRO A 21 4.92 -7.55 3.63
N SER A 22 4.97 -8.88 3.70
CA SER A 22 6.13 -9.63 3.25
C SER A 22 6.86 -8.89 2.14
N SER A 23 6.09 -8.31 1.22
CA SER A 23 6.67 -7.56 0.10
C SER A 23 5.67 -6.54 -0.43
N LEU A 24 6.20 -5.47 -1.02
CA LEU A 24 5.37 -4.40 -1.56
C LEU A 24 5.88 -3.96 -2.93
N HIS A 25 5.15 -4.32 -3.98
CA HIS A 25 5.53 -3.95 -5.34
C HIS A 25 4.93 -2.61 -5.72
N VAL A 26 5.72 -1.79 -6.41
CA VAL A 26 5.28 -0.47 -6.84
C VAL A 26 5.79 -0.14 -8.23
N ARG A 27 4.92 0.42 -9.07
CA ARG A 27 5.29 0.77 -10.43
C ARG A 27 4.91 2.22 -10.74
N PRO A 28 5.93 3.11 -10.75
CA PRO A 28 5.73 4.53 -11.01
C PRO A 28 5.34 4.80 -12.47
N GLN A 29 4.07 5.07 -12.70
CA GLN A 29 3.56 5.34 -14.04
C GLN A 29 3.69 6.83 -14.38
N THR A 30 3.20 7.20 -15.55
CA THR A 30 3.25 8.59 -15.99
C THR A 30 2.64 9.52 -14.95
N ASN A 31 1.32 9.41 -14.76
CA ASN A 31 0.63 10.24 -13.79
C ASN A 31 0.01 9.38 -12.69
N CYS A 32 0.22 8.08 -12.77
CA CYS A 32 -0.30 7.14 -11.78
C CYS A 32 0.80 6.24 -11.24
N ILE A 33 0.45 5.45 -10.23
CA ILE A 33 1.42 4.54 -9.62
C ILE A 33 0.71 3.37 -8.94
N ILE A 34 0.77 2.20 -9.56
CA ILE A 34 0.14 1.01 -9.02
C ILE A 34 1.07 0.29 -8.04
N MET A 35 0.51 -0.16 -6.93
CA MET A 35 1.27 -0.86 -5.91
C MET A 35 0.55 -2.11 -5.43
N SER A 36 1.27 -3.23 -5.36
CA SER A 36 0.68 -4.48 -4.92
C SER A 36 1.49 -5.09 -3.78
N TRP A 37 0.87 -5.20 -2.61
CA TRP A 37 1.53 -5.76 -1.44
C TRP A 37 0.94 -7.12 -1.07
N THR A 38 1.39 -7.67 0.04
CA THR A 38 0.90 -8.96 0.51
C THR A 38 0.69 -8.97 2.02
N PRO A 39 -0.05 -9.97 2.51
CA PRO A 39 -0.34 -10.11 3.94
C PRO A 39 0.90 -10.50 4.75
N PRO A 40 0.79 -10.40 6.08
CA PRO A 40 1.89 -10.73 6.99
C PRO A 40 2.18 -12.23 7.03
N LEU A 41 3.45 -12.59 7.13
CA LEU A 41 3.86 -13.99 7.17
C LEU A 41 3.14 -14.72 8.31
N ASN A 42 2.54 -13.95 9.21
CA ASN A 42 1.83 -14.54 10.34
C ASN A 42 0.32 -14.45 10.13
N PRO A 43 -0.28 -15.54 9.64
CA PRO A 43 -1.71 -15.61 9.39
C PRO A 43 -2.54 -15.63 10.68
N ASN A 44 -1.84 -15.64 11.81
CA ASN A 44 -2.50 -15.65 13.11
C ASN A 44 -2.73 -14.24 13.63
N ILE A 45 -2.51 -13.26 12.76
CA ILE A 45 -2.69 -11.86 13.12
C ILE A 45 -3.87 -11.24 12.38
N VAL A 46 -4.65 -10.43 13.09
CA VAL A 46 -5.82 -9.78 12.50
C VAL A 46 -5.40 -8.57 11.67
N VAL A 47 -6.02 -8.42 10.51
CA VAL A 47 -5.72 -7.30 9.62
C VAL A 47 -6.99 -6.59 9.18
N ARG A 48 -7.11 -5.32 9.57
CA ARG A 48 -8.29 -4.53 9.22
C ARG A 48 -8.08 -3.80 7.89
N GLY A 49 -6.81 -3.68 7.49
CA GLY A 49 -6.50 -3.00 6.25
C GLY A 49 -5.03 -2.62 6.15
N TYR A 50 -4.73 -1.61 5.35
CA TYR A 50 -3.36 -1.15 5.17
C TYR A 50 -3.33 0.33 4.79
N ILE A 51 -2.53 1.10 5.51
CA ILE A 51 -2.39 2.53 5.24
C ILE A 51 -1.36 2.79 4.15
N ILE A 52 -1.76 3.55 3.13
CA ILE A 52 -0.87 3.88 2.03
C ILE A 52 -0.42 5.34 2.09
N GLY A 53 0.81 5.56 2.53
CA GLY A 53 1.33 6.92 2.64
C GLY A 53 2.25 7.27 1.49
N TYR A 54 1.70 7.96 0.49
CA TYR A 54 2.48 8.36 -0.68
C TYR A 54 2.56 9.87 -0.79
N GLY A 55 3.56 10.35 -1.52
CA GLY A 55 3.73 11.79 -1.69
C GLY A 55 5.03 12.14 -2.39
N VAL A 56 5.02 13.24 -3.12
CA VAL A 56 6.21 13.68 -3.85
C VAL A 56 7.36 13.97 -2.89
N GLY A 57 8.39 13.12 -2.95
CA GLY A 57 9.54 13.29 -2.09
C GLY A 57 9.29 12.77 -0.68
N SER A 58 8.10 13.03 -0.17
CA SER A 58 7.74 12.58 1.17
C SER A 58 6.44 11.78 1.16
N PRO A 59 6.48 10.57 1.74
CA PRO A 59 5.32 9.69 1.80
C PRO A 59 4.24 10.20 2.74
N TYR A 60 4.36 11.47 3.13
CA TYR A 60 3.39 12.10 4.03
C TYR A 60 2.54 13.12 3.28
N ALA A 61 2.72 13.19 1.97
CA ALA A 61 1.97 14.12 1.14
C ALA A 61 0.55 13.62 0.89
N GLU A 62 0.38 12.31 0.91
CA GLU A 62 -0.93 11.70 0.67
C GLU A 62 -1.06 10.38 1.44
N THR A 63 -2.17 10.24 2.16
CA THR A 63 -2.41 9.02 2.93
C THR A 63 -3.73 8.37 2.53
N VAL A 64 -3.70 7.06 2.31
CA VAL A 64 -4.89 6.32 1.91
C VAL A 64 -4.84 4.88 2.44
N ARG A 65 -5.72 4.59 3.39
CA ARG A 65 -5.77 3.24 3.97
C ARG A 65 -6.94 2.46 3.40
N VAL A 66 -6.64 1.24 2.92
CA VAL A 66 -7.66 0.38 2.35
C VAL A 66 -8.08 -0.72 3.32
N ASP A 67 -8.92 -1.63 2.84
CA ASP A 67 -9.38 -2.73 3.68
C ASP A 67 -8.37 -3.87 3.69
N SER A 68 -8.64 -4.89 4.50
CA SER A 68 -7.75 -6.05 4.61
C SER A 68 -7.90 -6.96 3.40
N LYS A 69 -8.63 -6.49 2.39
CA LYS A 69 -8.85 -7.27 1.18
C LYS A 69 -8.00 -6.75 0.03
N GLN A 70 -8.05 -5.44 -0.19
CA GLN A 70 -7.28 -4.82 -1.26
C GLN A 70 -5.82 -5.26 -1.21
N ARG A 71 -5.38 -5.94 -2.26
CA ARG A 71 -4.01 -6.42 -2.33
C ARG A 71 -3.14 -5.47 -3.16
N TYR A 72 -3.76 -4.41 -3.66
CA TYR A 72 -3.05 -3.42 -4.47
C TYR A 72 -3.85 -2.13 -4.60
N TYR A 73 -3.15 -1.02 -4.69
CA TYR A 73 -3.80 0.29 -4.82
C TYR A 73 -3.19 1.09 -5.96
N SER A 74 -4.03 1.59 -6.85
CA SER A 74 -3.58 2.38 -7.98
C SER A 74 -3.69 3.87 -7.69
N ILE A 75 -2.54 4.49 -7.41
CA ILE A 75 -2.51 5.92 -7.11
C ILE A 75 -2.57 6.75 -8.39
N GLU A 76 -3.53 7.67 -8.44
CA GLU A 76 -3.71 8.53 -9.60
C GLU A 76 -3.71 10.00 -9.20
N ARG A 77 -3.82 10.88 -10.19
CA ARG A 77 -3.82 12.32 -9.93
C ARG A 77 -2.45 12.79 -9.47
N LEU A 78 -1.40 12.33 -10.13
CA LEU A 78 -0.04 12.71 -9.79
C LEU A 78 0.64 13.43 -10.96
N GLU A 79 1.89 13.82 -10.75
CA GLU A 79 2.65 14.53 -11.78
C GLU A 79 3.58 13.57 -12.51
N SER A 80 4.38 14.11 -13.42
CA SER A 80 5.32 13.30 -14.19
C SER A 80 6.76 13.74 -13.93
N SER A 81 7.67 12.78 -13.96
CA SER A 81 9.09 13.07 -13.73
C SER A 81 9.31 13.59 -12.31
N SER A 82 8.85 12.83 -11.33
CA SER A 82 8.98 13.21 -9.93
C SER A 82 9.03 11.98 -9.03
N HIS A 83 9.91 12.02 -8.03
CA HIS A 83 10.06 10.91 -7.10
C HIS A 83 8.87 10.85 -6.15
N TYR A 84 8.20 9.70 -6.11
CA TYR A 84 7.04 9.51 -5.25
C TYR A 84 7.32 8.43 -4.20
N VAL A 85 7.55 8.87 -2.96
CA VAL A 85 7.82 7.95 -1.87
C VAL A 85 6.55 7.27 -1.38
N ILE A 86 6.50 5.96 -1.52
CA ILE A 86 5.33 5.19 -1.09
C ILE A 86 5.63 4.38 0.17
N SER A 87 4.78 4.53 1.18
CA SER A 87 4.95 3.83 2.44
C SER A 87 3.65 3.13 2.86
N LEU A 88 3.61 1.82 2.66
CA LEU A 88 2.43 1.03 3.01
C LEU A 88 2.66 0.26 4.31
N LYS A 89 1.60 0.16 5.12
CA LYS A 89 1.68 -0.56 6.39
C LYS A 89 0.33 -1.17 6.76
N ALA A 90 0.36 -2.12 7.68
CA ALA A 90 -0.87 -2.79 8.12
C ALA A 90 -1.43 -2.12 9.37
N PHE A 91 -2.74 -2.23 9.55
CA PHE A 91 -3.41 -1.64 10.70
C PHE A 91 -4.55 -2.51 11.17
N ASN A 92 -4.95 -2.33 12.44
CA ASN A 92 -6.04 -3.12 13.01
C ASN A 92 -6.56 -2.45 14.28
N ASN A 93 -7.50 -3.12 14.95
CA ASN A 93 -8.09 -2.59 16.17
C ASN A 93 -7.00 -2.21 17.18
N ALA A 94 -5.79 -2.73 16.96
CA ALA A 94 -4.67 -2.44 17.83
C ALA A 94 -3.95 -1.17 17.41
N GLY A 95 -4.03 -0.86 16.11
CA GLY A 95 -3.38 0.32 15.59
C GLY A 95 -2.61 0.06 14.31
N GLU A 96 -1.36 0.50 14.28
CA GLU A 96 -0.52 0.30 13.10
C GLU A 96 0.77 -0.44 13.46
N GLY A 97 1.29 -1.22 12.53
CA GLY A 97 2.51 -1.96 12.77
C GLY A 97 3.67 -1.48 11.93
N VAL A 98 4.84 -2.08 12.12
CA VAL A 98 6.02 -1.70 11.38
C VAL A 98 5.68 -1.26 9.97
N PRO A 99 5.75 0.07 9.73
CA PRO A 99 5.43 0.65 8.42
C PRO A 99 6.48 0.30 7.36
N LEU A 100 6.01 0.02 6.15
CA LEU A 100 6.91 -0.33 5.06
C LEU A 100 7.05 0.84 4.07
N TYR A 101 8.28 1.27 3.84
CA TYR A 101 8.55 2.38 2.93
C TYR A 101 8.96 1.85 1.56
N GLU A 102 8.89 2.73 0.56
CA GLU A 102 9.26 2.36 -0.81
C GLU A 102 9.53 3.60 -1.66
N SER A 103 9.98 3.38 -2.88
CA SER A 103 10.27 4.48 -3.79
C SER A 103 9.70 4.21 -5.18
N ALA A 104 9.29 5.27 -5.86
CA ALA A 104 8.73 5.15 -7.20
C ALA A 104 8.72 6.48 -7.92
N THR A 105 9.55 6.60 -8.96
CA THR A 105 9.64 7.84 -9.73
C THR A 105 8.78 7.77 -10.98
N THR A 106 7.69 8.51 -10.99
CA THR A 106 6.77 8.54 -12.13
C THR A 106 7.54 8.66 -13.44
N ARG A 107 6.83 8.52 -14.55
CA ARG A 107 7.45 8.62 -15.87
C ARG A 107 7.33 10.03 -16.42
N SER A 108 7.82 10.24 -17.64
CA SER A 108 7.77 11.54 -18.29
C SER A 108 6.66 11.59 -19.33
N ILE A 109 6.08 12.78 -19.50
CA ILE A 109 5.01 12.97 -20.46
C ILE A 109 5.51 12.78 -21.89
N THR A 110 4.74 12.05 -22.69
CA THR A 110 5.11 11.80 -24.09
C THR A 110 4.15 12.50 -25.04
N SER A 111 2.86 12.23 -24.88
CA SER A 111 1.84 12.84 -25.74
C SER A 111 2.12 14.33 -25.95
N GLY A 112 2.49 14.68 -27.18
CA GLY A 112 2.78 16.06 -27.49
C GLY A 112 3.95 16.21 -28.45
N PRO A 113 5.16 16.39 -27.90
CA PRO A 113 6.37 16.54 -28.70
C PRO A 113 6.78 15.25 -29.40
N SER A 114 6.33 14.12 -28.85
CA SER A 114 6.65 12.83 -29.42
C SER A 114 6.61 12.88 -30.95
N SER A 115 7.69 12.44 -31.57
CA SER A 115 7.79 12.44 -33.03
C SER A 115 8.15 11.05 -33.55
N GLY A 116 7.12 10.23 -33.78
CA GLY A 116 7.36 8.88 -34.27
C GLY A 116 6.25 8.41 -35.21
N GLY A 1 -27.17 -15.63 -0.82
CA GLY A 1 -27.13 -14.94 -2.09
C GLY A 1 -26.08 -13.84 -2.12
N SER A 2 -26.47 -12.65 -1.65
CA SER A 2 -25.56 -11.51 -1.63
C SER A 2 -25.72 -10.72 -0.34
N SER A 3 -24.74 -9.88 -0.04
CA SER A 3 -24.77 -9.07 1.17
C SER A 3 -24.58 -9.93 2.42
N GLY A 4 -23.67 -10.90 2.34
CA GLY A 4 -23.42 -11.77 3.46
C GLY A 4 -22.41 -11.19 4.43
N SER A 5 -22.45 -11.67 5.67
CA SER A 5 -21.53 -11.18 6.70
C SER A 5 -20.31 -12.11 6.82
N SER A 6 -19.22 -11.72 6.18
CA SER A 6 -18.00 -12.51 6.21
C SER A 6 -17.12 -12.11 7.41
N GLY A 7 -16.57 -13.12 8.08
CA GLY A 7 -15.72 -12.86 9.23
C GLY A 7 -14.56 -13.81 9.32
N PRO A 8 -13.47 -13.49 8.62
CA PRO A 8 -12.25 -14.32 8.60
C PRO A 8 -11.52 -14.29 9.94
N GLU A 9 -12.06 -13.53 10.89
CA GLU A 9 -11.46 -13.42 12.21
C GLU A 9 -11.80 -14.64 13.07
N ASN A 10 -10.82 -15.52 13.28
CA ASN A 10 -11.01 -16.72 14.07
C ASN A 10 -9.68 -17.34 14.47
N ASP A 11 -9.34 -17.25 15.76
CA ASP A 11 -8.10 -17.79 16.26
C ASP A 11 -6.90 -16.95 15.81
N LEU A 12 -7.10 -15.63 15.78
CA LEU A 12 -6.04 -14.72 15.37
C LEU A 12 -5.64 -13.81 16.51
N ASP A 13 -4.67 -12.92 16.24
CA ASP A 13 -4.20 -11.99 17.26
C ASP A 13 -4.53 -10.55 16.86
N GLU A 14 -5.59 -10.01 17.46
CA GLU A 14 -6.01 -8.64 17.16
C GLU A 14 -5.40 -7.66 18.17
N SER A 15 -5.03 -8.18 19.33
CA SER A 15 -4.44 -7.34 20.38
C SER A 15 -3.08 -6.80 19.95
N GLN A 16 -2.56 -7.34 18.86
CA GLN A 16 -1.27 -6.91 18.33
C GLN A 16 -1.40 -6.41 16.89
N VAL A 17 -0.64 -5.38 16.56
CA VAL A 17 -0.67 -4.81 15.21
C VAL A 17 -0.21 -5.83 14.18
N PRO A 18 -0.81 -5.76 12.98
CA PRO A 18 -0.49 -6.67 11.87
C PRO A 18 0.90 -6.41 11.30
N ASP A 19 1.73 -7.45 11.26
CA ASP A 19 3.08 -7.32 10.73
C ASP A 19 3.08 -6.61 9.39
N GLN A 20 4.26 -6.39 8.83
CA GLN A 20 4.40 -5.71 7.55
C GLN A 20 4.25 -6.70 6.39
N PRO A 21 3.97 -6.17 5.19
CA PRO A 21 3.81 -6.98 3.99
C PRO A 21 5.12 -7.60 3.52
N SER A 22 5.18 -8.93 3.53
CA SER A 22 6.38 -9.65 3.10
C SER A 22 7.09 -8.90 1.98
N SER A 23 6.30 -8.25 1.12
CA SER A 23 6.85 -7.50 0.00
C SER A 23 5.84 -6.48 -0.53
N LEU A 24 6.34 -5.38 -1.06
CA LEU A 24 5.47 -4.33 -1.60
C LEU A 24 5.96 -3.89 -2.98
N HIS A 25 5.26 -4.35 -4.02
CA HIS A 25 5.61 -3.98 -5.39
C HIS A 25 5.01 -2.64 -5.78
N VAL A 26 5.82 -1.80 -6.42
CA VAL A 26 5.36 -0.48 -6.85
C VAL A 26 5.93 -0.12 -8.22
N ARG A 27 5.07 0.40 -9.09
CA ARG A 27 5.49 0.78 -10.43
C ARG A 27 5.04 2.20 -10.75
N PRO A 28 5.99 3.14 -10.74
CA PRO A 28 5.72 4.55 -11.03
C PRO A 28 5.36 4.79 -12.50
N GLN A 29 4.09 5.08 -12.75
CA GLN A 29 3.62 5.33 -14.10
C GLN A 29 3.70 6.81 -14.45
N THR A 30 3.27 7.15 -15.67
CA THR A 30 3.30 8.54 -16.12
C THR A 30 2.58 9.45 -15.13
N ASN A 31 1.27 9.30 -15.03
CA ASN A 31 0.46 10.11 -14.12
C ASN A 31 -0.20 9.23 -13.06
N CYS A 32 0.32 8.02 -12.90
CA CYS A 32 -0.23 7.09 -11.91
C CYS A 32 0.87 6.21 -11.34
N ILE A 33 0.52 5.41 -10.33
CA ILE A 33 1.48 4.51 -9.69
C ILE A 33 0.77 3.35 -9.01
N ILE A 34 0.86 2.18 -9.62
CA ILE A 34 0.23 0.98 -9.06
C ILE A 34 1.14 0.29 -8.06
N MET A 35 0.58 -0.08 -6.92
CA MET A 35 1.34 -0.75 -5.87
C MET A 35 0.62 -2.01 -5.39
N SER A 36 1.32 -3.14 -5.46
CA SER A 36 0.75 -4.41 -5.03
C SER A 36 1.57 -5.03 -3.91
N TRP A 37 0.99 -5.07 -2.71
CA TRP A 37 1.68 -5.63 -1.55
C TRP A 37 1.08 -6.99 -1.19
N THR A 38 1.58 -7.58 -0.10
CA THR A 38 1.10 -8.87 0.35
C THR A 38 0.81 -8.86 1.85
N PRO A 39 0.03 -9.84 2.32
CA PRO A 39 -0.33 -9.96 3.73
C PRO A 39 0.84 -10.36 4.60
N PRO A 40 0.66 -10.29 5.93
CA PRO A 40 1.70 -10.64 6.89
C PRO A 40 1.99 -12.14 6.93
N LEU A 41 3.27 -12.48 6.98
CA LEU A 41 3.68 -13.89 7.00
C LEU A 41 2.98 -14.64 8.13
N ASN A 42 2.37 -13.89 9.04
CA ASN A 42 1.66 -14.48 10.17
C ASN A 42 0.16 -14.41 9.96
N PRO A 43 -0.42 -15.49 9.41
CA PRO A 43 -1.86 -15.58 9.14
C PRO A 43 -2.68 -15.68 10.42
N ASN A 44 -1.99 -15.69 11.56
CA ASN A 44 -2.66 -15.78 12.85
C ASN A 44 -2.91 -14.40 13.43
N ILE A 45 -2.67 -13.37 12.63
CA ILE A 45 -2.87 -11.99 13.07
C ILE A 45 -4.07 -11.37 12.36
N VAL A 46 -4.68 -10.38 13.01
CA VAL A 46 -5.84 -9.69 12.44
C VAL A 46 -5.42 -8.46 11.65
N VAL A 47 -6.07 -8.27 10.50
CA VAL A 47 -5.75 -7.13 9.65
C VAL A 47 -7.02 -6.40 9.21
N ARG A 48 -7.09 -5.12 9.52
CA ARG A 48 -8.26 -4.31 9.18
C ARG A 48 -8.00 -3.50 7.91
N GLY A 49 -6.74 -3.52 7.44
CA GLY A 49 -6.39 -2.79 6.24
C GLY A 49 -4.95 -2.31 6.26
N TYR A 50 -4.61 -1.44 5.32
CA TYR A 50 -3.26 -0.90 5.23
C TYR A 50 -3.29 0.59 4.94
N ILE A 51 -2.34 1.33 5.52
CA ILE A 51 -2.24 2.76 5.31
C ILE A 51 -1.26 3.11 4.20
N ILE A 52 -1.80 3.57 3.07
CA ILE A 52 -0.96 3.93 1.93
C ILE A 52 -0.53 5.39 2.01
N GLY A 53 0.70 5.62 2.46
CA GLY A 53 1.22 6.97 2.57
C GLY A 53 2.16 7.32 1.45
N TYR A 54 1.62 7.98 0.41
CA TYR A 54 2.43 8.37 -0.73
C TYR A 54 2.56 9.89 -0.81
N GLY A 55 3.62 10.36 -1.46
CA GLY A 55 3.85 11.79 -1.58
C GLY A 55 5.19 12.11 -2.21
N VAL A 56 5.23 13.18 -2.99
CA VAL A 56 6.46 13.60 -3.66
C VAL A 56 7.52 14.01 -2.64
N GLY A 57 8.63 13.27 -2.61
CA GLY A 57 9.70 13.58 -1.68
C GLY A 57 9.45 13.02 -0.29
N SER A 58 8.17 12.92 0.08
CA SER A 58 7.79 12.40 1.39
C SER A 58 6.49 11.63 1.31
N PRO A 59 6.50 10.40 1.83
CA PRO A 59 5.32 9.51 1.83
C PRO A 59 4.24 10.01 2.78
N TYR A 60 4.37 11.26 3.22
CA TYR A 60 3.40 11.84 4.14
C TYR A 60 2.61 12.96 3.45
N ALA A 61 2.58 12.92 2.13
CA ALA A 61 1.86 13.93 1.36
C ALA A 61 0.41 13.51 1.12
N GLU A 62 0.18 12.20 1.01
CA GLU A 62 -1.16 11.67 0.79
C GLU A 62 -1.31 10.29 1.42
N THR A 63 -2.31 10.15 2.27
CA THR A 63 -2.57 8.88 2.95
C THR A 63 -3.89 8.27 2.48
N VAL A 64 -3.93 6.94 2.42
CA VAL A 64 -5.13 6.23 1.99
C VAL A 64 -5.27 4.90 2.72
N ARG A 65 -6.28 4.79 3.57
CA ARG A 65 -6.53 3.57 4.32
C ARG A 65 -7.51 2.66 3.60
N VAL A 66 -7.03 1.52 3.12
CA VAL A 66 -7.88 0.57 2.42
C VAL A 66 -8.28 -0.60 3.32
N ASP A 67 -9.01 -1.55 2.76
CA ASP A 67 -9.46 -2.71 3.51
C ASP A 67 -8.38 -3.81 3.50
N SER A 68 -8.49 -4.72 4.46
CA SER A 68 -7.53 -5.81 4.57
C SER A 68 -7.65 -6.77 3.39
N LYS A 69 -8.57 -6.47 2.48
CA LYS A 69 -8.79 -7.29 1.30
C LYS A 69 -8.02 -6.75 0.11
N GLN A 70 -7.75 -5.45 0.11
CA GLN A 70 -7.02 -4.82 -0.97
C GLN A 70 -5.57 -5.25 -0.97
N ARG A 71 -5.16 -5.94 -2.04
CA ARG A 71 -3.79 -6.42 -2.17
C ARG A 71 -2.95 -5.47 -3.03
N TYR A 72 -3.60 -4.44 -3.54
CA TYR A 72 -2.93 -3.46 -4.39
C TYR A 72 -3.77 -2.19 -4.54
N TYR A 73 -3.10 -1.08 -4.83
CA TYR A 73 -3.79 0.20 -4.99
C TYR A 73 -3.17 1.00 -6.15
N SER A 74 -4.03 1.47 -7.04
CA SER A 74 -3.59 2.25 -8.19
C SER A 74 -3.71 3.74 -7.93
N ILE A 75 -2.59 4.39 -7.60
CA ILE A 75 -2.57 5.81 -7.32
C ILE A 75 -2.58 6.62 -8.62
N GLU A 76 -3.69 7.29 -8.89
CA GLU A 76 -3.82 8.11 -10.09
C GLU A 76 -3.85 9.59 -9.75
N ARG A 77 -3.97 10.43 -10.76
CA ARG A 77 -4.01 11.87 -10.56
C ARG A 77 -2.67 12.38 -10.04
N LEU A 78 -1.58 11.83 -10.56
CA LEU A 78 -0.24 12.23 -10.13
C LEU A 78 0.51 12.91 -11.27
N GLU A 79 1.61 13.58 -10.93
CA GLU A 79 2.42 14.28 -11.92
C GLU A 79 3.42 13.33 -12.58
N SER A 80 4.27 13.88 -13.43
CA SER A 80 5.27 13.08 -14.12
C SER A 80 6.68 13.63 -13.87
N SER A 81 7.68 12.76 -14.02
CA SER A 81 9.07 13.16 -13.80
C SER A 81 9.27 13.68 -12.37
N SER A 82 8.83 12.89 -11.39
CA SER A 82 8.95 13.28 -10.00
C SER A 82 8.97 12.06 -9.09
N HIS A 83 9.85 12.07 -8.09
CA HIS A 83 9.97 10.96 -7.16
C HIS A 83 8.75 10.89 -6.23
N TYR A 84 8.20 9.70 -6.07
CA TYR A 84 7.03 9.51 -5.21
C TYR A 84 7.28 8.41 -4.19
N VAL A 85 7.54 8.82 -2.95
CA VAL A 85 7.80 7.87 -1.87
C VAL A 85 6.52 7.20 -1.40
N ILE A 86 6.47 5.88 -1.48
CA ILE A 86 5.30 5.12 -1.07
C ILE A 86 5.59 4.32 0.20
N SER A 87 4.74 4.50 1.21
CA SER A 87 4.90 3.80 2.48
C SER A 87 3.62 3.08 2.86
N LEU A 88 3.67 1.75 2.84
CA LEU A 88 2.51 0.93 3.18
C LEU A 88 2.72 0.21 4.51
N LYS A 89 1.67 0.14 5.32
CA LYS A 89 1.74 -0.52 6.61
C LYS A 89 0.39 -1.11 7.00
N ALA A 90 0.41 -2.23 7.70
CA ALA A 90 -0.81 -2.89 8.14
C ALA A 90 -1.35 -2.26 9.41
N PHE A 91 -2.68 -2.18 9.53
CA PHE A 91 -3.31 -1.61 10.70
C PHE A 91 -4.50 -2.45 11.15
N ASN A 92 -4.92 -2.25 12.40
CA ASN A 92 -6.05 -2.99 12.94
C ASN A 92 -6.55 -2.35 14.23
N ASN A 93 -7.52 -2.99 14.87
CA ASN A 93 -8.08 -2.48 16.12
C ASN A 93 -6.99 -2.20 17.14
N ALA A 94 -5.79 -2.74 16.89
CA ALA A 94 -4.67 -2.55 17.79
C ALA A 94 -3.89 -1.30 17.43
N GLY A 95 -3.91 -0.93 16.15
CA GLY A 95 -3.21 0.25 15.70
C GLY A 95 -2.46 0.03 14.40
N GLU A 96 -1.17 0.38 14.39
CA GLU A 96 -0.35 0.21 13.20
C GLU A 96 0.87 -0.66 13.51
N GLY A 97 1.30 -1.44 12.52
CA GLY A 97 2.45 -2.30 12.70
C GLY A 97 3.69 -1.75 12.03
N VAL A 98 4.63 -2.64 11.71
CA VAL A 98 5.87 -2.25 11.06
C VAL A 98 5.59 -1.56 9.73
N PRO A 99 5.87 -0.25 9.66
CA PRO A 99 5.66 0.54 8.45
C PRO A 99 6.65 0.19 7.34
N LEU A 100 6.13 -0.10 6.16
CA LEU A 100 6.96 -0.47 5.02
C LEU A 100 7.07 0.70 4.04
N TYR A 101 8.30 1.12 3.76
CA TYR A 101 8.53 2.23 2.85
C TYR A 101 8.92 1.70 1.46
N GLU A 102 8.88 2.59 0.46
CA GLU A 102 9.22 2.22 -0.90
C GLU A 102 9.51 3.46 -1.74
N SER A 103 9.93 3.24 -2.98
CA SER A 103 10.25 4.34 -3.89
C SER A 103 9.64 4.09 -5.27
N ALA A 104 9.22 5.18 -5.91
CA ALA A 104 8.62 5.08 -7.24
C ALA A 104 8.62 6.44 -7.94
N THR A 105 9.50 6.60 -8.92
CA THR A 105 9.59 7.85 -9.66
C THR A 105 8.75 7.81 -10.94
N THR A 106 7.67 8.58 -10.95
CA THR A 106 6.79 8.62 -12.11
C THR A 106 7.58 8.72 -13.40
N ARG A 107 6.88 8.61 -14.53
CA ARG A 107 7.52 8.69 -15.84
C ARG A 107 7.47 10.10 -16.38
N SER A 108 8.13 10.33 -17.52
CA SER A 108 8.16 11.65 -18.14
C SER A 108 7.47 11.62 -19.50
N ILE A 109 6.33 12.30 -19.59
CA ILE A 109 5.58 12.35 -20.83
C ILE A 109 6.50 12.37 -22.05
N THR A 110 7.59 13.13 -21.94
CA THR A 110 8.56 13.24 -23.02
C THR A 110 8.76 11.89 -23.72
N SER A 111 8.88 11.93 -25.04
CA SER A 111 9.07 10.72 -25.82
C SER A 111 10.39 10.06 -25.49
N GLY A 112 11.48 10.82 -25.60
CA GLY A 112 12.79 10.29 -25.30
C GLY A 112 13.17 9.13 -26.20
N PRO A 113 14.28 8.46 -25.88
CA PRO A 113 14.77 7.32 -26.66
C PRO A 113 13.88 6.10 -26.52
N SER A 114 12.82 6.23 -25.72
CA SER A 114 11.88 5.13 -25.51
C SER A 114 11.59 4.40 -26.81
N SER A 115 11.35 5.15 -27.87
CA SER A 115 11.05 4.58 -29.17
C SER A 115 11.84 3.28 -29.39
N GLY A 116 11.20 2.31 -30.04
CA GLY A 116 11.86 1.04 -30.29
C GLY A 116 11.03 -0.14 -29.84
#